data_8OQG
# 
_entry.id   8OQG 
# 
_audit_conform.dict_name       mmcif_pdbx.dic 
_audit_conform.dict_version    5.398 
_audit_conform.dict_location   http://mmcif.pdb.org/dictionaries/ascii/mmcif_pdbx.dic 
# 
loop_
_database_2.database_id 
_database_2.database_code 
_database_2.pdbx_database_accession 
_database_2.pdbx_DOI 
PDB   8OQG         pdb_00008oqg 10.2210/pdb8oqg/pdb 
WWPDB D_1292129195 ?            ?                   
# 
loop_
_pdbx_audit_revision_history.ordinal 
_pdbx_audit_revision_history.data_content_type 
_pdbx_audit_revision_history.major_revision 
_pdbx_audit_revision_history.minor_revision 
_pdbx_audit_revision_history.revision_date 
1 'Structure model' 1 0 2023-06-14 
2 'Structure model' 1 1 2024-11-06 
# 
_pdbx_audit_revision_details.ordinal             1 
_pdbx_audit_revision_details.revision_ordinal    1 
_pdbx_audit_revision_details.data_content_type   'Structure model' 
_pdbx_audit_revision_details.provider            repository 
_pdbx_audit_revision_details.type                'Initial release' 
_pdbx_audit_revision_details.description         ? 
_pdbx_audit_revision_details.details             ? 
# 
loop_
_pdbx_audit_revision_group.ordinal 
_pdbx_audit_revision_group.revision_ordinal 
_pdbx_audit_revision_group.data_content_type 
_pdbx_audit_revision_group.group 
1 2 'Structure model' 'Data collection'   
2 2 'Structure model' 'Structure summary' 
# 
loop_
_pdbx_audit_revision_category.ordinal 
_pdbx_audit_revision_category.revision_ordinal 
_pdbx_audit_revision_category.data_content_type 
_pdbx_audit_revision_category.category 
1 2 'Structure model' chem_comp_atom            
2 2 'Structure model' chem_comp_bond            
3 2 'Structure model' pdbx_entry_details        
4 2 'Structure model' pdbx_modification_feature 
# 
_pdbx_audit_revision_item.ordinal             1 
_pdbx_audit_revision_item.revision_ordinal    2 
_pdbx_audit_revision_item.data_content_type   'Structure model' 
_pdbx_audit_revision_item.item                '_pdbx_entry_details.has_protein_modification' 
# 
_pdbx_database_status.status_code                     REL 
_pdbx_database_status.status_code_sf                  REL 
_pdbx_database_status.status_code_mr                  ? 
_pdbx_database_status.entry_id                        8OQG 
_pdbx_database_status.recvd_initial_deposition_date   2023-04-12 
_pdbx_database_status.SG_entry                        N 
_pdbx_database_status.deposit_site                    PDBE 
_pdbx_database_status.process_site                    PDBE 
_pdbx_database_status.status_code_cs                  ? 
_pdbx_database_status.status_code_nmr_data            ? 
_pdbx_database_status.methods_development_category    ? 
_pdbx_database_status.pdb_format_compatible           Y 
# 
_pdbx_contact_author.id                 3 
_pdbx_contact_author.email              domenico.loreto@unina.it 
_pdbx_contact_author.name_first         Domenico 
_pdbx_contact_author.name_last          Loreto 
_pdbx_contact_author.name_mi            ? 
_pdbx_contact_author.role               'principal investigator/group leader' 
_pdbx_contact_author.identifier_ORCID   0000-0003-4897-8211 
# 
loop_
_audit_author.name 
_audit_author.pdbx_ordinal 
_audit_author.identifier_ORCID 
'Loreto, D.'  1 0000-0003-4897-8211 
'Merlino, A.' 2 0000-0003-4964-1047 
'Maity, B.'   3 0000-0001-9347-881X 
'Ueno, T.'    4 0000-0001-9219-0726 
# 
_citation.abstract                  ? 
_citation.abstract_id_CAS           ? 
_citation.book_id_ISBN              ? 
_citation.book_publisher            ? 
_citation.book_publisher_city       ? 
_citation.book_title                ? 
_citation.coordinate_linkage        ? 
_citation.country                   US 
_citation.database_id_Medline       ? 
_citation.details                   ? 
_citation.id                        primary 
_citation.journal_abbrev            Inorg.Chem. 
_citation.journal_id_ASTM           INOCAJ 
_citation.journal_id_CSD            0009 
_citation.journal_id_ISSN           0020-1669 
_citation.journal_full              ? 
_citation.journal_issue             ? 
_citation.journal_volume            62 
_citation.language                  ? 
_citation.page_first                7515 
_citation.page_last                 7524 
_citation.title                     
'Cross-Linked Crystals of Dirhodium Tetraacetate/RNase A Adduct Can Be Used as Heterogeneous Catalysts.' 
_citation.year                      2023 
_citation.database_id_CSD           ? 
_citation.pdbx_database_id_DOI      10.1021/acs.inorgchem.3c00852 
_citation.pdbx_database_id_PubMed   37144589 
_citation.pdbx_database_id_patent   ? 
_citation.unpublished_flag          ? 
# 
loop_
_citation_author.citation_id 
_citation_author.name 
_citation_author.ordinal 
_citation_author.identifier_ORCID 
primary 'Loreto, D.'   1 ?                   
primary 'Maity, B.'    2 ?                   
primary 'Morita, T.'   3 ?                   
primary 'Nakamura, H.' 4 0000-0002-4511-2984 
primary 'Merlino, A.'  5 0000-0002-1045-7720 
primary 'Ueno, T.'     6 0000-0001-9219-0726 
# 
loop_
_entity.id 
_entity.type 
_entity.src_method 
_entity.pdbx_description 
_entity.formula_weight 
_entity.pdbx_number_of_molecules 
_entity.pdbx_ec 
_entity.pdbx_mutation 
_entity.pdbx_fragment 
_entity.details 
1 polymer     nat 'Ribonuclease pancreatic'     13708.326 1   4.6.1.18 ? ? ? 
2 non-polymer syn 'dirhodium (II) tetraacetate' 446.019   1   ?        ? ? ? 
3 non-polymer syn 'dirhodium (II) oxide'        341.870   1   ?        ? ? ? 
4 non-polymer syn 'FORMIC ACID'                 46.025    1   ?        ? ? ? 
5 non-polymer syn 'CHLORIDE ION'                35.453    1   ?        ? ? ? 
6 water       nat water                         18.015    127 ?        ? ? ? 
# 
_entity_name_com.entity_id   1 
_entity_name_com.name        'RNase 1,RNase A' 
# 
_entity_poly.entity_id                      1 
_entity_poly.type                           'polypeptide(L)' 
_entity_poly.nstd_linkage                   no 
_entity_poly.nstd_monomer                   no 
_entity_poly.pdbx_seq_one_letter_code       
;KETAAAKFERQHMDSSTSAASSSNYCNQMMKSRNLTKDRCKPVNTFVHESLADVQAVCSQKNVACKNGQTNCYQSYSTMS
ITDCRETGSSKYPNCAYKTTQANKHIIVACEGNPYVPVHFDASV
;
_entity_poly.pdbx_seq_one_letter_code_can   
;KETAAAKFERQHMDSSTSAASSSNYCNQMMKSRNLTKDRCKPVNTFVHESLADVQAVCSQKNVACKNGQTNCYQSYSTMS
ITDCRETGSSKYPNCAYKTTQANKHIIVACEGNPYVPVHFDASV
;
_entity_poly.pdbx_strand_id                 A 
_entity_poly.pdbx_target_identifier         ? 
# 
loop_
_pdbx_entity_nonpoly.entity_id 
_pdbx_entity_nonpoly.name 
_pdbx_entity_nonpoly.comp_id 
2 'dirhodium (II) tetraacetate' VVU 
3 'dirhodium (II) oxide'        VW5 
4 'FORMIC ACID'                 FMT 
5 'CHLORIDE ION'                CL  
6 water                         HOH 
# 
loop_
_entity_poly_seq.entity_id 
_entity_poly_seq.num 
_entity_poly_seq.mon_id 
_entity_poly_seq.hetero 
1 1   LYS n 
1 2   GLU n 
1 3   THR n 
1 4   ALA n 
1 5   ALA n 
1 6   ALA n 
1 7   LYS n 
1 8   PHE n 
1 9   GLU n 
1 10  ARG n 
1 11  GLN n 
1 12  HIS n 
1 13  MET n 
1 14  ASP n 
1 15  SER n 
1 16  SER n 
1 17  THR n 
1 18  SER n 
1 19  ALA n 
1 20  ALA n 
1 21  SER n 
1 22  SER n 
1 23  SER n 
1 24  ASN n 
1 25  TYR n 
1 26  CYS n 
1 27  ASN n 
1 28  GLN n 
1 29  MET n 
1 30  MET n 
1 31  LYS n 
1 32  SER n 
1 33  ARG n 
1 34  ASN n 
1 35  LEU n 
1 36  THR n 
1 37  LYS n 
1 38  ASP n 
1 39  ARG n 
1 40  CYS n 
1 41  LYS n 
1 42  PRO n 
1 43  VAL n 
1 44  ASN n 
1 45  THR n 
1 46  PHE n 
1 47  VAL n 
1 48  HIS n 
1 49  GLU n 
1 50  SER n 
1 51  LEU n 
1 52  ALA n 
1 53  ASP n 
1 54  VAL n 
1 55  GLN n 
1 56  ALA n 
1 57  VAL n 
1 58  CYS n 
1 59  SER n 
1 60  GLN n 
1 61  LYS n 
1 62  ASN n 
1 63  VAL n 
1 64  ALA n 
1 65  CYS n 
1 66  LYS n 
1 67  ASN n 
1 68  GLY n 
1 69  GLN n 
1 70  THR n 
1 71  ASN n 
1 72  CYS n 
1 73  TYR n 
1 74  GLN n 
1 75  SER n 
1 76  TYR n 
1 77  SER n 
1 78  THR n 
1 79  MET n 
1 80  SER n 
1 81  ILE n 
1 82  THR n 
1 83  ASP n 
1 84  CYS n 
1 85  ARG n 
1 86  GLU n 
1 87  THR n 
1 88  GLY n 
1 89  SER n 
1 90  SER n 
1 91  LYS n 
1 92  TYR n 
1 93  PRO n 
1 94  ASN n 
1 95  CYS n 
1 96  ALA n 
1 97  TYR n 
1 98  LYS n 
1 99  THR n 
1 100 THR n 
1 101 GLN n 
1 102 ALA n 
1 103 ASN n 
1 104 LYS n 
1 105 HIS n 
1 106 ILE n 
1 107 ILE n 
1 108 VAL n 
1 109 ALA n 
1 110 CYS n 
1 111 GLU n 
1 112 GLY n 
1 113 ASN n 
1 114 PRO n 
1 115 TYR n 
1 116 VAL n 
1 117 PRO n 
1 118 VAL n 
1 119 HIS n 
1 120 PHE n 
1 121 ASP n 
1 122 ALA n 
1 123 SER n 
1 124 VAL n 
# 
_entity_src_nat.entity_id                  1 
_entity_src_nat.pdbx_src_id                1 
_entity_src_nat.pdbx_alt_source_flag       sample 
_entity_src_nat.pdbx_beg_seq_num           ? 
_entity_src_nat.pdbx_end_seq_num           ? 
_entity_src_nat.common_name                cattle 
_entity_src_nat.pdbx_organism_scientific   'Bos taurus' 
_entity_src_nat.pdbx_ncbi_taxonomy_id      9913 
_entity_src_nat.genus                      ? 
_entity_src_nat.species                    ? 
_entity_src_nat.strain                     ? 
_entity_src_nat.tissue                     ? 
_entity_src_nat.tissue_fraction            ? 
_entity_src_nat.pdbx_secretion             ? 
_entity_src_nat.pdbx_fragment              ? 
_entity_src_nat.pdbx_variant               ? 
_entity_src_nat.pdbx_cell_line             ? 
_entity_src_nat.pdbx_atcc                  ? 
_entity_src_nat.pdbx_cellular_location     ? 
_entity_src_nat.pdbx_organ                 ? 
_entity_src_nat.pdbx_organelle             ? 
_entity_src_nat.pdbx_cell                  ? 
_entity_src_nat.pdbx_plasmid_name          ? 
_entity_src_nat.pdbx_plasmid_details       ? 
_entity_src_nat.details                    ? 
# 
loop_
_chem_comp.id 
_chem_comp.type 
_chem_comp.mon_nstd_flag 
_chem_comp.name 
_chem_comp.pdbx_synonyms 
_chem_comp.formula 
_chem_comp.formula_weight 
ALA 'L-peptide linking' y ALANINE                       ?                     'C3 H7 N O2'      89.093  
ARG 'L-peptide linking' y ARGININE                      ?                     'C6 H15 N4 O2 1'  175.209 
ASN 'L-peptide linking' y ASPARAGINE                    ?                     'C4 H8 N2 O3'     132.118 
ASP 'L-peptide linking' y 'ASPARTIC ACID'               ?                     'C4 H7 N O4'      133.103 
CL  non-polymer         . 'CHLORIDE ION'                ?                     'Cl -1'           35.453  
CYS 'L-peptide linking' y CYSTEINE                      ?                     'C3 H7 N O2 S'    121.158 
FMT non-polymer         . 'FORMIC ACID'                 ?                     'C H2 O2'         46.025  
GLN 'L-peptide linking' y GLUTAMINE                     ?                     'C5 H10 N2 O3'    146.144 
GLU 'L-peptide linking' y 'GLUTAMIC ACID'               ?                     'C5 H9 N O4'      147.129 
GLY 'peptide linking'   y GLYCINE                       ?                     'C2 H5 N O2'      75.067  
HIS 'L-peptide linking' y HISTIDINE                     ?                     'C6 H10 N3 O2 1'  156.162 
HOH non-polymer         . WATER                         ?                     'H2 O'            18.015  
ILE 'L-peptide linking' y ISOLEUCINE                    ?                     'C6 H13 N O2'     131.173 
LEU 'L-peptide linking' y LEUCINE                       ?                     'C6 H13 N O2'     131.173 
LYS 'L-peptide linking' y LYSINE                        ?                     'C6 H15 N2 O2 1'  147.195 
MET 'L-peptide linking' y METHIONINE                    ?                     'C5 H11 N O2 S'   149.211 
PHE 'L-peptide linking' y PHENYLALANINE                 ?                     'C9 H11 N O2'     165.189 
PRO 'L-peptide linking' y PROLINE                       ?                     'C5 H9 N O2'      115.130 
SER 'L-peptide linking' y SERINE                        ?                     'C3 H7 N O3'      105.093 
THR 'L-peptide linking' y THREONINE                     ?                     'C4 H9 N O3'      119.119 
TYR 'L-peptide linking' y TYROSINE                      ?                     'C9 H11 N O3'     181.189 
VAL 'L-peptide linking' y VALINE                        ?                     'C5 H11 N O2'     117.146 
VVU non-polymer         . 'dirhodium (II) tetraacetate' 'Rhodium(II) acetate' 'C8 H16 O8 Rh2 4' 446.019 
VW5 non-polymer         . 'dirhodium (II) oxide'        ?                     'H8 O8 Rh2 4'     341.870 
# 
loop_
_pdbx_poly_seq_scheme.asym_id 
_pdbx_poly_seq_scheme.entity_id 
_pdbx_poly_seq_scheme.seq_id 
_pdbx_poly_seq_scheme.mon_id 
_pdbx_poly_seq_scheme.ndb_seq_num 
_pdbx_poly_seq_scheme.pdb_seq_num 
_pdbx_poly_seq_scheme.auth_seq_num 
_pdbx_poly_seq_scheme.pdb_mon_id 
_pdbx_poly_seq_scheme.auth_mon_id 
_pdbx_poly_seq_scheme.pdb_strand_id 
_pdbx_poly_seq_scheme.pdb_ins_code 
_pdbx_poly_seq_scheme.hetero 
A 1 1   LYS 1   1   1   LYS LYS A . n 
A 1 2   GLU 2   2   2   GLU GLU A . n 
A 1 3   THR 3   3   3   THR THR A . n 
A 1 4   ALA 4   4   4   ALA ALA A . n 
A 1 5   ALA 5   5   5   ALA ALA A . n 
A 1 6   ALA 6   6   6   ALA ALA A . n 
A 1 7   LYS 7   7   7   LYS LYS A . n 
A 1 8   PHE 8   8   8   PHE PHE A . n 
A 1 9   GLU 9   9   9   GLU GLU A . n 
A 1 10  ARG 10  10  10  ARG ARG A . n 
A 1 11  GLN 11  11  11  GLN GLN A . n 
A 1 12  HIS 12  12  12  HIS HIS A . n 
A 1 13  MET 13  13  13  MET MET A . n 
A 1 14  ASP 14  14  14  ASP ASP A . n 
A 1 15  SER 15  15  15  SER SER A . n 
A 1 16  SER 16  16  16  SER SER A . n 
A 1 17  THR 17  17  17  THR THR A . n 
A 1 18  SER 18  18  18  SER SER A . n 
A 1 19  ALA 19  19  19  ALA ALA A . n 
A 1 20  ALA 20  20  20  ALA ALA A . n 
A 1 21  SER 21  21  21  SER SER A . n 
A 1 22  SER 22  22  22  SER SER A . n 
A 1 23  SER 23  23  23  SER SER A . n 
A 1 24  ASN 24  24  24  ASN ASN A . n 
A 1 25  TYR 25  25  25  TYR TYR A . n 
A 1 26  CYS 26  26  26  CYS CYS A . n 
A 1 27  ASN 27  27  27  ASN ASN A . n 
A 1 28  GLN 28  28  28  GLN GLN A . n 
A 1 29  MET 29  29  29  MET MET A . n 
A 1 30  MET 30  30  30  MET MET A . n 
A 1 31  LYS 31  31  31  LYS LYS A . n 
A 1 32  SER 32  32  32  SER SER A . n 
A 1 33  ARG 33  33  33  ARG ARG A . n 
A 1 34  ASN 34  34  34  ASN ASN A . n 
A 1 35  LEU 35  35  35  LEU LEU A . n 
A 1 36  THR 36  36  36  THR THR A . n 
A 1 37  LYS 37  37  37  LYS LYS A . n 
A 1 38  ASP 38  38  38  ASP ASP A . n 
A 1 39  ARG 39  39  39  ARG ARG A . n 
A 1 40  CYS 40  40  40  CYS CYS A . n 
A 1 41  LYS 41  41  41  LYS LYS A . n 
A 1 42  PRO 42  42  42  PRO PRO A . n 
A 1 43  VAL 43  43  43  VAL VAL A . n 
A 1 44  ASN 44  44  44  ASN ASN A . n 
A 1 45  THR 45  45  45  THR THR A . n 
A 1 46  PHE 46  46  46  PHE PHE A . n 
A 1 47  VAL 47  47  47  VAL VAL A . n 
A 1 48  HIS 48  48  48  HIS HIS A . n 
A 1 49  GLU 49  49  49  GLU GLU A . n 
A 1 50  SER 50  50  50  SER SER A . n 
A 1 51  LEU 51  51  51  LEU LEU A . n 
A 1 52  ALA 52  52  52  ALA ALA A . n 
A 1 53  ASP 53  53  53  ASP ASP A . n 
A 1 54  VAL 54  54  54  VAL VAL A . n 
A 1 55  GLN 55  55  55  GLN GLN A . n 
A 1 56  ALA 56  56  56  ALA ALA A . n 
A 1 57  VAL 57  57  57  VAL VAL A . n 
A 1 58  CYS 58  58  58  CYS CYS A . n 
A 1 59  SER 59  59  59  SER SER A . n 
A 1 60  GLN 60  60  60  GLN GLN A . n 
A 1 61  LYS 61  61  61  LYS LYS A . n 
A 1 62  ASN 62  62  62  ASN ASN A . n 
A 1 63  VAL 63  63  63  VAL VAL A . n 
A 1 64  ALA 64  64  64  ALA ALA A . n 
A 1 65  CYS 65  65  65  CYS CYS A . n 
A 1 66  LYS 66  66  66  LYS LYS A . n 
A 1 67  ASN 67  67  67  ASN ASN A . n 
A 1 68  GLY 68  68  68  GLY GLY A . n 
A 1 69  GLN 69  69  69  GLN GLN A . n 
A 1 70  THR 70  70  70  THR THR A . n 
A 1 71  ASN 71  71  71  ASN ASN A . n 
A 1 72  CYS 72  72  72  CYS CYS A . n 
A 1 73  TYR 73  73  73  TYR TYR A . n 
A 1 74  GLN 74  74  74  GLN GLN A . n 
A 1 75  SER 75  75  75  SER SER A . n 
A 1 76  TYR 76  76  76  TYR TYR A . n 
A 1 77  SER 77  77  77  SER SER A . n 
A 1 78  THR 78  78  78  THR THR A . n 
A 1 79  MET 79  79  79  MET MET A . n 
A 1 80  SER 80  80  80  SER SER A . n 
A 1 81  ILE 81  81  81  ILE ILE A . n 
A 1 82  THR 82  82  82  THR THR A . n 
A 1 83  ASP 83  83  83  ASP ASP A . n 
A 1 84  CYS 84  84  84  CYS CYS A . n 
A 1 85  ARG 85  85  85  ARG ARG A . n 
A 1 86  GLU 86  86  86  GLU GLU A . n 
A 1 87  THR 87  87  87  THR THR A . n 
A 1 88  GLY 88  88  88  GLY GLY A . n 
A 1 89  SER 89  89  89  SER SER A . n 
A 1 90  SER 90  90  90  SER SER A . n 
A 1 91  LYS 91  91  91  LYS LYS A . n 
A 1 92  TYR 92  92  92  TYR TYR A . n 
A 1 93  PRO 93  93  93  PRO PRO A . n 
A 1 94  ASN 94  94  94  ASN ASN A . n 
A 1 95  CYS 95  95  95  CYS CYS A . n 
A 1 96  ALA 96  96  96  ALA ALA A . n 
A 1 97  TYR 97  97  97  TYR TYR A . n 
A 1 98  LYS 98  98  98  LYS LYS A . n 
A 1 99  THR 99  99  99  THR THR A . n 
A 1 100 THR 100 100 100 THR THR A . n 
A 1 101 GLN 101 101 101 GLN GLN A . n 
A 1 102 ALA 102 102 102 ALA ALA A . n 
A 1 103 ASN 103 103 103 ASN ASN A . n 
A 1 104 LYS 104 104 104 LYS LYS A . n 
A 1 105 HIS 105 105 105 HIS HIS A . n 
A 1 106 ILE 106 106 106 ILE ILE A . n 
A 1 107 ILE 107 107 107 ILE ILE A . n 
A 1 108 VAL 108 108 108 VAL VAL A . n 
A 1 109 ALA 109 109 109 ALA ALA A . n 
A 1 110 CYS 110 110 110 CYS CYS A . n 
A 1 111 GLU 111 111 111 GLU GLU A . n 
A 1 112 GLY 112 112 112 GLY GLY A . n 
A 1 113 ASN 113 113 113 ASN ASN A . n 
A 1 114 PRO 114 114 114 PRO PRO A . n 
A 1 115 TYR 115 115 115 TYR TYR A . n 
A 1 116 VAL 116 116 116 VAL VAL A . n 
A 1 117 PRO 117 117 117 PRO PRO A . n 
A 1 118 VAL 118 118 118 VAL VAL A . n 
A 1 119 HIS 119 119 119 HIS HIS A . n 
A 1 120 PHE 120 120 120 PHE PHE A . n 
A 1 121 ASP 121 121 121 ASP ASP A . n 
A 1 122 ALA 122 122 122 ALA ALA A . n 
A 1 123 SER 123 123 123 SER SER A . n 
A 1 124 VAL 124 124 124 VAL VAL A . n 
# 
loop_
_pdbx_entity_instance_feature.ordinal 
_pdbx_entity_instance_feature.comp_id 
_pdbx_entity_instance_feature.asym_id 
_pdbx_entity_instance_feature.seq_num 
_pdbx_entity_instance_feature.auth_comp_id 
_pdbx_entity_instance_feature.auth_asym_id 
_pdbx_entity_instance_feature.auth_seq_num 
_pdbx_entity_instance_feature.feature_type 
_pdbx_entity_instance_feature.details 
1 VW5 ? ? VW5 ? ? 'SUBJECT OF INVESTIGATION' ? 
2 VVU ? ? VVU ? ? 'SUBJECT OF INVESTIGATION' ? 
# 
loop_
_pdbx_nonpoly_scheme.asym_id 
_pdbx_nonpoly_scheme.entity_id 
_pdbx_nonpoly_scheme.mon_id 
_pdbx_nonpoly_scheme.ndb_seq_num 
_pdbx_nonpoly_scheme.pdb_seq_num 
_pdbx_nonpoly_scheme.auth_seq_num 
_pdbx_nonpoly_scheme.pdb_mon_id 
_pdbx_nonpoly_scheme.auth_mon_id 
_pdbx_nonpoly_scheme.pdb_strand_id 
_pdbx_nonpoly_scheme.pdb_ins_code 
B 2 VVU 1   201 201 VVU YYT A . 
C 3 VW5 1   202 202 VW5 XRD A . 
D 4 FMT 1   203 203 FMT FMT A . 
E 5 CL  1   204 1   CL  CL  A . 
F 6 HOH 1   301 24  HOH HOH A . 
F 6 HOH 2   302 130 HOH HOH A . 
F 6 HOH 3   303 128 HOH HOH A . 
F 6 HOH 4   304 25  HOH HOH A . 
F 6 HOH 5   305 132 HOH HOH A . 
F 6 HOH 6   306 129 HOH HOH A . 
F 6 HOH 7   307 55  HOH HOH A . 
F 6 HOH 8   308 99  HOH HOH A . 
F 6 HOH 9   309 134 HOH HOH A . 
F 6 HOH 10  310 77  HOH HOH A . 
F 6 HOH 11  311 47  HOH HOH A . 
F 6 HOH 12  312 37  HOH HOH A . 
F 6 HOH 13  313 116 HOH HOH A . 
F 6 HOH 14  314 104 HOH HOH A . 
F 6 HOH 15  315 14  HOH HOH A . 
F 6 HOH 16  316 4   HOH HOH A . 
F 6 HOH 17  317 31  HOH HOH A . 
F 6 HOH 18  318 20  HOH HOH A . 
F 6 HOH 19  319 90  HOH HOH A . 
F 6 HOH 20  320 61  HOH HOH A . 
F 6 HOH 21  321 76  HOH HOH A . 
F 6 HOH 22  322 30  HOH HOH A . 
F 6 HOH 23  323 51  HOH HOH A . 
F 6 HOH 24  324 52  HOH HOH A . 
F 6 HOH 25  325 66  HOH HOH A . 
F 6 HOH 26  326 34  HOH HOH A . 
F 6 HOH 27  327 57  HOH HOH A . 
F 6 HOH 28  328 78  HOH HOH A . 
F 6 HOH 29  329 33  HOH HOH A . 
F 6 HOH 30  330 16  HOH HOH A . 
F 6 HOH 31  331 73  HOH HOH A . 
F 6 HOH 32  332 50  HOH HOH A . 
F 6 HOH 33  333 54  HOH HOH A . 
F 6 HOH 34  334 136 HOH HOH A . 
F 6 HOH 35  335 82  HOH HOH A . 
F 6 HOH 36  336 23  HOH HOH A . 
F 6 HOH 37  337 83  HOH HOH A . 
F 6 HOH 38  338 85  HOH HOH A . 
F 6 HOH 39  339 11  HOH HOH A . 
F 6 HOH 40  340 9   HOH HOH A . 
F 6 HOH 41  341 28  HOH HOH A . 
F 6 HOH 42  342 103 HOH HOH A . 
F 6 HOH 43  343 46  HOH HOH A . 
F 6 HOH 44  344 42  HOH HOH A . 
F 6 HOH 45  345 70  HOH HOH A . 
F 6 HOH 46  346 36  HOH HOH A . 
F 6 HOH 47  347 65  HOH HOH A . 
F 6 HOH 48  348 60  HOH HOH A . 
F 6 HOH 49  349 56  HOH HOH A . 
F 6 HOH 50  350 38  HOH HOH A . 
F 6 HOH 51  351 22  HOH HOH A . 
F 6 HOH 52  352 110 HOH HOH A . 
F 6 HOH 53  353 81  HOH HOH A . 
F 6 HOH 54  354 107 HOH HOH A . 
F 6 HOH 55  355 124 HOH HOH A . 
F 6 HOH 56  356 27  HOH HOH A . 
F 6 HOH 57  357 126 HOH HOH A . 
F 6 HOH 58  358 5   HOH HOH A . 
F 6 HOH 59  359 68  HOH HOH A . 
F 6 HOH 60  360 13  HOH HOH A . 
F 6 HOH 61  361 80  HOH HOH A . 
F 6 HOH 62  362 39  HOH HOH A . 
F 6 HOH 63  363 75  HOH HOH A . 
F 6 HOH 64  364 8   HOH HOH A . 
F 6 HOH 65  365 48  HOH HOH A . 
F 6 HOH 66  366 119 HOH HOH A . 
F 6 HOH 67  367 6   HOH HOH A . 
F 6 HOH 68  368 95  HOH HOH A . 
F 6 HOH 69  369 79  HOH HOH A . 
F 6 HOH 70  370 62  HOH HOH A . 
F 6 HOH 71  371 69  HOH HOH A . 
F 6 HOH 72  372 87  HOH HOH A . 
F 6 HOH 73  373 15  HOH HOH A . 
F 6 HOH 74  374 63  HOH HOH A . 
F 6 HOH 75  375 122 HOH HOH A . 
F 6 HOH 76  376 74  HOH HOH A . 
F 6 HOH 77  377 106 HOH HOH A . 
F 6 HOH 78  378 53  HOH HOH A . 
F 6 HOH 79  379 41  HOH HOH A . 
F 6 HOH 80  380 117 HOH HOH A . 
F 6 HOH 81  381 35  HOH HOH A . 
F 6 HOH 82  382 118 HOH HOH A . 
F 6 HOH 83  383 97  HOH HOH A . 
F 6 HOH 84  384 49  HOH HOH A . 
F 6 HOH 85  385 71  HOH HOH A . 
F 6 HOH 86  386 10  HOH HOH A . 
F 6 HOH 87  387 26  HOH HOH A . 
F 6 HOH 88  388 17  HOH HOH A . 
F 6 HOH 89  389 72  HOH HOH A . 
F 6 HOH 90  390 100 HOH HOH A . 
F 6 HOH 91  391 135 HOH HOH A . 
F 6 HOH 92  392 45  HOH HOH A . 
F 6 HOH 93  393 59  HOH HOH A . 
F 6 HOH 94  394 32  HOH HOH A . 
F 6 HOH 95  395 123 HOH HOH A . 
F 6 HOH 96  396 21  HOH HOH A . 
F 6 HOH 97  397 12  HOH HOH A . 
F 6 HOH 98  398 18  HOH HOH A . 
F 6 HOH 99  399 7   HOH HOH A . 
F 6 HOH 100 400 40  HOH HOH A . 
F 6 HOH 101 401 29  HOH HOH A . 
F 6 HOH 102 402 98  HOH HOH A . 
F 6 HOH 103 403 64  HOH HOH A . 
F 6 HOH 104 404 114 HOH HOH A . 
F 6 HOH 105 405 19  HOH HOH A . 
F 6 HOH 106 406 88  HOH HOH A . 
F 6 HOH 107 407 96  HOH HOH A . 
F 6 HOH 108 408 131 HOH HOH A . 
F 6 HOH 109 409 133 HOH HOH A . 
F 6 HOH 110 410 112 HOH HOH A . 
F 6 HOH 111 411 127 HOH HOH A . 
F 6 HOH 112 412 108 HOH HOH A . 
F 6 HOH 113 413 86  HOH HOH A . 
F 6 HOH 114 414 121 HOH HOH A . 
F 6 HOH 115 415 67  HOH HOH A . 
F 6 HOH 116 416 113 HOH HOH A . 
F 6 HOH 117 417 93  HOH HOH A . 
F 6 HOH 118 418 89  HOH HOH A . 
F 6 HOH 119 419 94  HOH HOH A . 
F 6 HOH 120 420 111 HOH HOH A . 
F 6 HOH 121 421 125 HOH HOH A . 
F 6 HOH 122 422 137 HOH HOH A . 
F 6 HOH 123 423 101 HOH HOH A . 
F 6 HOH 124 424 115 HOH HOH A . 
F 6 HOH 125 425 105 HOH HOH A . 
F 6 HOH 126 426 109 HOH HOH A . 
F 6 HOH 127 427 120 HOH HOH A . 
# 
loop_
_pdbx_unobs_or_zero_occ_atoms.id 
_pdbx_unobs_or_zero_occ_atoms.PDB_model_num 
_pdbx_unobs_or_zero_occ_atoms.polymer_flag 
_pdbx_unobs_or_zero_occ_atoms.occupancy_flag 
_pdbx_unobs_or_zero_occ_atoms.auth_asym_id 
_pdbx_unobs_or_zero_occ_atoms.auth_comp_id 
_pdbx_unobs_or_zero_occ_atoms.auth_seq_id 
_pdbx_unobs_or_zero_occ_atoms.PDB_ins_code 
_pdbx_unobs_or_zero_occ_atoms.auth_atom_id 
_pdbx_unobs_or_zero_occ_atoms.label_alt_id 
_pdbx_unobs_or_zero_occ_atoms.label_asym_id 
_pdbx_unobs_or_zero_occ_atoms.label_comp_id 
_pdbx_unobs_or_zero_occ_atoms.label_seq_id 
_pdbx_unobs_or_zero_occ_atoms.label_atom_id 
1 1 Y 0 A ILE 81  ? CD1 A A ILE 81 CD1 
2 1 N 1 A VW5 202 ? O8  ? C VW5 1  O8  
3 1 N 1 A VW5 202 ? O7  ? C VW5 1  O7  
# 
loop_
_software.citation_id 
_software.classification 
_software.compiler_name 
_software.compiler_version 
_software.contact_author 
_software.contact_author_email 
_software.date 
_software.description 
_software.dependencies 
_software.hardware 
_software.language 
_software.location 
_software.mods 
_software.name 
_software.os 
_software.os_version 
_software.type 
_software.version 
_software.pdbx_ordinal 
? refinement       ? ? ? ? ? ? ? ? ? ? ? REFMAC      ? ? ? 5.8.0405 1 
? 'data reduction' ? ? ? ? ? ? ? ? ? ? ? CrysalisPro ? ? ? .        2 
? 'data scaling'   ? ? ? ? ? ? ? ? ? ? ? Aimless     ? ? ? .        3 
? phasing          ? ? ? ? ? ? ? ? ? ? ? PHASER      ? ? ? .        4 
# 
_cell.angle_alpha                  90.000 
_cell.angle_alpha_esd              ? 
_cell.angle_beta                   90.000 
_cell.angle_beta_esd               ? 
_cell.angle_gamma                  120.000 
_cell.angle_gamma_esd              ? 
_cell.entry_id                     8OQG 
_cell.details                      ? 
_cell.formula_units_Z              ? 
_cell.length_a                     67.278 
_cell.length_a_esd                 ? 
_cell.length_b                     67.278 
_cell.length_b_esd                 ? 
_cell.length_c                     65.899 
_cell.length_c_esd                 ? 
_cell.volume                       ? 
_cell.volume_esd                   ? 
_cell.Z_PDB                        6 
_cell.reciprocal_angle_alpha       ? 
_cell.reciprocal_angle_beta        ? 
_cell.reciprocal_angle_gamma       ? 
_cell.reciprocal_angle_alpha_esd   ? 
_cell.reciprocal_angle_beta_esd    ? 
_cell.reciprocal_angle_gamma_esd   ? 
_cell.reciprocal_length_a          ? 
_cell.reciprocal_length_b          ? 
_cell.reciprocal_length_c          ? 
_cell.reciprocal_length_a_esd      ? 
_cell.reciprocal_length_b_esd      ? 
_cell.reciprocal_length_c_esd      ? 
_cell.pdbx_unique_axis             ? 
_cell.pdbx_esd_method              ? 
# 
_symmetry.entry_id                         8OQG 
_symmetry.cell_setting                     ? 
_symmetry.Int_Tables_number                154 
_symmetry.space_group_name_Hall            ? 
_symmetry.space_group_name_H-M             'P 32 2 1' 
_symmetry.pdbx_full_space_group_name_H-M   ? 
# 
_exptl.absorpt_coefficient_mu     ? 
_exptl.absorpt_correction_T_max   ? 
_exptl.absorpt_correction_T_min   ? 
_exptl.absorpt_correction_type    ? 
_exptl.absorpt_process_details    ? 
_exptl.entry_id                   8OQG 
_exptl.crystals_number            1 
_exptl.details                    ? 
_exptl.method                     'X-RAY DIFFRACTION' 
_exptl.method_details             ? 
# 
_exptl_crystal.colour                       ? 
_exptl_crystal.density_diffrn               ? 
_exptl_crystal.density_Matthews             3.14 
_exptl_crystal.density_method               ? 
_exptl_crystal.density_percent_sol          60.84 
_exptl_crystal.description                  ? 
_exptl_crystal.F_000                        ? 
_exptl_crystal.id                           1 
_exptl_crystal.preparation                  ? 
_exptl_crystal.size_max                     ? 
_exptl_crystal.size_mid                     ? 
_exptl_crystal.size_min                     ? 
_exptl_crystal.size_rad                     ? 
_exptl_crystal.colour_lustre                ? 
_exptl_crystal.colour_modifier              ? 
_exptl_crystal.colour_primary               ? 
_exptl_crystal.density_meas                 ? 
_exptl_crystal.density_meas_esd             ? 
_exptl_crystal.density_meas_gt              ? 
_exptl_crystal.density_meas_lt              ? 
_exptl_crystal.density_meas_temp            ? 
_exptl_crystal.density_meas_temp_esd        ? 
_exptl_crystal.density_meas_temp_gt         ? 
_exptl_crystal.density_meas_temp_lt         ? 
_exptl_crystal.pdbx_crystal_image_url       ? 
_exptl_crystal.pdbx_crystal_image_format    ? 
_exptl_crystal.pdbx_mosaicity               ? 
_exptl_crystal.pdbx_mosaicity_esd           ? 
_exptl_crystal.pdbx_mosaic_method           ? 
_exptl_crystal.pdbx_mosaic_block_size       ? 
_exptl_crystal.pdbx_mosaic_block_size_esd   ? 
# 
_exptl_crystal_grow.apparatus       ? 
_exptl_crystal_grow.atmosphere      ? 
_exptl_crystal_grow.crystal_id      1 
_exptl_crystal_grow.details         ? 
_exptl_crystal_grow.method          'VAPOR DIFFUSION, HANGING DROP' 
_exptl_crystal_grow.method_ref      ? 
_exptl_crystal_grow.pH              5.2 
_exptl_crystal_grow.pressure        ? 
_exptl_crystal_grow.pressure_esd    ? 
_exptl_crystal_grow.seeding         ? 
_exptl_crystal_grow.seeding_ref     ? 
_exptl_crystal_grow.temp_details    ? 
_exptl_crystal_grow.temp_esd        ? 
_exptl_crystal_grow.time            ? 
_exptl_crystal_grow.pdbx_details    
;2.5 M NaCl
3.3 M HCOONa
0.1 M Acetate buffer
;
_exptl_crystal_grow.pdbx_pH_range   4.7-5.2 
_exptl_crystal_grow.temp            293 
# 
_diffrn.ambient_environment              ? 
_diffrn.ambient_temp                     273 
_diffrn.ambient_temp_details             ? 
_diffrn.ambient_temp_esd                 ? 
_diffrn.crystal_id                       1 
_diffrn.crystal_support                  ? 
_diffrn.crystal_treatment                ? 
_diffrn.details                          ? 
_diffrn.id                               1 
_diffrn.ambient_pressure                 ? 
_diffrn.ambient_pressure_esd             ? 
_diffrn.ambient_pressure_gt              ? 
_diffrn.ambient_pressure_lt              ? 
_diffrn.ambient_temp_gt                  ? 
_diffrn.ambient_temp_lt                  ? 
_diffrn.pdbx_serial_crystal_experiment   N 
# 
_diffrn_detector.details                      ? 
_diffrn_detector.detector                     PIXEL 
_diffrn_detector.diffrn_id                    1 
_diffrn_detector.type                         'RIGAKU HyPix-6000HE' 
_diffrn_detector.area_resol_mean              ? 
_diffrn_detector.dtime                        ? 
_diffrn_detector.pdbx_frames_total            ? 
_diffrn_detector.pdbx_collection_time_total   ? 
_diffrn_detector.pdbx_collection_date         2022-07-01 
_diffrn_detector.pdbx_frequency               ? 
_diffrn_detector.id                           ? 
_diffrn_detector.number_of_axes               ? 
# 
_diffrn_radiation.collimation                      ? 
_diffrn_radiation.diffrn_id                        1 
_diffrn_radiation.filter_edge                      ? 
_diffrn_radiation.inhomogeneity                    ? 
_diffrn_radiation.monochromator                    ? 
_diffrn_radiation.polarisn_norm                    ? 
_diffrn_radiation.polarisn_ratio                   ? 
_diffrn_radiation.probe                            ? 
_diffrn_radiation.type                             ? 
_diffrn_radiation.xray_symbol                      ? 
_diffrn_radiation.wavelength_id                    1 
_diffrn_radiation.pdbx_monochromatic_or_laue_m_l   M 
_diffrn_radiation.pdbx_wavelength_list             ? 
_diffrn_radiation.pdbx_wavelength                  ? 
_diffrn_radiation.pdbx_diffrn_protocol             'SINGLE WAVELENGTH' 
_diffrn_radiation.pdbx_analyzer                    ? 
_diffrn_radiation.pdbx_scattering_type             x-ray 
# 
_diffrn_radiation_wavelength.id           1 
_diffrn_radiation_wavelength.wavelength   1.5406 
_diffrn_radiation_wavelength.wt           1.0 
# 
_diffrn_source.current                     ? 
_diffrn_source.details                     ? 
_diffrn_source.diffrn_id                   1 
_diffrn_source.power                       ? 
_diffrn_source.size                        ? 
_diffrn_source.source                      'ROTATING ANODE' 
_diffrn_source.target                      ? 
_diffrn_source.type                        'RIGAKU PhotonJet-R' 
_diffrn_source.voltage                     ? 
_diffrn_source.take-off_angle              ? 
_diffrn_source.pdbx_wavelength_list        1.5406 
_diffrn_source.pdbx_wavelength             ? 
_diffrn_source.pdbx_synchrotron_beamline   ? 
_diffrn_source.pdbx_synchrotron_site       ? 
# 
_reflns.B_iso_Wilson_estimate                          ? 
_reflns.entry_id                                       8OQG 
_reflns.data_reduction_details                         ? 
_reflns.data_reduction_method                          ? 
_reflns.d_resolution_high                              1.60 
_reflns.d_resolution_low                               22.02 
_reflns.details                                        ? 
_reflns.limit_h_max                                    ? 
_reflns.limit_h_min                                    ? 
_reflns.limit_k_max                                    ? 
_reflns.limit_k_min                                    ? 
_reflns.limit_l_max                                    ? 
_reflns.limit_l_min                                    ? 
_reflns.number_all                                     ? 
_reflns.number_obs                                     23142 
_reflns.observed_criterion                             ? 
_reflns.observed_criterion_F_max                       ? 
_reflns.observed_criterion_F_min                       ? 
_reflns.observed_criterion_I_max                       ? 
_reflns.observed_criterion_I_min                       ? 
_reflns.observed_criterion_sigma_F                     ? 
_reflns.observed_criterion_sigma_I                     ? 
_reflns.percent_possible_obs                           99.9 
_reflns.R_free_details                                 ? 
_reflns.Rmerge_F_all                                   ? 
_reflns.Rmerge_F_obs                                   ? 
_reflns.Friedel_coverage                               ? 
_reflns.number_gt                                      ? 
_reflns.threshold_expression                           ? 
_reflns.pdbx_redundancy                                1.8 
_reflns.pdbx_netI_over_av_sigmaI                       ? 
_reflns.pdbx_netI_over_sigmaI                          6.9 
_reflns.pdbx_res_netI_over_av_sigmaI_2                 ? 
_reflns.pdbx_res_netI_over_sigmaI_2                    ? 
_reflns.pdbx_chi_squared                               ? 
_reflns.pdbx_scaling_rejects                           ? 
_reflns.pdbx_d_res_high_opt                            ? 
_reflns.pdbx_d_res_low_opt                             ? 
_reflns.pdbx_d_res_opt_method                          ? 
_reflns.phase_calculation_details                      ? 
_reflns.pdbx_Rrim_I_all                                ? 
_reflns.pdbx_Rpim_I_all                                0.079 
_reflns.pdbx_d_opt                                     ? 
_reflns.pdbx_number_measured_all                       ? 
_reflns.pdbx_diffrn_id                                 1 
_reflns.pdbx_ordinal                                   1 
_reflns.pdbx_CC_half                                   0.994 
_reflns.pdbx_CC_star                                   ? 
_reflns.pdbx_R_split                                   ? 
_reflns.pdbx_Rmerge_I_obs                              0.079 
_reflns.pdbx_Rmerge_I_all                              ? 
_reflns.pdbx_Rsym_value                                ? 
_reflns.pdbx_CC_split_method                           ? 
_reflns.pdbx_aniso_diffraction_limit_axis_1_ortho[1]   ? 
_reflns.pdbx_aniso_diffraction_limit_axis_1_ortho[2]   ? 
_reflns.pdbx_aniso_diffraction_limit_axis_1_ortho[3]   ? 
_reflns.pdbx_aniso_diffraction_limit_axis_2_ortho[1]   ? 
_reflns.pdbx_aniso_diffraction_limit_axis_2_ortho[2]   ? 
_reflns.pdbx_aniso_diffraction_limit_axis_2_ortho[3]   ? 
_reflns.pdbx_aniso_diffraction_limit_axis_3_ortho[1]   ? 
_reflns.pdbx_aniso_diffraction_limit_axis_3_ortho[2]   ? 
_reflns.pdbx_aniso_diffraction_limit_axis_3_ortho[3]   ? 
_reflns.pdbx_aniso_diffraction_limit_1                 ? 
_reflns.pdbx_aniso_diffraction_limit_2                 ? 
_reflns.pdbx_aniso_diffraction_limit_3                 ? 
_reflns.pdbx_aniso_B_tensor_eigenvector_1_ortho[1]     ? 
_reflns.pdbx_aniso_B_tensor_eigenvector_1_ortho[2]     ? 
_reflns.pdbx_aniso_B_tensor_eigenvector_1_ortho[3]     ? 
_reflns.pdbx_aniso_B_tensor_eigenvector_2_ortho[1]     ? 
_reflns.pdbx_aniso_B_tensor_eigenvector_2_ortho[2]     ? 
_reflns.pdbx_aniso_B_tensor_eigenvector_2_ortho[3]     ? 
_reflns.pdbx_aniso_B_tensor_eigenvector_3_ortho[1]     ? 
_reflns.pdbx_aniso_B_tensor_eigenvector_3_ortho[2]     ? 
_reflns.pdbx_aniso_B_tensor_eigenvector_3_ortho[3]     ? 
_reflns.pdbx_aniso_B_tensor_eigenvalue_1               ? 
_reflns.pdbx_aniso_B_tensor_eigenvalue_2               ? 
_reflns.pdbx_aniso_B_tensor_eigenvalue_3               ? 
_reflns.pdbx_orthogonalization_convention              ? 
_reflns.pdbx_percent_possible_ellipsoidal              ? 
_reflns.pdbx_percent_possible_spherical                ? 
_reflns.pdbx_percent_possible_ellipsoidal_anomalous    ? 
_reflns.pdbx_percent_possible_spherical_anomalous      ? 
_reflns.pdbx_redundancy_anomalous                      ? 
_reflns.pdbx_CC_half_anomalous                         ? 
_reflns.pdbx_absDiff_over_sigma_anomalous              ? 
_reflns.pdbx_percent_possible_anomalous                ? 
_reflns.pdbx_observed_signal_threshold                 ? 
_reflns.pdbx_signal_type                               ? 
_reflns.pdbx_signal_details                            ? 
_reflns.pdbx_signal_software_id                        ? 
# 
_reflns_shell.d_res_high                                    1.60 
_reflns_shell.d_res_low                                     1.63 
_reflns_shell.meanI_over_sigI_all                           ? 
_reflns_shell.meanI_over_sigI_obs                           0.6 
_reflns_shell.number_measured_all                           ? 
_reflns_shell.number_measured_obs                           ? 
_reflns_shell.number_possible                               ? 
_reflns_shell.number_unique_all                             ? 
_reflns_shell.number_unique_obs                             1111 
_reflns_shell.percent_possible_obs                          ? 
_reflns_shell.Rmerge_F_all                                  ? 
_reflns_shell.Rmerge_F_obs                                  ? 
_reflns_shell.meanI_over_sigI_gt                            ? 
_reflns_shell.meanI_over_uI_all                             ? 
_reflns_shell.meanI_over_uI_gt                              ? 
_reflns_shell.number_measured_gt                            ? 
_reflns_shell.number_unique_gt                              ? 
_reflns_shell.percent_possible_gt                           ? 
_reflns_shell.Rmerge_F_gt                                   ? 
_reflns_shell.Rmerge_I_gt                                   ? 
_reflns_shell.pdbx_redundancy                               1.80 
_reflns_shell.pdbx_chi_squared                              ? 
_reflns_shell.pdbx_netI_over_sigmaI_all                     ? 
_reflns_shell.pdbx_netI_over_sigmaI_obs                     ? 
_reflns_shell.pdbx_Rrim_I_all                               ? 
_reflns_shell.pdbx_Rpim_I_all                               1.062 
_reflns_shell.pdbx_rejects                                  ? 
_reflns_shell.pdbx_ordinal                                  1 
_reflns_shell.pdbx_diffrn_id                                1 
_reflns_shell.pdbx_CC_half                                  0.339 
_reflns_shell.pdbx_CC_star                                  ? 
_reflns_shell.pdbx_R_split                                  ? 
_reflns_shell.percent_possible_all                          99.2 
_reflns_shell.Rmerge_I_all                                  ? 
_reflns_shell.Rmerge_I_obs                                  1.062 
_reflns_shell.pdbx_Rsym_value                               ? 
_reflns_shell.pdbx_percent_possible_ellipsoidal             ? 
_reflns_shell.pdbx_percent_possible_spherical               ? 
_reflns_shell.pdbx_percent_possible_ellipsoidal_anomalous   ? 
_reflns_shell.pdbx_percent_possible_spherical_anomalous     ? 
_reflns_shell.pdbx_redundancy_anomalous                     ? 
_reflns_shell.pdbx_CC_half_anomalous                        ? 
_reflns_shell.pdbx_absDiff_over_sigma_anomalous             ? 
_reflns_shell.pdbx_percent_possible_anomalous               ? 
# 
_refine.aniso_B[1][1]                            0.038 
_refine.aniso_B[1][2]                            0.019 
_refine.aniso_B[1][3]                            0.000 
_refine.aniso_B[2][2]                            0.038 
_refine.aniso_B[2][3]                            -0.000 
_refine.aniso_B[3][3]                            -0.124 
_refine.B_iso_max                                ? 
_refine.B_iso_mean                               21.270 
_refine.B_iso_min                                ? 
_refine.correlation_coeff_Fo_to_Fc               0.966 
_refine.correlation_coeff_Fo_to_Fc_free          0.963 
_refine.details                                  'Hydrogens have been added in their riding positions' 
_refine.diff_density_max                         ? 
_refine.diff_density_max_esd                     ? 
_refine.diff_density_min                         ? 
_refine.diff_density_min_esd                     ? 
_refine.diff_density_rms                         ? 
_refine.diff_density_rms_esd                     ? 
_refine.entry_id                                 8OQG 
_refine.pdbx_refine_id                           'X-RAY DIFFRACTION' 
_refine.ls_abs_structure_details                 ? 
_refine.ls_abs_structure_Flack                   ? 
_refine.ls_abs_structure_Flack_esd               ? 
_refine.ls_abs_structure_Rogers                  ? 
_refine.ls_abs_structure_Rogers_esd              ? 
_refine.ls_d_res_high                            1.600 
_refine.ls_d_res_low                             22.02 
_refine.ls_extinction_coef                       ? 
_refine.ls_extinction_coef_esd                   ? 
_refine.ls_extinction_expression                 ? 
_refine.ls_extinction_method                     ? 
_refine.ls_goodness_of_fit_all                   ? 
_refine.ls_goodness_of_fit_all_esd               ? 
_refine.ls_goodness_of_fit_obs                   ? 
_refine.ls_goodness_of_fit_obs_esd               ? 
_refine.ls_hydrogen_treatment                    ? 
_refine.ls_matrix_type                           ? 
_refine.ls_number_constraints                    ? 
_refine.ls_number_parameters                     ? 
_refine.ls_number_reflns_all                     ? 
_refine.ls_number_reflns_obs                     23142 
_refine.ls_number_reflns_R_free                  1164 
_refine.ls_number_reflns_R_work                  21978 
_refine.ls_number_restraints                     ? 
_refine.ls_percent_reflns_obs                    99.836 
_refine.ls_percent_reflns_R_free                 5.030 
_refine.ls_R_factor_all                          0.183 
_refine.ls_R_factor_obs                          ? 
_refine.ls_R_factor_R_free                       0.2015 
_refine.ls_R_factor_R_free_error                 ? 
_refine.ls_R_factor_R_free_error_details         ? 
_refine.ls_R_factor_R_work                       0.1823 
_refine.ls_R_Fsqd_factor_obs                     ? 
_refine.ls_R_I_factor_obs                        ? 
_refine.ls_redundancy_reflns_all                 ? 
_refine.ls_redundancy_reflns_obs                 ? 
_refine.ls_restrained_S_all                      ? 
_refine.ls_restrained_S_obs                      ? 
_refine.ls_shift_over_esd_max                    ? 
_refine.ls_shift_over_esd_mean                   ? 
_refine.ls_structure_factor_coef                 ? 
_refine.ls_weighting_details                     ? 
_refine.ls_weighting_scheme                      ? 
_refine.ls_wR_factor_all                         ? 
_refine.ls_wR_factor_obs                         ? 
_refine.ls_wR_factor_R_free                      ? 
_refine.ls_wR_factor_R_work                      ? 
_refine.occupancy_max                            ? 
_refine.occupancy_min                            ? 
_refine.solvent_model_details                    'MASK BULK SOLVENT' 
_refine.solvent_model_param_bsol                 ? 
_refine.solvent_model_param_ksol                 ? 
_refine.pdbx_R_complete                          ? 
_refine.ls_R_factor_gt                           ? 
_refine.ls_goodness_of_fit_gt                    ? 
_refine.ls_goodness_of_fit_ref                   ? 
_refine.ls_shift_over_su_max                     ? 
_refine.ls_shift_over_su_max_lt                  ? 
_refine.ls_shift_over_su_mean                    ? 
_refine.ls_shift_over_su_mean_lt                 ? 
_refine.pdbx_ls_sigma_I                          ? 
_refine.pdbx_ls_sigma_F                          ? 
_refine.pdbx_ls_sigma_Fsqd                       ? 
_refine.pdbx_data_cutoff_high_absF               ? 
_refine.pdbx_data_cutoff_high_rms_absF           ? 
_refine.pdbx_data_cutoff_low_absF                ? 
_refine.pdbx_isotropic_thermal_model             ? 
_refine.pdbx_ls_cross_valid_method               'FREE R-VALUE' 
_refine.pdbx_method_to_determine_struct          'MOLECULAR REPLACEMENT' 
_refine.pdbx_starting_model                      ? 
_refine.pdbx_stereochemistry_target_values       ? 
_refine.pdbx_R_Free_selection_details            ? 
_refine.pdbx_stereochem_target_val_spec_case     ? 
_refine.pdbx_overall_ESU_R                       0.079 
_refine.pdbx_overall_ESU_R_Free                  0.077 
_refine.pdbx_solvent_vdw_probe_radii             1.200 
_refine.pdbx_solvent_ion_probe_radii             0.800 
_refine.pdbx_solvent_shrinkage_radii             0.800 
_refine.pdbx_real_space_R                        ? 
_refine.pdbx_density_correlation                 ? 
_refine.pdbx_pd_number_of_powder_patterns        ? 
_refine.pdbx_pd_number_of_points                 ? 
_refine.pdbx_pd_meas_number_of_points            ? 
_refine.pdbx_pd_proc_ls_prof_R_factor            ? 
_refine.pdbx_pd_proc_ls_prof_wR_factor           ? 
_refine.pdbx_pd_Marquardt_correlation_coeff      ? 
_refine.pdbx_pd_Fsqrd_R_factor                   ? 
_refine.pdbx_pd_ls_matrix_band_width             ? 
_refine.pdbx_overall_phase_error                 ? 
_refine.pdbx_overall_SU_R_free_Cruickshank_DPI   ? 
_refine.pdbx_overall_SU_R_free_Blow_DPI          ? 
_refine.pdbx_overall_SU_R_Blow_DPI               ? 
_refine.pdbx_TLS_residual_ADP_flag               ? 
_refine.pdbx_diffrn_id                           1 
_refine.overall_SU_B                             2.433 
_refine.overall_SU_ML                            0.074 
_refine.overall_SU_R_Cruickshank_DPI             ? 
_refine.overall_SU_R_free                        ? 
_refine.overall_FOM_free_R_set                   ? 
_refine.overall_FOM_work_R_set                   ? 
_refine.pdbx_average_fsc_overall                 ? 
_refine.pdbx_average_fsc_work                    ? 
_refine.pdbx_average_fsc_free                    ? 
# 
_refine_hist.pdbx_refine_id                   'X-RAY DIFFRACTION' 
_refine_hist.cycle_id                         LAST 
_refine_hist.pdbx_number_atoms_protein        951 
_refine_hist.pdbx_number_atoms_nucleic_acid   0 
_refine_hist.pdbx_number_atoms_ligand         28 
_refine_hist.number_atoms_solvent             127 
_refine_hist.number_atoms_total               1106 
_refine_hist.d_res_high                       1.600 
_refine_hist.d_res_low                        22.02 
# 
loop_
_refine_ls_restr.pdbx_refine_id 
_refine_ls_restr.criterion 
_refine_ls_restr.dev_ideal 
_refine_ls_restr.dev_ideal_target 
_refine_ls_restr.number 
_refine_ls_restr.rejects 
_refine_ls_restr.type 
_refine_ls_restr.weight 
_refine_ls_restr.pdbx_restraint_function 
'X-RAY DIFFRACTION' ? 0.011  0.012  1110 ? r_bond_refined_d               ? ? 
'X-RAY DIFFRACTION' ? 0.001  0.016  961  ? r_bond_other_d                 ? ? 
'X-RAY DIFFRACTION' ? 3.219  1.698  1523 ? r_angle_refined_deg            ? ? 
'X-RAY DIFFRACTION' ? 0.542  1.593  2238 ? r_angle_other_deg              ? ? 
'X-RAY DIFFRACTION' ? 6.395  5.000  145  ? r_dihedral_angle_1_deg         ? ? 
'X-RAY DIFFRACTION' ? 8.997  5.000  4    ? r_dihedral_angle_2_deg         ? ? 
'X-RAY DIFFRACTION' ? 14.611 10.000 191  ? r_dihedral_angle_3_deg         ? ? 
'X-RAY DIFFRACTION' ? 15.613 10.000 53   ? r_dihedral_angle_6_deg         ? ? 
'X-RAY DIFFRACTION' ? 0.077  0.200  160  ? r_chiral_restr                 ? ? 
'X-RAY DIFFRACTION' ? 0.010  0.020  1382 ? r_gen_planes_refined           ? ? 
'X-RAY DIFFRACTION' ? 0.003  0.020  254  ? r_gen_planes_other             ? ? 
'X-RAY DIFFRACTION' ? 0.201  0.200  199  ? r_nbd_refined                  ? ? 
'X-RAY DIFFRACTION' ? 0.195  0.200  817  ? r_symmetry_nbd_other           ? ? 
'X-RAY DIFFRACTION' ? 0.177  0.200  514  ? r_nbtor_refined                ? ? 
'X-RAY DIFFRACTION' ? 0.084  0.200  555  ? r_symmetry_nbtor_other         ? ? 
'X-RAY DIFFRACTION' ? 0.165  0.200  72   ? r_xyhbond_nbd_refined          ? ? 
'X-RAY DIFFRACTION' ? 0.352  0.200  21   ? r_symmetry_nbd_refined         ? ? 
'X-RAY DIFFRACTION' ? 0.239  0.200  91   ? r_nbd_other                    ? ? 
'X-RAY DIFFRACTION' ? 0.225  0.200  30   ? r_symmetry_xyhbond_nbd_refined ? ? 
'X-RAY DIFFRACTION' ? 2.427  2.116  547  ? r_mcbond_it                    ? ? 
'X-RAY DIFFRACTION' ? 2.430  2.119  548  ? r_mcbond_other                 ? ? 
'X-RAY DIFFRACTION' ? 3.698  3.797  700  ? r_mcangle_it                   ? ? 
'X-RAY DIFFRACTION' ? 3.696  3.795  701  ? r_mcangle_other                ? ? 
'X-RAY DIFFRACTION' ? 3.013  2.439  563  ? r_scbond_it                    ? ? 
'X-RAY DIFFRACTION' ? 2.979  2.436  562  ? r_scbond_other                 ? ? 
'X-RAY DIFFRACTION' ? 4.484  4.373  825  ? r_scangle_it                   ? ? 
'X-RAY DIFFRACTION' ? 4.489  4.373  826  ? r_scangle_other                ? ? 
'X-RAY DIFFRACTION' ? 7.776  31.139 1241 ? r_lrange_it                    ? ? 
'X-RAY DIFFRACTION' ? 7.237  27.956 1191 ? r_lrange_other                 ? ? 
# 
loop_
_refine_ls_shell.pdbx_refine_id 
_refine_ls_shell.d_res_high 
_refine_ls_shell.d_res_low 
_refine_ls_shell.number_reflns_all 
_refine_ls_shell.number_reflns_obs 
_refine_ls_shell.number_reflns_R_free 
_refine_ls_shell.number_reflns_R_work 
_refine_ls_shell.percent_reflns_obs 
_refine_ls_shell.percent_reflns_R_free 
_refine_ls_shell.R_factor_all 
_refine_ls_shell.R_factor_obs 
_refine_ls_shell.R_factor_R_free_error 
_refine_ls_shell.R_factor_R_work 
_refine_ls_shell.redundancy_reflns_all 
_refine_ls_shell.redundancy_reflns_obs 
_refine_ls_shell.wR_factor_all 
_refine_ls_shell.wR_factor_obs 
_refine_ls_shell.wR_factor_R_free 
_refine_ls_shell.wR_factor_R_work 
_refine_ls_shell.pdbx_R_complete 
_refine_ls_shell.pdbx_total_number_of_bins_used 
_refine_ls_shell.pdbx_phase_error 
_refine_ls_shell.pdbx_fsc_work 
_refine_ls_shell.pdbx_fsc_free 
_refine_ls_shell.R_factor_R_free 
'X-RAY DIFFRACTION' 1.600 1.641 . . 101 1574 99.0538  . . . . 0.380 . . . . . . . . . . . 0.391 
'X-RAY DIFFRACTION' 1.641 1.686 . . 85  1548 99.8777  . . . . 0.324 . . . . . . . . . . . 0.333 
'X-RAY DIFFRACTION' 1.788 1.846 . . 71  1437 100.0000 . . . . 0.237 . . . . . . . . . . . 0.267 
'X-RAY DIFFRACTION' 1.846 1.910 . . 94  1372 100.0000 . . . . 0.213 . . . . . . . . . . . 0.233 
'X-RAY DIFFRACTION' 1.910 1.982 . . 49  1344 100.0000 . . . . 0.225 . . . . . . . . . . . 0.230 
'X-RAY DIFFRACTION' 1.982 2.062 . . 42  1323 99.9268  . . . . 0.267 . . . . . . . . . . . 0.288 
'X-RAY DIFFRACTION' 2.062 2.153 . . 59  1244 100.0000 . . . . 0.160 . . . . . . . . . . . 0.199 
'X-RAY DIFFRACTION' 2.153 2.257 . . 67  1185 100.0000 . . . . 0.151 . . . . . . . . . . . 0.188 
'X-RAY DIFFRACTION' 2.257 2.378 . . 60  1141 100.0000 . . . . 0.145 . . . . . . . . . . . 0.186 
'X-RAY DIFFRACTION' 2.378 2.520 . . 49  1077 100.0000 . . . . 0.140 . . . . . . . . . . . 0.197 
'X-RAY DIFFRACTION' 2.520 2.691 . . 31  1053 100.0000 . . . . 0.154 . . . . . . . . . . . 0.165 
'X-RAY DIFFRACTION' 2.691 2.904 . . 53  929  99.7967  . . . . 0.172 . . . . . . . . . . . 0.245 
'X-RAY DIFFRACTION' 2.904 3.175 . . 54  876  100.0000 . . . . 0.171 . . . . . . . . . . . 0.193 
'X-RAY DIFFRACTION' 3.175 3.541 . . 38  809  100.0000 . . . . 0.139 . . . . . . . . . . . 0.163 
'X-RAY DIFFRACTION' 3.541 4.071 . . 45  702  100.0000 . . . . 0.120 . . . . . . . . . . . 0.144 
'X-RAY DIFFRACTION' 4.944 6.822 . . 38  478  100.0000 . . . . 0.157 . . . . . . . . . . . 0.157 
# 
_struct.entry_id                     8OQG 
_struct.title                        
'Cross-linked crystal of dirhodium tetraacetate/ribonuclease A adduct in the P3221 space group (high temperature data collection)' 
_struct.pdbx_model_details           ? 
_struct.pdbx_formula_weight          ? 
_struct.pdbx_formula_weight_method   ? 
_struct.pdbx_model_type_details      ? 
_struct.pdbx_CASP_flag               N 
# 
_struct_keywords.entry_id        8OQG 
_struct_keywords.text            'Metal/protein adduct, dirhodium tetraacettate, catalysis, porous material, HYDROLASE' 
_struct_keywords.pdbx_keywords   HYDROLASE 
# 
loop_
_struct_asym.id 
_struct_asym.pdbx_blank_PDB_chainid_flag 
_struct_asym.pdbx_modified 
_struct_asym.entity_id 
_struct_asym.details 
A N N 1 ? 
B N N 2 ? 
C N N 3 ? 
D N N 4 ? 
E N N 5 ? 
F N N 6 ? 
# 
_struct_ref.id                         1 
_struct_ref.db_name                    UNP 
_struct_ref.db_code                    RNAS1_BOVIN 
_struct_ref.pdbx_db_accession          P61823 
_struct_ref.pdbx_db_isoform            ? 
_struct_ref.entity_id                  1 
_struct_ref.pdbx_seq_one_letter_code   
;KETAAAKFERQHMDSSTSAASSSNYCNQMMKSRNLTKDRCKPVNTFVHESLADVQAVCSQKNVACKNGQTNCYQSYSTMS
ITDCRETGSSKYPNCAYKTTQANKHIIVACEGNPYVPVHFDASV
;
_struct_ref.pdbx_align_begin           27 
# 
_struct_ref_seq.align_id                      1 
_struct_ref_seq.ref_id                        1 
_struct_ref_seq.pdbx_PDB_id_code              8OQG 
_struct_ref_seq.pdbx_strand_id                A 
_struct_ref_seq.seq_align_beg                 1 
_struct_ref_seq.pdbx_seq_align_beg_ins_code   ? 
_struct_ref_seq.seq_align_end                 124 
_struct_ref_seq.pdbx_seq_align_end_ins_code   ? 
_struct_ref_seq.pdbx_db_accession             P61823 
_struct_ref_seq.db_align_beg                  27 
_struct_ref_seq.pdbx_db_align_beg_ins_code    ? 
_struct_ref_seq.db_align_end                  150 
_struct_ref_seq.pdbx_db_align_end_ins_code    ? 
_struct_ref_seq.pdbx_auth_seq_align_beg       1 
_struct_ref_seq.pdbx_auth_seq_align_end       124 
# 
_pdbx_struct_assembly.id                   1 
_pdbx_struct_assembly.details              author_and_software_defined_assembly 
_pdbx_struct_assembly.method_details       PISA 
_pdbx_struct_assembly.oligomeric_details   monomeric 
_pdbx_struct_assembly.oligomeric_count     1 
# 
loop_
_pdbx_struct_assembly_prop.biol_id 
_pdbx_struct_assembly_prop.type 
_pdbx_struct_assembly_prop.value 
_pdbx_struct_assembly_prop.details 
1 'ABSA (A^2)' 220  ? 
1 MORE         -6   ? 
1 'SSA (A^2)'  7230 ? 
# 
_pdbx_struct_assembly_gen.assembly_id       1 
_pdbx_struct_assembly_gen.oper_expression   1 
_pdbx_struct_assembly_gen.asym_id_list      A,B,C,D,E,F 
# 
_pdbx_struct_assembly_auth_evidence.id                     1 
_pdbx_struct_assembly_auth_evidence.assembly_id            1 
_pdbx_struct_assembly_auth_evidence.experimental_support   none 
_pdbx_struct_assembly_auth_evidence.details                ? 
# 
_pdbx_struct_oper_list.id                   1 
_pdbx_struct_oper_list.type                 'identity operation' 
_pdbx_struct_oper_list.name                 1_555 
_pdbx_struct_oper_list.symmetry_operation   x,y,z 
_pdbx_struct_oper_list.matrix[1][1]         1.0000000000 
_pdbx_struct_oper_list.matrix[1][2]         0.0000000000 
_pdbx_struct_oper_list.matrix[1][3]         0.0000000000 
_pdbx_struct_oper_list.vector[1]            0.0000000000 
_pdbx_struct_oper_list.matrix[2][1]         0.0000000000 
_pdbx_struct_oper_list.matrix[2][2]         1.0000000000 
_pdbx_struct_oper_list.matrix[2][3]         0.0000000000 
_pdbx_struct_oper_list.vector[2]            0.0000000000 
_pdbx_struct_oper_list.matrix[3][1]         0.0000000000 
_pdbx_struct_oper_list.matrix[3][2]         0.0000000000 
_pdbx_struct_oper_list.matrix[3][3]         1.0000000000 
_pdbx_struct_oper_list.vector[3]            0.0000000000 
# 
loop_
_struct_conf.conf_type_id 
_struct_conf.id 
_struct_conf.pdbx_PDB_helix_id 
_struct_conf.beg_label_comp_id 
_struct_conf.beg_label_asym_id 
_struct_conf.beg_label_seq_id 
_struct_conf.pdbx_beg_PDB_ins_code 
_struct_conf.end_label_comp_id 
_struct_conf.end_label_asym_id 
_struct_conf.end_label_seq_id 
_struct_conf.pdbx_end_PDB_ins_code 
_struct_conf.beg_auth_comp_id 
_struct_conf.beg_auth_asym_id 
_struct_conf.beg_auth_seq_id 
_struct_conf.end_auth_comp_id 
_struct_conf.end_auth_asym_id 
_struct_conf.end_auth_seq_id 
_struct_conf.pdbx_PDB_helix_class 
_struct_conf.details 
_struct_conf.pdbx_PDB_helix_length 
HELX_P HELX_P1 AA1 THR A 3  ? MET A 13 ? THR A 3  MET A 13 1 ? 11 
HELX_P HELX_P2 AA2 ASN A 24 ? ARG A 33 ? ASN A 24 ARG A 33 1 ? 10 
HELX_P HELX_P3 AA3 SER A 50 ? VAL A 57 ? SER A 50 VAL A 57 1 ? 8  
HELX_P HELX_P4 AA4 CYS A 58 ? GLN A 60 ? CYS A 58 GLN A 60 5 ? 3  
# 
_struct_conf_type.id          HELX_P 
_struct_conf_type.criteria    ? 
_struct_conf_type.reference   ? 
# 
loop_
_struct_conn.id 
_struct_conn.conn_type_id 
_struct_conn.pdbx_leaving_atom_flag 
_struct_conn.pdbx_PDB_id 
_struct_conn.ptnr1_label_asym_id 
_struct_conn.ptnr1_label_comp_id 
_struct_conn.ptnr1_label_seq_id 
_struct_conn.ptnr1_label_atom_id 
_struct_conn.pdbx_ptnr1_label_alt_id 
_struct_conn.pdbx_ptnr1_PDB_ins_code 
_struct_conn.pdbx_ptnr1_standard_comp_id 
_struct_conn.ptnr1_symmetry 
_struct_conn.ptnr2_label_asym_id 
_struct_conn.ptnr2_label_comp_id 
_struct_conn.ptnr2_label_seq_id 
_struct_conn.ptnr2_label_atom_id 
_struct_conn.pdbx_ptnr2_label_alt_id 
_struct_conn.pdbx_ptnr2_PDB_ins_code 
_struct_conn.ptnr1_auth_asym_id 
_struct_conn.ptnr1_auth_comp_id 
_struct_conn.ptnr1_auth_seq_id 
_struct_conn.ptnr2_auth_asym_id 
_struct_conn.ptnr2_auth_comp_id 
_struct_conn.ptnr2_auth_seq_id 
_struct_conn.ptnr2_symmetry 
_struct_conn.pdbx_ptnr3_label_atom_id 
_struct_conn.pdbx_ptnr3_label_seq_id 
_struct_conn.pdbx_ptnr3_label_comp_id 
_struct_conn.pdbx_ptnr3_label_asym_id 
_struct_conn.pdbx_ptnr3_label_alt_id 
_struct_conn.pdbx_ptnr3_PDB_ins_code 
_struct_conn.details 
_struct_conn.pdbx_dist_value 
_struct_conn.pdbx_value_order 
_struct_conn.pdbx_role 
disulf1 disulf ? ? A CYS 26  SG  ? ? ? 1_555 A CYS 84  SG  ? ? A CYS 26  A CYS 84  1_555 ? ? ? ? ? ? ? 2.011 ? ? 
disulf2 disulf ? ? A CYS 40  SG  ? ? ? 1_555 A CYS 95  SG  ? ? A CYS 40  A CYS 95  1_555 ? ? ? ? ? ? ? 2.007 ? ? 
disulf3 disulf ? ? A CYS 58  SG  ? ? ? 1_555 A CYS 110 SG  ? ? A CYS 58  A CYS 110 1_555 ? ? ? ? ? ? ? 1.980 ? ? 
disulf4 disulf ? ? A CYS 65  SG  ? ? ? 1_555 A CYS 72  SG  ? ? A CYS 65  A CYS 72  1_555 ? ? ? ? ? ? ? 2.013 ? ? 
metalc1 metalc ? ? A HIS 105 NE2 ? ? ? 1_555 B VVU .   RH1 ? ? A HIS 105 A VVU 201 1_555 ? ? ? ? ? ? ? 2.245 ? ? 
metalc2 metalc ? ? A HIS 119 ND1 B ? ? 1_555 C VW5 .   RH4 B ? A HIS 119 A VW5 202 1_555 ? ? ? ? ? ? ? 2.171 ? ? 
# 
loop_
_struct_conn_type.id 
_struct_conn_type.criteria 
_struct_conn_type.reference 
disulf ? ? 
metalc ? ? 
# 
loop_
_pdbx_struct_conn_angle.id 
_pdbx_struct_conn_angle.ptnr1_label_atom_id 
_pdbx_struct_conn_angle.ptnr1_label_alt_id 
_pdbx_struct_conn_angle.ptnr1_label_asym_id 
_pdbx_struct_conn_angle.ptnr1_label_comp_id 
_pdbx_struct_conn_angle.ptnr1_label_seq_id 
_pdbx_struct_conn_angle.ptnr1_auth_atom_id 
_pdbx_struct_conn_angle.ptnr1_auth_asym_id 
_pdbx_struct_conn_angle.ptnr1_auth_comp_id 
_pdbx_struct_conn_angle.ptnr1_auth_seq_id 
_pdbx_struct_conn_angle.ptnr1_PDB_ins_code 
_pdbx_struct_conn_angle.ptnr1_symmetry 
_pdbx_struct_conn_angle.ptnr2_label_atom_id 
_pdbx_struct_conn_angle.ptnr2_label_alt_id 
_pdbx_struct_conn_angle.ptnr2_label_asym_id 
_pdbx_struct_conn_angle.ptnr2_label_comp_id 
_pdbx_struct_conn_angle.ptnr2_label_seq_id 
_pdbx_struct_conn_angle.ptnr2_auth_atom_id 
_pdbx_struct_conn_angle.ptnr2_auth_asym_id 
_pdbx_struct_conn_angle.ptnr2_auth_comp_id 
_pdbx_struct_conn_angle.ptnr2_auth_seq_id 
_pdbx_struct_conn_angle.ptnr2_PDB_ins_code 
_pdbx_struct_conn_angle.ptnr2_symmetry 
_pdbx_struct_conn_angle.ptnr3_label_atom_id 
_pdbx_struct_conn_angle.ptnr3_label_alt_id 
_pdbx_struct_conn_angle.ptnr3_label_asym_id 
_pdbx_struct_conn_angle.ptnr3_label_comp_id 
_pdbx_struct_conn_angle.ptnr3_label_seq_id 
_pdbx_struct_conn_angle.ptnr3_auth_atom_id 
_pdbx_struct_conn_angle.ptnr3_auth_asym_id 
_pdbx_struct_conn_angle.ptnr3_auth_comp_id 
_pdbx_struct_conn_angle.ptnr3_auth_seq_id 
_pdbx_struct_conn_angle.ptnr3_PDB_ins_code 
_pdbx_struct_conn_angle.ptnr3_symmetry 
_pdbx_struct_conn_angle.value 
_pdbx_struct_conn_angle.value_esd 
1  NE2 ? A HIS 105 ? A HIS 105 ? 1_555 RH1 ? B VVU . ? A VVU 201 ? 1_555 O1  ? B VVU . ? A VVU 201 ? 1_555 94.9  ? 
2  NE2 ? A HIS 105 ? A HIS 105 ? 1_555 RH1 ? B VVU . ? A VVU 201 ? 1_555 O7  ? B VVU . ? A VVU 201 ? 1_555 94.8  ? 
3  O1  ? B VVU .   ? A VVU 201 ? 1_555 RH1 ? B VVU . ? A VVU 201 ? 1_555 O7  ? B VVU . ? A VVU 201 ? 1_555 87.1  ? 
4  NE2 ? A HIS 105 ? A HIS 105 ? 1_555 RH1 ? B VVU . ? A VVU 201 ? 1_555 RH2 ? B VVU . ? A VVU 201 ? 1_555 178.1 ? 
5  O1  ? B VVU .   ? A VVU 201 ? 1_555 RH1 ? B VVU . ? A VVU 201 ? 1_555 RH2 ? B VVU . ? A VVU 201 ? 1_555 84.1  ? 
6  O7  ? B VVU .   ? A VVU 201 ? 1_555 RH1 ? B VVU . ? A VVU 201 ? 1_555 RH2 ? B VVU . ? A VVU 201 ? 1_555 83.6  ? 
7  NE2 ? A HIS 105 ? A HIS 105 ? 1_555 RH1 ? B VVU . ? A VVU 201 ? 1_555 O0  ? B VVU . ? A VVU 201 ? 1_555 88.9  ? 
8  O1  ? B VVU .   ? A VVU 201 ? 1_555 RH1 ? B VVU . ? A VVU 201 ? 1_555 O0  ? B VVU . ? A VVU 201 ? 1_555 90.9  ? 
9  O7  ? B VVU .   ? A VVU 201 ? 1_555 RH1 ? B VVU . ? A VVU 201 ? 1_555 O0  ? B VVU . ? A VVU 201 ? 1_555 175.9 ? 
10 RH2 ? B VVU .   ? A VVU 201 ? 1_555 RH1 ? B VVU . ? A VVU 201 ? 1_555 O0  ? B VVU . ? A VVU 201 ? 1_555 92.7  ? 
11 NE2 ? A HIS 105 ? A HIS 105 ? 1_555 RH1 ? B VVU . ? A VVU 201 ? 1_555 O3  ? B VVU . ? A VVU 201 ? 1_555 89.9  ? 
12 O1  ? B VVU .   ? A VVU 201 ? 1_555 RH1 ? B VVU . ? A VVU 201 ? 1_555 O3  ? B VVU . ? A VVU 201 ? 1_555 175.0 ? 
13 O7  ? B VVU .   ? A VVU 201 ? 1_555 RH1 ? B VVU . ? A VVU 201 ? 1_555 O3  ? B VVU . ? A VVU 201 ? 1_555 91.2  ? 
14 RH2 ? B VVU .   ? A VVU 201 ? 1_555 RH1 ? B VVU . ? A VVU 201 ? 1_555 O3  ? B VVU . ? A VVU 201 ? 1_555 91.1  ? 
15 O0  ? B VVU .   ? A VVU 201 ? 1_555 RH1 ? B VVU . ? A VVU 201 ? 1_555 O3  ? B VVU . ? A VVU 201 ? 1_555 90.6  ? 
16 ND1 B A HIS 119 ? A HIS 119 ? 1_555 RH4 B C VW5 . ? A VW5 202 ? 1_555 RH3 B C VW5 . ? A VW5 202 ? 1_555 169.7 ? 
17 ND1 B A HIS 119 ? A HIS 119 ? 1_555 RH4 B C VW5 . ? A VW5 202 ? 1_555 O3  B C VW5 . ? A VW5 202 ? 1_555 92.8  ? 
18 RH3 B C VW5 .   ? A VW5 202 ? 1_555 RH4 B C VW5 . ? A VW5 202 ? 1_555 O3  B C VW5 . ? A VW5 202 ? 1_555 90.9  ? 
19 ND1 B A HIS 119 ? A HIS 119 ? 1_555 RH4 B C VW5 . ? A VW5 202 ? 1_555 O2  B C VW5 . ? A VW5 202 ? 1_555 90.1  ? 
20 RH3 B C VW5 .   ? A VW5 202 ? 1_555 RH4 B C VW5 . ? A VW5 202 ? 1_555 O2  B C VW5 . ? A VW5 202 ? 1_555 86.3  ? 
21 O3  B C VW5 .   ? A VW5 202 ? 1_555 RH4 B C VW5 . ? A VW5 202 ? 1_555 O2  B C VW5 . ? A VW5 202 ? 1_555 177.2 ? 
# 
loop_
_pdbx_modification_feature.ordinal 
_pdbx_modification_feature.label_comp_id 
_pdbx_modification_feature.label_asym_id 
_pdbx_modification_feature.label_seq_id 
_pdbx_modification_feature.label_alt_id 
_pdbx_modification_feature.modified_residue_label_comp_id 
_pdbx_modification_feature.modified_residue_label_asym_id 
_pdbx_modification_feature.modified_residue_label_seq_id 
_pdbx_modification_feature.modified_residue_label_alt_id 
_pdbx_modification_feature.auth_comp_id 
_pdbx_modification_feature.auth_asym_id 
_pdbx_modification_feature.auth_seq_id 
_pdbx_modification_feature.PDB_ins_code 
_pdbx_modification_feature.symmetry 
_pdbx_modification_feature.modified_residue_auth_comp_id 
_pdbx_modification_feature.modified_residue_auth_asym_id 
_pdbx_modification_feature.modified_residue_auth_seq_id 
_pdbx_modification_feature.modified_residue_PDB_ins_code 
_pdbx_modification_feature.modified_residue_symmetry 
_pdbx_modification_feature.comp_id_linking_atom 
_pdbx_modification_feature.modified_residue_id_linking_atom 
_pdbx_modification_feature.modified_residue_id 
_pdbx_modification_feature.ref_pcm_id 
_pdbx_modification_feature.ref_comp_id 
_pdbx_modification_feature.type 
_pdbx_modification_feature.category 
1 CYS A 26 ? CYS A 84  ? CYS A 26 ? 1_555 CYS A 84  ? 1_555 SG SG . . . None 'Disulfide bridge' 
2 CYS A 40 ? CYS A 95  ? CYS A 40 ? 1_555 CYS A 95  ? 1_555 SG SG . . . None 'Disulfide bridge' 
3 CYS A 58 ? CYS A 110 ? CYS A 58 ? 1_555 CYS A 110 ? 1_555 SG SG . . . None 'Disulfide bridge' 
4 CYS A 65 ? CYS A 72  ? CYS A 65 ? 1_555 CYS A 72  ? 1_555 SG SG . . . None 'Disulfide bridge' 
# 
loop_
_struct_mon_prot_cis.pdbx_id 
_struct_mon_prot_cis.label_comp_id 
_struct_mon_prot_cis.label_seq_id 
_struct_mon_prot_cis.label_asym_id 
_struct_mon_prot_cis.label_alt_id 
_struct_mon_prot_cis.pdbx_PDB_ins_code 
_struct_mon_prot_cis.auth_comp_id 
_struct_mon_prot_cis.auth_seq_id 
_struct_mon_prot_cis.auth_asym_id 
_struct_mon_prot_cis.pdbx_label_comp_id_2 
_struct_mon_prot_cis.pdbx_label_seq_id_2 
_struct_mon_prot_cis.pdbx_label_asym_id_2 
_struct_mon_prot_cis.pdbx_PDB_ins_code_2 
_struct_mon_prot_cis.pdbx_auth_comp_id_2 
_struct_mon_prot_cis.pdbx_auth_seq_id_2 
_struct_mon_prot_cis.pdbx_auth_asym_id_2 
_struct_mon_prot_cis.pdbx_PDB_model_num 
_struct_mon_prot_cis.pdbx_omega_angle 
1 TYR 92  A . ? TYR 92  A PRO 93  A ? PRO 93  A 1 6.46  
2 ASN 113 A . ? ASN 113 A PRO 114 A ? PRO 114 A 1 -0.49 
# 
loop_
_struct_sheet.id 
_struct_sheet.type 
_struct_sheet.number_strands 
_struct_sheet.details 
AA1 ? 5 ? 
AA2 ? 4 ? 
# 
loop_
_struct_sheet_order.sheet_id 
_struct_sheet_order.range_id_1 
_struct_sheet_order.range_id_2 
_struct_sheet_order.offset 
_struct_sheet_order.sense 
AA1 1 2 ? anti-parallel 
AA1 2 3 ? anti-parallel 
AA1 3 4 ? anti-parallel 
AA1 4 5 ? anti-parallel 
AA2 1 2 ? anti-parallel 
AA2 2 3 ? anti-parallel 
AA2 3 4 ? anti-parallel 
# 
loop_
_struct_sheet_range.sheet_id 
_struct_sheet_range.id 
_struct_sheet_range.beg_label_comp_id 
_struct_sheet_range.beg_label_asym_id 
_struct_sheet_range.beg_label_seq_id 
_struct_sheet_range.pdbx_beg_PDB_ins_code 
_struct_sheet_range.end_label_comp_id 
_struct_sheet_range.end_label_asym_id 
_struct_sheet_range.end_label_seq_id 
_struct_sheet_range.pdbx_end_PDB_ins_code 
_struct_sheet_range.beg_auth_comp_id 
_struct_sheet_range.beg_auth_asym_id 
_struct_sheet_range.beg_auth_seq_id 
_struct_sheet_range.end_auth_comp_id 
_struct_sheet_range.end_auth_asym_id 
_struct_sheet_range.end_auth_seq_id 
AA1 1 VAL A 43  ? VAL A 47  ? VAL A 43  VAL A 47  
AA1 2 MET A 79  ? GLU A 86  ? MET A 79  GLU A 86  
AA1 3 TYR A 97  ? GLU A 111 ? TYR A 97  GLU A 111 
AA1 4 CYS A 72  ? GLN A 74  ? CYS A 72  GLN A 74  
AA1 5 LYS A 61  ? VAL A 63  ? LYS A 61  VAL A 63  
AA2 1 VAL A 43  ? VAL A 47  ? VAL A 43  VAL A 47  
AA2 2 MET A 79  ? GLU A 86  ? MET A 79  GLU A 86  
AA2 3 TYR A 97  ? GLU A 111 ? TYR A 97  GLU A 111 
AA2 4 VAL A 116 ? VAL A 124 ? VAL A 116 VAL A 124 
# 
loop_
_pdbx_struct_sheet_hbond.sheet_id 
_pdbx_struct_sheet_hbond.range_id_1 
_pdbx_struct_sheet_hbond.range_id_2 
_pdbx_struct_sheet_hbond.range_1_label_atom_id 
_pdbx_struct_sheet_hbond.range_1_label_comp_id 
_pdbx_struct_sheet_hbond.range_1_label_asym_id 
_pdbx_struct_sheet_hbond.range_1_label_seq_id 
_pdbx_struct_sheet_hbond.range_1_PDB_ins_code 
_pdbx_struct_sheet_hbond.range_1_auth_atom_id 
_pdbx_struct_sheet_hbond.range_1_auth_comp_id 
_pdbx_struct_sheet_hbond.range_1_auth_asym_id 
_pdbx_struct_sheet_hbond.range_1_auth_seq_id 
_pdbx_struct_sheet_hbond.range_2_label_atom_id 
_pdbx_struct_sheet_hbond.range_2_label_comp_id 
_pdbx_struct_sheet_hbond.range_2_label_asym_id 
_pdbx_struct_sheet_hbond.range_2_label_seq_id 
_pdbx_struct_sheet_hbond.range_2_PDB_ins_code 
_pdbx_struct_sheet_hbond.range_2_auth_atom_id 
_pdbx_struct_sheet_hbond.range_2_auth_comp_id 
_pdbx_struct_sheet_hbond.range_2_auth_asym_id 
_pdbx_struct_sheet_hbond.range_2_auth_seq_id 
AA1 1 2 N PHE A 46  ? N PHE A 46  O THR A 82  ? O THR A 82  
AA1 2 3 N MET A 79  ? N MET A 79  O LYS A 104 ? O LYS A 104 
AA1 3 4 O VAL A 108 ? O VAL A 108 N TYR A 73  ? N TYR A 73  
AA1 4 5 O GLN A 74  ? O GLN A 74  N LYS A 61  ? N LYS A 61  
AA2 1 2 N PHE A 46  ? N PHE A 46  O THR A 82  ? O THR A 82  
AA2 2 3 N MET A 79  ? N MET A 79  O LYS A 104 ? O LYS A 104 
AA2 3 4 N ALA A 109 ? N ALA A 109 O VAL A 118 ? O VAL A 118 
# 
_pdbx_entry_details.entry_id                   8OQG 
_pdbx_entry_details.has_ligand_of_interest     Y 
_pdbx_entry_details.compound_details           ? 
_pdbx_entry_details.source_details             ? 
_pdbx_entry_details.nonpolymer_details         ? 
_pdbx_entry_details.sequence_details           ? 
_pdbx_entry_details.has_protein_modification   Y 
# 
loop_
_pdbx_validate_torsion.id 
_pdbx_validate_torsion.PDB_model_num 
_pdbx_validate_torsion.auth_comp_id 
_pdbx_validate_torsion.auth_asym_id 
_pdbx_validate_torsion.auth_seq_id 
_pdbx_validate_torsion.PDB_ins_code 
_pdbx_validate_torsion.label_alt_id 
_pdbx_validate_torsion.phi 
_pdbx_validate_torsion.psi 
1 1 HIS A 48 ? ? -109.16 56.65   
2 1 GLN A 60 ? ? -102.20 -128.66 
3 1 SER A 90 ? ? -28.45  128.21  
4 1 ASN A 94 ? A -101.69 71.59   
# 
_pdbx_validate_planes.id              1 
_pdbx_validate_planes.PDB_model_num   1 
_pdbx_validate_planes.auth_comp_id    ARG 
_pdbx_validate_planes.auth_asym_id    A 
_pdbx_validate_planes.auth_seq_id     85 
_pdbx_validate_planes.PDB_ins_code    ? 
_pdbx_validate_planes.label_alt_id    ? 
_pdbx_validate_planes.rmsd            0.075 
_pdbx_validate_planes.type            'SIDE CHAIN' 
# 
loop_
_chem_comp_atom.comp_id 
_chem_comp_atom.atom_id 
_chem_comp_atom.type_symbol 
_chem_comp_atom.pdbx_aromatic_flag 
_chem_comp_atom.pdbx_stereo_config 
_chem_comp_atom.pdbx_ordinal 
ALA N    N  N N 1   
ALA CA   C  N S 2   
ALA C    C  N N 3   
ALA O    O  N N 4   
ALA CB   C  N N 5   
ALA OXT  O  N N 6   
ALA H    H  N N 7   
ALA H2   H  N N 8   
ALA HA   H  N N 9   
ALA HB1  H  N N 10  
ALA HB2  H  N N 11  
ALA HB3  H  N N 12  
ALA HXT  H  N N 13  
ARG N    N  N N 14  
ARG CA   C  N S 15  
ARG C    C  N N 16  
ARG O    O  N N 17  
ARG CB   C  N N 18  
ARG CG   C  N N 19  
ARG CD   C  N N 20  
ARG NE   N  N N 21  
ARG CZ   C  N N 22  
ARG NH1  N  N N 23  
ARG NH2  N  N N 24  
ARG OXT  O  N N 25  
ARG H    H  N N 26  
ARG H2   H  N N 27  
ARG HA   H  N N 28  
ARG HB2  H  N N 29  
ARG HB3  H  N N 30  
ARG HG2  H  N N 31  
ARG HG3  H  N N 32  
ARG HD2  H  N N 33  
ARG HD3  H  N N 34  
ARG HE   H  N N 35  
ARG HH11 H  N N 36  
ARG HH12 H  N N 37  
ARG HH21 H  N N 38  
ARG HH22 H  N N 39  
ARG HXT  H  N N 40  
ASN N    N  N N 41  
ASN CA   C  N S 42  
ASN C    C  N N 43  
ASN O    O  N N 44  
ASN CB   C  N N 45  
ASN CG   C  N N 46  
ASN OD1  O  N N 47  
ASN ND2  N  N N 48  
ASN OXT  O  N N 49  
ASN H    H  N N 50  
ASN H2   H  N N 51  
ASN HA   H  N N 52  
ASN HB2  H  N N 53  
ASN HB3  H  N N 54  
ASN HD21 H  N N 55  
ASN HD22 H  N N 56  
ASN HXT  H  N N 57  
ASP N    N  N N 58  
ASP CA   C  N S 59  
ASP C    C  N N 60  
ASP O    O  N N 61  
ASP CB   C  N N 62  
ASP CG   C  N N 63  
ASP OD1  O  N N 64  
ASP OD2  O  N N 65  
ASP OXT  O  N N 66  
ASP H    H  N N 67  
ASP H2   H  N N 68  
ASP HA   H  N N 69  
ASP HB2  H  N N 70  
ASP HB3  H  N N 71  
ASP HD2  H  N N 72  
ASP HXT  H  N N 73  
CL  CL   CL N N 74  
CYS N    N  N N 75  
CYS CA   C  N R 76  
CYS C    C  N N 77  
CYS O    O  N N 78  
CYS CB   C  N N 79  
CYS SG   S  N N 80  
CYS OXT  O  N N 81  
CYS H    H  N N 82  
CYS H2   H  N N 83  
CYS HA   H  N N 84  
CYS HB2  H  N N 85  
CYS HB3  H  N N 86  
CYS HG   H  N N 87  
CYS HXT  H  N N 88  
FMT C    C  N N 89  
FMT O1   O  N N 90  
FMT O2   O  N N 91  
FMT H    H  N N 92  
FMT HO2  H  N N 93  
GLN N    N  N N 94  
GLN CA   C  N S 95  
GLN C    C  N N 96  
GLN O    O  N N 97  
GLN CB   C  N N 98  
GLN CG   C  N N 99  
GLN CD   C  N N 100 
GLN OE1  O  N N 101 
GLN NE2  N  N N 102 
GLN OXT  O  N N 103 
GLN H    H  N N 104 
GLN H2   H  N N 105 
GLN HA   H  N N 106 
GLN HB2  H  N N 107 
GLN HB3  H  N N 108 
GLN HG2  H  N N 109 
GLN HG3  H  N N 110 
GLN HE21 H  N N 111 
GLN HE22 H  N N 112 
GLN HXT  H  N N 113 
GLU N    N  N N 114 
GLU CA   C  N S 115 
GLU C    C  N N 116 
GLU O    O  N N 117 
GLU CB   C  N N 118 
GLU CG   C  N N 119 
GLU CD   C  N N 120 
GLU OE1  O  N N 121 
GLU OE2  O  N N 122 
GLU OXT  O  N N 123 
GLU H    H  N N 124 
GLU H2   H  N N 125 
GLU HA   H  N N 126 
GLU HB2  H  N N 127 
GLU HB3  H  N N 128 
GLU HG2  H  N N 129 
GLU HG3  H  N N 130 
GLU HE2  H  N N 131 
GLU HXT  H  N N 132 
GLY N    N  N N 133 
GLY CA   C  N N 134 
GLY C    C  N N 135 
GLY O    O  N N 136 
GLY OXT  O  N N 137 
GLY H    H  N N 138 
GLY H2   H  N N 139 
GLY HA2  H  N N 140 
GLY HA3  H  N N 141 
GLY HXT  H  N N 142 
HIS N    N  N N 143 
HIS CA   C  N S 144 
HIS C    C  N N 145 
HIS O    O  N N 146 
HIS CB   C  N N 147 
HIS CG   C  Y N 148 
HIS ND1  N  Y N 149 
HIS CD2  C  Y N 150 
HIS CE1  C  Y N 151 
HIS NE2  N  Y N 152 
HIS OXT  O  N N 153 
HIS H    H  N N 154 
HIS H2   H  N N 155 
HIS HA   H  N N 156 
HIS HB2  H  N N 157 
HIS HB3  H  N N 158 
HIS HD1  H  N N 159 
HIS HD2  H  N N 160 
HIS HE1  H  N N 161 
HIS HE2  H  N N 162 
HIS HXT  H  N N 163 
HOH O    O  N N 164 
HOH H1   H  N N 165 
HOH H2   H  N N 166 
ILE N    N  N N 167 
ILE CA   C  N S 168 
ILE C    C  N N 169 
ILE O    O  N N 170 
ILE CB   C  N S 171 
ILE CG1  C  N N 172 
ILE CG2  C  N N 173 
ILE CD1  C  N N 174 
ILE OXT  O  N N 175 
ILE H    H  N N 176 
ILE H2   H  N N 177 
ILE HA   H  N N 178 
ILE HB   H  N N 179 
ILE HG12 H  N N 180 
ILE HG13 H  N N 181 
ILE HG21 H  N N 182 
ILE HG22 H  N N 183 
ILE HG23 H  N N 184 
ILE HD11 H  N N 185 
ILE HD12 H  N N 186 
ILE HD13 H  N N 187 
ILE HXT  H  N N 188 
LEU N    N  N N 189 
LEU CA   C  N S 190 
LEU C    C  N N 191 
LEU O    O  N N 192 
LEU CB   C  N N 193 
LEU CG   C  N N 194 
LEU CD1  C  N N 195 
LEU CD2  C  N N 196 
LEU OXT  O  N N 197 
LEU H    H  N N 198 
LEU H2   H  N N 199 
LEU HA   H  N N 200 
LEU HB2  H  N N 201 
LEU HB3  H  N N 202 
LEU HG   H  N N 203 
LEU HD11 H  N N 204 
LEU HD12 H  N N 205 
LEU HD13 H  N N 206 
LEU HD21 H  N N 207 
LEU HD22 H  N N 208 
LEU HD23 H  N N 209 
LEU HXT  H  N N 210 
LYS N    N  N N 211 
LYS CA   C  N S 212 
LYS C    C  N N 213 
LYS O    O  N N 214 
LYS CB   C  N N 215 
LYS CG   C  N N 216 
LYS CD   C  N N 217 
LYS CE   C  N N 218 
LYS NZ   N  N N 219 
LYS OXT  O  N N 220 
LYS H    H  N N 221 
LYS H2   H  N N 222 
LYS HA   H  N N 223 
LYS HB2  H  N N 224 
LYS HB3  H  N N 225 
LYS HG2  H  N N 226 
LYS HG3  H  N N 227 
LYS HD2  H  N N 228 
LYS HD3  H  N N 229 
LYS HE2  H  N N 230 
LYS HE3  H  N N 231 
LYS HZ1  H  N N 232 
LYS HZ2  H  N N 233 
LYS HZ3  H  N N 234 
LYS HXT  H  N N 235 
MET N    N  N N 236 
MET CA   C  N S 237 
MET C    C  N N 238 
MET O    O  N N 239 
MET CB   C  N N 240 
MET CG   C  N N 241 
MET SD   S  N N 242 
MET CE   C  N N 243 
MET OXT  O  N N 244 
MET H    H  N N 245 
MET H2   H  N N 246 
MET HA   H  N N 247 
MET HB2  H  N N 248 
MET HB3  H  N N 249 
MET HG2  H  N N 250 
MET HG3  H  N N 251 
MET HE1  H  N N 252 
MET HE2  H  N N 253 
MET HE3  H  N N 254 
MET HXT  H  N N 255 
PHE N    N  N N 256 
PHE CA   C  N S 257 
PHE C    C  N N 258 
PHE O    O  N N 259 
PHE CB   C  N N 260 
PHE CG   C  Y N 261 
PHE CD1  C  Y N 262 
PHE CD2  C  Y N 263 
PHE CE1  C  Y N 264 
PHE CE2  C  Y N 265 
PHE CZ   C  Y N 266 
PHE OXT  O  N N 267 
PHE H    H  N N 268 
PHE H2   H  N N 269 
PHE HA   H  N N 270 
PHE HB2  H  N N 271 
PHE HB3  H  N N 272 
PHE HD1  H  N N 273 
PHE HD2  H  N N 274 
PHE HE1  H  N N 275 
PHE HE2  H  N N 276 
PHE HZ   H  N N 277 
PHE HXT  H  N N 278 
PRO N    N  N N 279 
PRO CA   C  N S 280 
PRO C    C  N N 281 
PRO O    O  N N 282 
PRO CB   C  N N 283 
PRO CG   C  N N 284 
PRO CD   C  N N 285 
PRO OXT  O  N N 286 
PRO H    H  N N 287 
PRO HA   H  N N 288 
PRO HB2  H  N N 289 
PRO HB3  H  N N 290 
PRO HG2  H  N N 291 
PRO HG3  H  N N 292 
PRO HD2  H  N N 293 
PRO HD3  H  N N 294 
PRO HXT  H  N N 295 
SER N    N  N N 296 
SER CA   C  N S 297 
SER C    C  N N 298 
SER O    O  N N 299 
SER CB   C  N N 300 
SER OG   O  N N 301 
SER OXT  O  N N 302 
SER H    H  N N 303 
SER H2   H  N N 304 
SER HA   H  N N 305 
SER HB2  H  N N 306 
SER HB3  H  N N 307 
SER HG   H  N N 308 
SER HXT  H  N N 309 
THR N    N  N N 310 
THR CA   C  N S 311 
THR C    C  N N 312 
THR O    O  N N 313 
THR CB   C  N R 314 
THR OG1  O  N N 315 
THR CG2  C  N N 316 
THR OXT  O  N N 317 
THR H    H  N N 318 
THR H2   H  N N 319 
THR HA   H  N N 320 
THR HB   H  N N 321 
THR HG1  H  N N 322 
THR HG21 H  N N 323 
THR HG22 H  N N 324 
THR HG23 H  N N 325 
THR HXT  H  N N 326 
TYR N    N  N N 327 
TYR CA   C  N S 328 
TYR C    C  N N 329 
TYR O    O  N N 330 
TYR CB   C  N N 331 
TYR CG   C  Y N 332 
TYR CD1  C  Y N 333 
TYR CD2  C  Y N 334 
TYR CE1  C  Y N 335 
TYR CE2  C  Y N 336 
TYR CZ   C  Y N 337 
TYR OH   O  N N 338 
TYR OXT  O  N N 339 
TYR H    H  N N 340 
TYR H2   H  N N 341 
TYR HA   H  N N 342 
TYR HB2  H  N N 343 
TYR HB3  H  N N 344 
TYR HD1  H  N N 345 
TYR HD2  H  N N 346 
TYR HE1  H  N N 347 
TYR HE2  H  N N 348 
TYR HH   H  N N 349 
TYR HXT  H  N N 350 
VAL N    N  N N 351 
VAL CA   C  N S 352 
VAL C    C  N N 353 
VAL O    O  N N 354 
VAL CB   C  N N 355 
VAL CG1  C  N N 356 
VAL CG2  C  N N 357 
VAL OXT  O  N N 358 
VAL H    H  N N 359 
VAL H2   H  N N 360 
VAL HA   H  N N 361 
VAL HB   H  N N 362 
VAL HG11 H  N N 363 
VAL HG12 H  N N 364 
VAL HG13 H  N N 365 
VAL HG21 H  N N 366 
VAL HG22 H  N N 367 
VAL HG23 H  N N 368 
VAL HXT  H  N N 369 
VVU C1   C  N N 370 
VVU C2   C  N N 371 
VVU C3   C  N N 372 
VVU C4   C  N N 373 
VVU C5   C  N N 374 
VVU C6   C  N N 375 
VVU C7   C  N N 376 
VVU O2   O  N N 377 
VVU O3   O  N N 378 
VVU O4   O  N N 379 
VVU RH1  RH N N 380 
VVU RH2  RH N N 381 
VVU O1   O  N N 382 
VVU O0   O  N N 383 
VVU O9   O  N N 384 
VVU O7   O  N N 385 
VVU O8   O  N N 386 
VVU C8   C  N N 387 
VVU H1   H  N N 388 
VVU H2   H  N N 389 
VVU H3   H  N N 390 
VVU H4   H  N N 391 
VVU H5   H  N N 392 
VVU H6   H  N N 393 
VVU H7   H  N N 394 
VVU H8   H  N N 395 
VVU H9   H  N N 396 
VVU H10  H  N N 397 
VVU H11  H  N N 398 
VVU H12  H  N N 399 
VVU H13  H  N N 400 
VVU H14  H  N N 401 
VVU H15  H  N N 402 
VVU H16  H  N N 403 
VW5 O8   O  N N 404 
VW5 RH3  RH N N 405 
VW5 O5   O  N N 406 
VW5 RH4  RH N N 407 
VW5 O6   O  N N 408 
VW5 O7   O  N N 409 
VW5 H8   H  N N 410 
VW5 H5   H  N N 411 
VW5 H6   H  N N 412 
VW5 H7   H  N N 413 
VW5 O3   O  N N 414 
VW5 O1   O  N N 415 
VW5 O4   O  N N 416 
VW5 O2   O  N N 417 
VW5 H1   H  N N 418 
VW5 H2   H  N N 419 
VW5 H4   H  N N 420 
VW5 H3   H  N N 421 
# 
loop_
_chem_comp_bond.comp_id 
_chem_comp_bond.atom_id_1 
_chem_comp_bond.atom_id_2 
_chem_comp_bond.value_order 
_chem_comp_bond.pdbx_aromatic_flag 
_chem_comp_bond.pdbx_stereo_config 
_chem_comp_bond.pdbx_ordinal 
ALA N   CA   sing N N 1   
ALA N   H    sing N N 2   
ALA N   H2   sing N N 3   
ALA CA  C    sing N N 4   
ALA CA  CB   sing N N 5   
ALA CA  HA   sing N N 6   
ALA C   O    doub N N 7   
ALA C   OXT  sing N N 8   
ALA CB  HB1  sing N N 9   
ALA CB  HB2  sing N N 10  
ALA CB  HB3  sing N N 11  
ALA OXT HXT  sing N N 12  
ARG N   CA   sing N N 13  
ARG N   H    sing N N 14  
ARG N   H2   sing N N 15  
ARG CA  C    sing N N 16  
ARG CA  CB   sing N N 17  
ARG CA  HA   sing N N 18  
ARG C   O    doub N N 19  
ARG C   OXT  sing N N 20  
ARG CB  CG   sing N N 21  
ARG CB  HB2  sing N N 22  
ARG CB  HB3  sing N N 23  
ARG CG  CD   sing N N 24  
ARG CG  HG2  sing N N 25  
ARG CG  HG3  sing N N 26  
ARG CD  NE   sing N N 27  
ARG CD  HD2  sing N N 28  
ARG CD  HD3  sing N N 29  
ARG NE  CZ   sing N N 30  
ARG NE  HE   sing N N 31  
ARG CZ  NH1  sing N N 32  
ARG CZ  NH2  doub N N 33  
ARG NH1 HH11 sing N N 34  
ARG NH1 HH12 sing N N 35  
ARG NH2 HH21 sing N N 36  
ARG NH2 HH22 sing N N 37  
ARG OXT HXT  sing N N 38  
ASN N   CA   sing N N 39  
ASN N   H    sing N N 40  
ASN N   H2   sing N N 41  
ASN CA  C    sing N N 42  
ASN CA  CB   sing N N 43  
ASN CA  HA   sing N N 44  
ASN C   O    doub N N 45  
ASN C   OXT  sing N N 46  
ASN CB  CG   sing N N 47  
ASN CB  HB2  sing N N 48  
ASN CB  HB3  sing N N 49  
ASN CG  OD1  doub N N 50  
ASN CG  ND2  sing N N 51  
ASN ND2 HD21 sing N N 52  
ASN ND2 HD22 sing N N 53  
ASN OXT HXT  sing N N 54  
ASP N   CA   sing N N 55  
ASP N   H    sing N N 56  
ASP N   H2   sing N N 57  
ASP CA  C    sing N N 58  
ASP CA  CB   sing N N 59  
ASP CA  HA   sing N N 60  
ASP C   O    doub N N 61  
ASP C   OXT  sing N N 62  
ASP CB  CG   sing N N 63  
ASP CB  HB2  sing N N 64  
ASP CB  HB3  sing N N 65  
ASP CG  OD1  doub N N 66  
ASP CG  OD2  sing N N 67  
ASP OD2 HD2  sing N N 68  
ASP OXT HXT  sing N N 69  
CYS N   CA   sing N N 70  
CYS N   H    sing N N 71  
CYS N   H2   sing N N 72  
CYS CA  C    sing N N 73  
CYS CA  CB   sing N N 74  
CYS CA  HA   sing N N 75  
CYS C   O    doub N N 76  
CYS C   OXT  sing N N 77  
CYS CB  SG   sing N N 78  
CYS CB  HB2  sing N N 79  
CYS CB  HB3  sing N N 80  
CYS SG  HG   sing N N 81  
CYS OXT HXT  sing N N 82  
FMT C   O1   doub N N 83  
FMT C   O2   sing N N 84  
FMT C   H    sing N N 85  
FMT O2  HO2  sing N N 86  
GLN N   CA   sing N N 87  
GLN N   H    sing N N 88  
GLN N   H2   sing N N 89  
GLN CA  C    sing N N 90  
GLN CA  CB   sing N N 91  
GLN CA  HA   sing N N 92  
GLN C   O    doub N N 93  
GLN C   OXT  sing N N 94  
GLN CB  CG   sing N N 95  
GLN CB  HB2  sing N N 96  
GLN CB  HB3  sing N N 97  
GLN CG  CD   sing N N 98  
GLN CG  HG2  sing N N 99  
GLN CG  HG3  sing N N 100 
GLN CD  OE1  doub N N 101 
GLN CD  NE2  sing N N 102 
GLN NE2 HE21 sing N N 103 
GLN NE2 HE22 sing N N 104 
GLN OXT HXT  sing N N 105 
GLU N   CA   sing N N 106 
GLU N   H    sing N N 107 
GLU N   H2   sing N N 108 
GLU CA  C    sing N N 109 
GLU CA  CB   sing N N 110 
GLU CA  HA   sing N N 111 
GLU C   O    doub N N 112 
GLU C   OXT  sing N N 113 
GLU CB  CG   sing N N 114 
GLU CB  HB2  sing N N 115 
GLU CB  HB3  sing N N 116 
GLU CG  CD   sing N N 117 
GLU CG  HG2  sing N N 118 
GLU CG  HG3  sing N N 119 
GLU CD  OE1  doub N N 120 
GLU CD  OE2  sing N N 121 
GLU OE2 HE2  sing N N 122 
GLU OXT HXT  sing N N 123 
GLY N   CA   sing N N 124 
GLY N   H    sing N N 125 
GLY N   H2   sing N N 126 
GLY CA  C    sing N N 127 
GLY CA  HA2  sing N N 128 
GLY CA  HA3  sing N N 129 
GLY C   O    doub N N 130 
GLY C   OXT  sing N N 131 
GLY OXT HXT  sing N N 132 
HIS N   CA   sing N N 133 
HIS N   H    sing N N 134 
HIS N   H2   sing N N 135 
HIS CA  C    sing N N 136 
HIS CA  CB   sing N N 137 
HIS CA  HA   sing N N 138 
HIS C   O    doub N N 139 
HIS C   OXT  sing N N 140 
HIS CB  CG   sing N N 141 
HIS CB  HB2  sing N N 142 
HIS CB  HB3  sing N N 143 
HIS CG  ND1  sing Y N 144 
HIS CG  CD2  doub Y N 145 
HIS ND1 CE1  doub Y N 146 
HIS ND1 HD1  sing N N 147 
HIS CD2 NE2  sing Y N 148 
HIS CD2 HD2  sing N N 149 
HIS CE1 NE2  sing Y N 150 
HIS CE1 HE1  sing N N 151 
HIS NE2 HE2  sing N N 152 
HIS OXT HXT  sing N N 153 
HOH O   H1   sing N N 154 
HOH O   H2   sing N N 155 
ILE N   CA   sing N N 156 
ILE N   H    sing N N 157 
ILE N   H2   sing N N 158 
ILE CA  C    sing N N 159 
ILE CA  CB   sing N N 160 
ILE CA  HA   sing N N 161 
ILE C   O    doub N N 162 
ILE C   OXT  sing N N 163 
ILE CB  CG1  sing N N 164 
ILE CB  CG2  sing N N 165 
ILE CB  HB   sing N N 166 
ILE CG1 CD1  sing N N 167 
ILE CG1 HG12 sing N N 168 
ILE CG1 HG13 sing N N 169 
ILE CG2 HG21 sing N N 170 
ILE CG2 HG22 sing N N 171 
ILE CG2 HG23 sing N N 172 
ILE CD1 HD11 sing N N 173 
ILE CD1 HD12 sing N N 174 
ILE CD1 HD13 sing N N 175 
ILE OXT HXT  sing N N 176 
LEU N   CA   sing N N 177 
LEU N   H    sing N N 178 
LEU N   H2   sing N N 179 
LEU CA  C    sing N N 180 
LEU CA  CB   sing N N 181 
LEU CA  HA   sing N N 182 
LEU C   O    doub N N 183 
LEU C   OXT  sing N N 184 
LEU CB  CG   sing N N 185 
LEU CB  HB2  sing N N 186 
LEU CB  HB3  sing N N 187 
LEU CG  CD1  sing N N 188 
LEU CG  CD2  sing N N 189 
LEU CG  HG   sing N N 190 
LEU CD1 HD11 sing N N 191 
LEU CD1 HD12 sing N N 192 
LEU CD1 HD13 sing N N 193 
LEU CD2 HD21 sing N N 194 
LEU CD2 HD22 sing N N 195 
LEU CD2 HD23 sing N N 196 
LEU OXT HXT  sing N N 197 
LYS N   CA   sing N N 198 
LYS N   H    sing N N 199 
LYS N   H2   sing N N 200 
LYS CA  C    sing N N 201 
LYS CA  CB   sing N N 202 
LYS CA  HA   sing N N 203 
LYS C   O    doub N N 204 
LYS C   OXT  sing N N 205 
LYS CB  CG   sing N N 206 
LYS CB  HB2  sing N N 207 
LYS CB  HB3  sing N N 208 
LYS CG  CD   sing N N 209 
LYS CG  HG2  sing N N 210 
LYS CG  HG3  sing N N 211 
LYS CD  CE   sing N N 212 
LYS CD  HD2  sing N N 213 
LYS CD  HD3  sing N N 214 
LYS CE  NZ   sing N N 215 
LYS CE  HE2  sing N N 216 
LYS CE  HE3  sing N N 217 
LYS NZ  HZ1  sing N N 218 
LYS NZ  HZ2  sing N N 219 
LYS NZ  HZ3  sing N N 220 
LYS OXT HXT  sing N N 221 
MET N   CA   sing N N 222 
MET N   H    sing N N 223 
MET N   H2   sing N N 224 
MET CA  C    sing N N 225 
MET CA  CB   sing N N 226 
MET CA  HA   sing N N 227 
MET C   O    doub N N 228 
MET C   OXT  sing N N 229 
MET CB  CG   sing N N 230 
MET CB  HB2  sing N N 231 
MET CB  HB3  sing N N 232 
MET CG  SD   sing N N 233 
MET CG  HG2  sing N N 234 
MET CG  HG3  sing N N 235 
MET SD  CE   sing N N 236 
MET CE  HE1  sing N N 237 
MET CE  HE2  sing N N 238 
MET CE  HE3  sing N N 239 
MET OXT HXT  sing N N 240 
PHE N   CA   sing N N 241 
PHE N   H    sing N N 242 
PHE N   H2   sing N N 243 
PHE CA  C    sing N N 244 
PHE CA  CB   sing N N 245 
PHE CA  HA   sing N N 246 
PHE C   O    doub N N 247 
PHE C   OXT  sing N N 248 
PHE CB  CG   sing N N 249 
PHE CB  HB2  sing N N 250 
PHE CB  HB3  sing N N 251 
PHE CG  CD1  doub Y N 252 
PHE CG  CD2  sing Y N 253 
PHE CD1 CE1  sing Y N 254 
PHE CD1 HD1  sing N N 255 
PHE CD2 CE2  doub Y N 256 
PHE CD2 HD2  sing N N 257 
PHE CE1 CZ   doub Y N 258 
PHE CE1 HE1  sing N N 259 
PHE CE2 CZ   sing Y N 260 
PHE CE2 HE2  sing N N 261 
PHE CZ  HZ   sing N N 262 
PHE OXT HXT  sing N N 263 
PRO N   CA   sing N N 264 
PRO N   CD   sing N N 265 
PRO N   H    sing N N 266 
PRO CA  C    sing N N 267 
PRO CA  CB   sing N N 268 
PRO CA  HA   sing N N 269 
PRO C   O    doub N N 270 
PRO C   OXT  sing N N 271 
PRO CB  CG   sing N N 272 
PRO CB  HB2  sing N N 273 
PRO CB  HB3  sing N N 274 
PRO CG  CD   sing N N 275 
PRO CG  HG2  sing N N 276 
PRO CG  HG3  sing N N 277 
PRO CD  HD2  sing N N 278 
PRO CD  HD3  sing N N 279 
PRO OXT HXT  sing N N 280 
SER N   CA   sing N N 281 
SER N   H    sing N N 282 
SER N   H2   sing N N 283 
SER CA  C    sing N N 284 
SER CA  CB   sing N N 285 
SER CA  HA   sing N N 286 
SER C   O    doub N N 287 
SER C   OXT  sing N N 288 
SER CB  OG   sing N N 289 
SER CB  HB2  sing N N 290 
SER CB  HB3  sing N N 291 
SER OG  HG   sing N N 292 
SER OXT HXT  sing N N 293 
THR N   CA   sing N N 294 
THR N   H    sing N N 295 
THR N   H2   sing N N 296 
THR CA  C    sing N N 297 
THR CA  CB   sing N N 298 
THR CA  HA   sing N N 299 
THR C   O    doub N N 300 
THR C   OXT  sing N N 301 
THR CB  OG1  sing N N 302 
THR CB  CG2  sing N N 303 
THR CB  HB   sing N N 304 
THR OG1 HG1  sing N N 305 
THR CG2 HG21 sing N N 306 
THR CG2 HG22 sing N N 307 
THR CG2 HG23 sing N N 308 
THR OXT HXT  sing N N 309 
TYR N   CA   sing N N 310 
TYR N   H    sing N N 311 
TYR N   H2   sing N N 312 
TYR CA  C    sing N N 313 
TYR CA  CB   sing N N 314 
TYR CA  HA   sing N N 315 
TYR C   O    doub N N 316 
TYR C   OXT  sing N N 317 
TYR CB  CG   sing N N 318 
TYR CB  HB2  sing N N 319 
TYR CB  HB3  sing N N 320 
TYR CG  CD1  doub Y N 321 
TYR CG  CD2  sing Y N 322 
TYR CD1 CE1  sing Y N 323 
TYR CD1 HD1  sing N N 324 
TYR CD2 CE2  doub Y N 325 
TYR CD2 HD2  sing N N 326 
TYR CE1 CZ   doub Y N 327 
TYR CE1 HE1  sing N N 328 
TYR CE2 CZ   sing Y N 329 
TYR CE2 HE2  sing N N 330 
TYR CZ  OH   sing N N 331 
TYR OH  HH   sing N N 332 
TYR OXT HXT  sing N N 333 
VAL N   CA   sing N N 334 
VAL N   H    sing N N 335 
VAL N   H2   sing N N 336 
VAL CA  C    sing N N 337 
VAL CA  CB   sing N N 338 
VAL CA  HA   sing N N 339 
VAL C   O    doub N N 340 
VAL C   OXT  sing N N 341 
VAL CB  CG1  sing N N 342 
VAL CB  CG2  sing N N 343 
VAL CB  HB   sing N N 344 
VAL CG1 HG11 sing N N 345 
VAL CG1 HG12 sing N N 346 
VAL CG1 HG13 sing N N 347 
VAL CG2 HG21 sing N N 348 
VAL CG2 HG22 sing N N 349 
VAL CG2 HG23 sing N N 350 
VAL OXT HXT  sing N N 351 
VVU C2  C1   sing N N 352 
VVU C1  O1   sing N N 353 
VVU C1  O2   sing N N 354 
VVU C4  C3   sing N N 355 
VVU O1  RH1  sing N N 356 
VVU O2  RH2  sing N N 357 
VVU C3  O7   sing N N 358 
VVU C3  O8   sing N N 359 
VVU O7  RH1  sing N N 360 
VVU O8  RH2  sing N N 361 
VVU RH1 RH2  sing N N 362 
VVU RH1 O0   sing N N 363 
VVU RH1 O3   sing N N 364 
VVU RH2 O9   sing N N 365 
VVU RH2 O4   sing N N 366 
VVU O0  C5   sing N N 367 
VVU C5  O9   sing N N 368 
VVU C5  C6   sing N N 369 
VVU O3  C7   sing N N 370 
VVU O4  C7   sing N N 371 
VVU C7  C8   sing N N 372 
VVU C1  H1   sing N N 373 
VVU C2  H2   sing N N 374 
VVU C2  H3   sing N N 375 
VVU C2  H4   sing N N 376 
VVU C3  H5   sing N N 377 
VVU C4  H6   sing N N 378 
VVU C4  H7   sing N N 379 
VVU C4  H8   sing N N 380 
VVU C5  H9   sing N N 381 
VVU C6  H10  sing N N 382 
VVU C6  H11  sing N N 383 
VVU C6  H12  sing N N 384 
VVU C7  H13  sing N N 385 
VVU C8  H14  sing N N 386 
VVU C8  H15  sing N N 387 
VVU C8  H16  sing N N 388 
VW5 O7  RH3  sing N N 389 
VW5 RH3 O8   sing N N 390 
VW5 RH3 RH4  sing N N 391 
VW5 O5  RH4  sing N N 392 
VW5 RH4 O6   sing N N 393 
VW5 O8  H8   sing N N 394 
VW5 O5  H5   sing N N 395 
VW5 O6  H6   sing N N 396 
VW5 O7  H7   sing N N 397 
VW5 RH4 O3   sing N N 398 
VW5 RH3 O1   sing N N 399 
VW5 RH3 O4   sing N N 400 
VW5 RH4 O2   sing N N 401 
VW5 O1  H1   sing N N 402 
VW5 O2  H2   sing N N 403 
VW5 O4  H4   sing N N 404 
VW5 O3  H3   sing N N 405 
# 
loop_
_pdbx_audit_support.funding_organization 
_pdbx_audit_support.country 
_pdbx_audit_support.grant_number 
_pdbx_audit_support.ordinal 
'University of Naples Federico II'                  Italy ?          1 
'Compagnia di San Paolo Foundation'                 Italy ?          2 
'Japan Society for the Promotion of Science (JSPS)' Japan 22H00347   3 
'Japan Society for the Promotion of Science (JSPS)' Japan JP18H05421 4 
# 
_pdbx_initial_refinement_model.id               1 
_pdbx_initial_refinement_model.entity_id_list   ? 
_pdbx_initial_refinement_model.type             'experimental model' 
_pdbx_initial_refinement_model.source_name      PDB 
_pdbx_initial_refinement_model.accession_code   5OGH 
_pdbx_initial_refinement_model.details          ? 
# 
_atom_sites.entry_id                    8OQG 
_atom_sites.Cartn_transf_matrix[1][1]   ? 
_atom_sites.Cartn_transf_matrix[1][2]   ? 
_atom_sites.Cartn_transf_matrix[1][3]   ? 
_atom_sites.Cartn_transf_matrix[2][1]   ? 
_atom_sites.Cartn_transf_matrix[2][2]   ? 
_atom_sites.Cartn_transf_matrix[2][3]   ? 
_atom_sites.Cartn_transf_matrix[3][1]   ? 
_atom_sites.Cartn_transf_matrix[3][2]   ? 
_atom_sites.Cartn_transf_matrix[3][3]   ? 
_atom_sites.Cartn_transf_vector[1]      ? 
_atom_sites.Cartn_transf_vector[2]      ? 
_atom_sites.Cartn_transf_vector[3]      ? 
_atom_sites.fract_transf_matrix[1][1]   0.00474528 
_atom_sites.fract_transf_matrix[1][2]   0.01471034 
_atom_sites.fract_transf_matrix[1][3]   -0.00746173 
_atom_sites.fract_transf_matrix[2][1]   -0.00442558 
_atom_sites.fract_transf_matrix[2][2]   0.01501281 
_atom_sites.fract_transf_matrix[2][3]   0.00704261 
_atom_sites.fract_transf_matrix[3][1]   0.01282597 
_atom_sites.fract_transf_matrix[3][2]   -0.00002359 
_atom_sites.fract_transf_matrix[3][3]   0.00811015 
_atom_sites.fract_transf_vector[1]      -0.338631 
_atom_sites.fract_transf_vector[2]      0.162416 
_atom_sites.fract_transf_vector[3]      0.081404 
_atom_sites.solution_primary            ? 
_atom_sites.solution_secondary          ? 
_atom_sites.solution_hydrogens          ? 
_atom_sites.special_details             ? 
# 
loop_
_atom_type.symbol 
_atom_type.pdbx_scat_Z 
_atom_type.pdbx_N_electrons 
_atom_type.scat_Cromer_Mann_a1 
_atom_type.scat_Cromer_Mann_b1 
_atom_type.scat_Cromer_Mann_a2 
_atom_type.scat_Cromer_Mann_b2 
_atom_type.scat_Cromer_Mann_a3 
_atom_type.scat_Cromer_Mann_b3 
_atom_type.scat_Cromer_Mann_a4 
_atom_type.scat_Cromer_Mann_b4 
_atom_type.scat_Cromer_Mann_c 
C  6  6  2.3103  20.8439 1.0201  10.2075 1.5888 0.5687  0.8651 51.6512 0.2156   
CL 17 17 11.4601 0.0104  7.1962  1.1662  6.2554 18.5194 1.6455 47.7784 -9.2115  
H  1  1  0.4930  10.5109 0.3229  26.1257 0.1402 3.1424  0.0408 57.7997 0.0030   
N  7  7  12.2220 0.0057  3.1346  9.8933  2.0141 28.9975 1.1672 0.5826  -11.5379 
O  8  8  3.0487  13.2771 2.2870  5.7011  1.5464 0.3239  0.8671 32.9089 0.2508   
RH 45 45 19.2969 0.7515  14.3510 8.2176  4.7345 25.8749 1.2893 98.6062 5.2464   
S  16 16 6.9054  1.4679  5.2035  22.2151 1.4379 0.2536  1.5863 56.1720 1.1842   
# 
loop_
_atom_site.group_PDB 
_atom_site.id 
_atom_site.type_symbol 
_atom_site.label_atom_id 
_atom_site.label_alt_id 
_atom_site.label_comp_id 
_atom_site.label_asym_id 
_atom_site.label_entity_id 
_atom_site.label_seq_id 
_atom_site.pdbx_PDB_ins_code 
_atom_site.Cartn_x 
_atom_site.Cartn_y 
_atom_site.Cartn_z 
_atom_site.occupancy 
_atom_site.B_iso_or_equiv 
_atom_site.pdbx_formal_charge 
_atom_site.auth_seq_id 
_atom_site.auth_comp_id 
_atom_site.auth_asym_id 
_atom_site.auth_atom_id 
_atom_site.pdbx_PDB_model_num 
_atom_site.calc_flag 
ATOM   1    N  N   . LYS A 1 1   ? 2.219   17.010  -9.903  1.000 50.378 0 1   LYS A N   1 ? 
ATOM   2    C  CA  . LYS A 1 1   ? 1.331   17.899  -9.106  1.000 45.826 0 1   LYS A CA  1 ? 
ATOM   3    C  C   . LYS A 1 1   ? 0.925   17.253  -7.779  1.000 33.142 0 1   LYS A C   1 ? 
ATOM   4    O  O   . LYS A 1 1   ? 0.849   17.964  -6.787  1.000 36.131 0 1   LYS A O   1 ? 
ATOM   5    C  CB  . LYS A 1 1   ? 0.077   18.298  -9.875  1.000 47.397 0 1   LYS A CB  1 ? 
ATOM   6    C  CG  . LYS A 1 1   ? -0.947  19.078  -9.055  1.000 47.371 0 1   LYS A CG  1 ? 
ATOM   7    C  CD  . LYS A 1 1   ? -2.020  19.797  -9.846  1.000 49.274 0 1   LYS A CD  1 ? 
ATOM   8    C  CE  . LYS A 1 1   ? -2.315  19.137  -11.180 1.000 51.685 0 1   LYS A CE  1 ? 
ATOM   9    N  NZ  . LYS A 1 1   ? -3.480  19.684  -11.916 1.000 47.497 0 1   LYS A NZ  1 ? 
ATOM   10   N  N   . GLU A 1 2   ? 0.674   15.942  -7.737  1.000 28.742 0 2   GLU A N   1 ? 
ATOM   11   C  CA  . GLU A 1 2   ? 0.582   15.237  -6.458  1.000 27.508 0 2   GLU A CA  1 ? 
ATOM   12   C  C   . GLU A 1 2   ? 1.972   15.158  -5.826  1.000 25.063 0 2   GLU A C   1 ? 
ATOM   13   O  O   . GLU A 1 2   ? 2.883   14.736  -6.529  1.000 26.885 0 2   GLU A O   1 ? 
ATOM   14   C  CB  . GLU A 1 2   ? 0.126   13.804  -6.720  1.000 30.623 0 2   GLU A CB  1 ? 
ATOM   15   C  CG  . GLU A 1 2   ? -0.991  13.364  -5.841  1.000 28.697 0 2   GLU A CG  1 ? 
ATOM   16   C  CD  . GLU A 1 2   ? -1.485  11.965  -6.154  1.000 25.142 0 2   GLU A CD  1 ? 
ATOM   17   O  OE1 . GLU A 1 2   ? -0.890  11.297  -7.022  1.000 24.689 0 2   GLU A OE1 1 ? 
ATOM   18   O  OE2 . GLU A 1 2   ? -2.492  11.569  -5.555  1.000 21.911 0 2   GLU A OE2 1 ? 
ATOM   19   N  N   . THR A 1 3   ? 2.149   15.556  -4.565  1.000 22.850 0 3   THR A N   1 ? 
ATOM   20   C  CA  . THR A 1 3   ? 3.391   15.283  -3.848  1.000 26.679 0 3   THR A CA  1 ? 
ATOM   21   C  C   . THR A 1 3   ? 3.579   13.766  -3.678  1.000 27.141 0 3   THR A C   1 ? 
ATOM   22   O  O   . THR A 1 3   ? 2.617   13.010  -3.810  1.000 21.226 0 3   THR A O   1 ? 
ATOM   23   C  CB  . THR A 1 3   ? 3.432   15.965  -2.483  1.000 28.369 0 3   THR A CB  1 ? 
ATOM   24   O  OG1 . THR A 1 3   ? 2.434   15.412  -1.628  1.000 28.723 0 3   THR A OG1 1 ? 
ATOM   25   C  CG2 . THR A 1 3   ? 3.232   17.464  -2.585  1.000 29.451 0 3   THR A CG2 1 ? 
ATOM   26   N  N   . ALA A 1 4   ? 4.818   13.315  -3.425  1.000 24.413 0 4   ALA A N   1 ? 
ATOM   27   C  CA  . ALA A 1 4   ? 5.076   11.901  -3.153  1.000 24.004 0 4   ALA A CA  1 ? 
ATOM   28   C  C   . ALA A 1 4   ? 4.267   11.423  -1.937  1.000 19.423 0 4   ALA A C   1 ? 
ATOM   29   O  O   . ALA A 1 4   ? 3.684   10.336  -1.972  1.000 18.984 0 4   ALA A O   1 ? 
ATOM   30   C  CB  . ALA A 1 4   ? 6.568   11.693  -2.975  1.000 25.228 0 4   ALA A CB  1 ? 
ATOM   31   N  N   . ALA A 1 5   ? 4.153   12.258  -0.894  1.000 17.943 0 5   ALA A N   1 ? 
ATOM   32   C  CA  . ALA A 1 5   ? 3.416   11.869  0.303   1.000 18.317 0 5   ALA A CA  1 ? 
ATOM   33   C  C   . ALA A 1 5   ? 1.919   11.704  -0.003  1.000 18.118 0 5   ALA A C   1 ? 
ATOM   34   O  O   . ALA A 1 5   ? 1.246   10.769  0.470   1.000 16.297 0 5   ALA A O   1 ? 
ATOM   35   C  CB  . ALA A 1 5   ? 3.634   12.866  1.423   1.000 19.458 0 5   ALA A CB  1 ? 
ATOM   36   N  N   . ALA A 1 6   ? 1.375   12.593  -0.859  1.000 15.642 0 6   ALA A N   1 ? 
ATOM   37   C  CA  . ALA A 1 6   ? -0.033  12.512  -1.192  1.000 16.856 0 6   ALA A CA  1 ? 
ATOM   38   C  C   . ALA A 1 6   ? -0.306  11.290  -2.052  1.000 15.197 0 6   ALA A C   1 ? 
ATOM   39   O  O   . ALA A 1 6   ? -1.341  10.649  -1.915  1.000 16.808 0 6   ALA A O   1 ? 
ATOM   40   C  CB  . ALA A 1 6   ? -0.490  13.780  -1.901  1.000 20.151 0 6   ALA A CB  1 ? 
ATOM   41   N  N   . LYS A 1 7   ? 0.605   10.952  -2.947  1.000 15.356 0 7   LYS A N   1 ? 
ATOM   42   C  CA  . LYS A 1 7   ? 0.431   9.803   -3.811  1.000 16.346 0 7   LYS A CA  1 ? 
ATOM   43   C  C   . LYS A 1 7   ? 0.491   8.512   -2.981  1.000 14.171 0 7   LYS A C   1 ? 
ATOM   44   O  O   . LYS A 1 7   ? -0.269  7.582   -3.214  1.000 14.710 0 7   LYS A O   1 ? 
ATOM   45   C  CB  . LYS A 1 7   ? 1.536   9.763   -4.877  1.000 19.848 0 7   LYS A CB  1 ? 
ATOM   46   C  CG  . LYS A 1 7   ? 1.476   8.585   -5.837  1.000 22.408 0 7   LYS A CG  1 ? 
ATOM   47   C  CD  . LYS A 1 7   ? 2.609   8.593   -6.888  1.000 26.914 0 7   LYS A CD  1 ? 
ATOM   48   C  CE  . LYS A 1 7   ? 2.612   7.397   -7.818  0.590 26.683 0 7   LYS A CE  1 ? 
ATOM   49   N  NZ  . LYS A 1 7   ? 3.700   7.492   -8.819  0.230 26.851 0 7   LYS A NZ  1 ? 
ATOM   50   N  N   . PHE A 1 8   ? 1.376   8.459   -2.000  1.000 14.469 0 8   PHE A N   1 ? 
ATOM   51   C  CA  . PHE A 1 8   ? 1.402   7.317   -1.067  1.000 13.950 0 8   PHE A CA  1 ? 
ATOM   52   C  C   . PHE A 1 8   ? 0.040   7.153   -0.389  1.000 14.079 0 8   PHE A C   1 ? 
ATOM   53   O  O   . PHE A 1 8   ? -0.501  6.043   -0.304  1.000 13.833 0 8   PHE A O   1 ? 
ATOM   54   C  CB  . PHE A 1 8   ? 2.502   7.522   -0.029  1.000 13.965 0 8   PHE A CB  1 ? 
ATOM   55   C  CG  . PHE A 1 8   ? 2.537   6.437   1.010   1.000 14.877 0 8   PHE A CG  1 ? 
ATOM   56   C  CD1 . PHE A 1 8   ? 1.706   6.497   2.110   1.000 15.059 0 8   PHE A CD1 1 ? 
ATOM   57   C  CD2 . PHE A 1 8   ? 3.338   5.325   0.834   1.000 15.552 0 8   PHE A CD2 1 ? 
ATOM   58   C  CE1 . PHE A 1 8   ? 1.679   5.456   3.032   1.000 15.754 0 8   PHE A CE1 1 ? 
ATOM   59   C  CE2 . PHE A 1 8   ? 3.331   4.309   1.781   1.000 15.173 0 8   PHE A CE2 1 ? 
ATOM   60   C  CZ  . PHE A 1 8   ? 2.527   4.383   2.875   1.000 15.145 0 8   PHE A CZ  1 ? 
ATOM   61   N  N   . GLU A 1 9   ? -0.556  8.264   0.089   1.000 15.060 0 9   GLU A N   1 ? 
ATOM   62   C  CA  . GLU A 1 9   ? -1.857  8.161   0.743   1.000 15.971 0 9   GLU A CA  1 ? 
ATOM   63   C  C   . GLU A 1 9   ? -2.892  7.585   -0.219  1.000 14.453 0 9   GLU A C   1 ? 
ATOM   64   O  O   . GLU A 1 9   ? -3.690  6.701   0.138   1.000 14.656 0 9   GLU A O   1 ? 
ATOM   65   C  CB  . GLU A 1 9   ? -2.311  9.505   1.305   1.000 17.593 0 9   GLU A CB  1 ? 
ATOM   66   C  CG  . GLU A 1 9   ? -1.494  9.950   2.497   1.000 21.248 0 9   GLU A CG  1 ? 
ATOM   67   C  CD  . GLU A 1 9   ? -1.588  11.431  2.884   1.000 27.785 0 9   GLU A CD  1 ? 
ATOM   68   O  OE1 . GLU A 1 9   ? -2.283  12.193  2.187   1.000 32.355 0 9   GLU A OE1 1 ? 
ATOM   69   O  OE2 . GLU A 1 9   ? -0.827  11.844  3.787   1.000 26.631 0 9   GLU A OE2 1 ? 
ATOM   70   N  N   . ARG A 1 10  ? -2.997  8.197   -1.414  1.000 13.529 0 10  ARG A N   1 ? 
ATOM   71   C  CA  . ARG A 1 10  ? -3.977  7.741   -2.386  1.000 14.753 0 10  ARG A CA  1 ? 
ATOM   72   C  C   . ARG A 1 10  ? -3.775  6.271   -2.762  1.000 13.883 0 10  ARG A C   1 ? 
ATOM   73   O  O   . ARG A 1 10  ? -4.752  5.506   -2.870  1.000 15.641 0 10  ARG A O   1 ? 
ATOM   74   C  CB  . ARG A 1 10  ? -3.927  8.610   -3.658  1.000 14.529 0 10  ARG A CB  1 ? 
ATOM   75   C  CG  . ARG A 1 10  ? -4.809  8.065   -4.764  1.000 16.953 0 10  ARG A CG  1 ? 
ATOM   76   C  CD  . ARG A 1 10  ? -4.981  8.984   -5.971  1.000 17.838 0 10  ARG A CD  1 ? 
ATOM   77   N  NE  . ARG A 1 10  ? -3.698  9.234   -6.602  1.000 19.058 0 10  ARG A NE  1 ? 
ATOM   78   C  CZ  . ARG A 1 10  ? -3.099  8.434   -7.465  1.000 20.765 0 10  ARG A CZ  1 ? 
ATOM   79   N  NH1 . ARG A 1 10  ? -3.736  7.407   -8.007  1.000 24.069 0 10  ARG A NH1 1 ? 
ATOM   80   N  NH2 . ARG A 1 10  ? -1.869  8.722   -7.838  1.000 25.387 0 10  ARG A NH2 1 ? 
ATOM   81   N  N   . GLN A 1 11  ? -2.525  5.844   -2.943  1.000 12.999 0 11  GLN A N   1 ? 
ATOM   82   C  CA  . GLN A 1 11  ? -2.313  4.464   -3.356  1.000 14.606 0 11  GLN A CA  1 ? 
ATOM   83   C  C   . GLN A 1 11  ? -2.487  3.467   -2.212  1.000 14.110 0 11  GLN A C   1 ? 
ATOM   84   O  O   . GLN A 1 11  ? -2.831  2.331   -2.504  1.000 16.727 0 11  GLN A O   1 ? 
ATOM   85   C  CB  . GLN A 1 11  ? -0.921  4.285   -3.960  1.000 16.782 0 11  GLN A CB  1 ? 
ATOM   86   C  CG  . GLN A 1 11  ? -0.793  4.984   -5.294  1.000 20.877 0 11  GLN A CG  1 ? 
ATOM   87   C  CD  . GLN A 1 11  ? 0.477   4.705   -6.063  1.000 28.430 0 11  GLN A CD  1 ? 
ATOM   88   O  OE1 . GLN A 1 11  ? 0.558   4.878   -7.285  1.000 36.559 0 11  GLN A OE1 1 ? 
ATOM   89   N  NE2 . GLN A 1 11  ? 1.493   4.295   -5.349  1.000 26.216 0 11  GLN A NE2 1 ? 
ATOM   90   N  N   . HIS A 1 12  ? -2.187  3.827   -0.955  1.000 12.221 0 12  HIS A N   1 ? 
ATOM   91   C  CA  . HIS A 1 12  ? -2.007  2.833   0.094   1.000 13.570 0 12  HIS A CA  1 ? 
ATOM   92   C  C   . HIS A 1 12  ? -2.889  2.990   1.327   1.000 14.963 0 12  HIS A C   1 ? 
ATOM   93   O  O   . HIS A 1 12  ? -2.945  2.026   2.111   1.000 15.405 0 12  HIS A O   1 ? 
ATOM   94   C  CB  . HIS A 1 12  ? -0.543  2.728   0.535   1.000 14.254 0 12  HIS A CB  1 ? 
ATOM   95   C  CG  . HIS A 1 12  ? 0.405   2.439   -0.566  1.000 13.992 0 12  HIS A CG  1 ? 
ATOM   96   N  ND1 . HIS A 1 12  ? 0.328   1.243   -1.234  1.000 14.053 0 12  HIS A ND1 1 ? 
ATOM   97   C  CD2 . HIS A 1 12  ? 1.327   3.158   -1.181  1.000 13.818 0 12  HIS A CD2 1 ? 
ATOM   98   C  CE1 . HIS A 1 12  ? 1.233   1.242   -2.199  1.000 14.873 0 12  HIS A CE1 1 ? 
ATOM   99   N  NE2 . HIS A 1 12  ? 1.864   2.394   -2.197  1.000 15.685 0 12  HIS A NE2 1 ? 
ATOM   100  N  N   . MET A 1 13  ? -3.502  4.161   1.573   1.000 13.113 0 13  MET A N   1 ? 
ATOM   101  C  CA  . MET A 1 13  ? -4.239  4.302   2.824   1.000 12.634 0 13  MET A CA  1 ? 
ATOM   102  C  C   . MET A 1 13  ? -5.726  3.942   2.676   1.000 13.698 0 13  MET A C   1 ? 
ATOM   103  O  O   . MET A 1 13  ? -6.391  4.488   1.818   1.000 14.312 0 13  MET A O   1 ? 
ATOM   104  C  CB  . MET A 1 13  ? -4.147  5.720   3.397   1.000 13.332 0 13  MET A CB  1 ? 
ATOM   105  C  CG  . MET A 1 13  ? -2.748  6.068   3.843   1.000 14.247 0 13  MET A CG  1 ? 
ATOM   106  S  SD  . MET A 1 13  ? -2.123  5.024   5.181   1.000 17.291 0 13  MET A SD  1 ? 
ATOM   107  C  CE  . MET A 1 13  ? -3.394  5.208   6.414   1.000 18.279 0 13  MET A CE  1 ? 
ATOM   108  N  N   . ASP A 1 14  ? -6.243  3.060   3.540   1.000 12.303 0 14  ASP A N   1 ? 
ATOM   109  C  CA  . ASP A 1 14  ? -7.676  2.774   3.588   1.000 14.632 0 14  ASP A CA  1 ? 
ATOM   110  C  C   . ASP A 1 14  ? -8.080  2.581   5.049   1.000 15.329 0 14  ASP A C   1 ? 
ATOM   111  O  O   . ASP A 1 14  ? -8.345  1.466   5.485   1.000 15.469 0 14  ASP A O   1 ? 
ATOM   112  C  CB  . ASP A 1 14  ? -8.128  1.603   2.694   1.000 15.468 0 14  ASP A CB  1 ? 
ATOM   113  C  CG  . ASP A 1 14  ? -9.648  1.434   2.706   1.000 20.033 0 14  ASP A CG  1 ? 
ATOM   114  O  OD1 . ASP A 1 14  ? -10.315 2.433   3.102   1.000 21.093 0 14  ASP A OD1 1 ? 
ATOM   115  O  OD2 . ASP A 1 14  ? -10.133 0.306   2.407   1.000 19.632 0 14  ASP A OD2 1 ? 
ATOM   116  N  N   A SER A 1 15  ? -8.113  3.686   5.791   0.500 16.360 0 15  SER A N   1 ? 
ATOM   117  N  N   B SER A 1 15  ? -8.117  3.692   5.796   0.500 15.308 0 15  SER A N   1 ? 
ATOM   118  C  CA  A SER A 1 15  ? -8.430  3.651   7.206   0.500 18.456 0 15  SER A CA  1 ? 
ATOM   119  C  CA  B SER A 1 15  ? -8.438  3.682   7.215   0.500 16.425 0 15  SER A CA  1 ? 
ATOM   120  C  C   A SER A 1 15  ? -9.935  3.422   7.398   0.500 18.888 0 15  SER A C   1 ? 
ATOM   121  C  C   B SER A 1 15  ? -9.950  3.726   7.437   0.500 17.874 0 15  SER A C   1 ? 
ATOM   122  O  O   A SER A 1 15  ? -10.357 2.975   8.461   0.500 19.819 0 15  SER A O   1 ? 
ATOM   123  O  O   B SER A 1 15  ? -10.383 3.887   8.581   0.500 18.480 0 15  SER A O   1 ? 
ATOM   124  C  CB  A SER A 1 15  ? -7.955  4.917   7.883   0.500 19.381 0 15  SER A CB  1 ? 
ATOM   125  C  CB  B SER A 1 15  ? -7.804  4.838   7.951   0.500 15.957 0 15  SER A CB  1 ? 
ATOM   126  O  OG  A SER A 1 15  ? -6.693  5.329   7.352   0.500 21.383 0 15  SER A OG  1 ? 
ATOM   127  O  OG  B SER A 1 15  ? -8.376  6.080   7.550   0.500 14.749 0 15  SER A OG  1 ? 
ATOM   128  N  N   . SER A 1 16  ? -10.728 3.673   6.348   1.000 17.653 0 16  SER A N   1 ? 
ATOM   129  C  CA  . SER A 1 16  ? -12.187 3.643   6.432   1.000 20.492 0 16  SER A CA  1 ? 
ATOM   130  C  C   . SER A 1 16  ? -12.726 2.261   6.781   1.000 20.810 0 16  SER A C   1 ? 
ATOM   131  O  O   . SER A 1 16  ? -13.906 2.106   7.066   1.000 23.483 0 16  SER A O   1 ? 
ATOM   132  C  CB  . SER A 1 16  ? -12.841 4.110   5.136   1.000 19.981 0 16  SER A CB  1 ? 
ATOM   133  O  OG  . SER A 1 16  ? -12.837 3.111   4.101   1.000 23.541 0 16  SER A OG  1 ? 
ATOM   134  N  N   . THR A 1 17  ? -11.932 1.222   6.639   1.000 19.993 0 17  THR A N   1 ? 
ATOM   135  C  CA  . THR A 1 17  ? -12.434 -0.081  7.005   1.000 22.758 0 17  THR A CA  1 ? 
ATOM   136  C  C   . THR A 1 17  ? -11.335 -0.833  7.738   1.000 23.087 0 17  THR A C   1 ? 
ATOM   137  O  O   . THR A 1 17  ? -10.154 -0.568  7.500   1.000 22.343 0 17  THR A O   1 ? 
ATOM   138  C  CB  . THR A 1 17  ? -12.843 -0.862  5.765   1.000 25.432 0 17  THR A CB  1 ? 
ATOM   139  O  OG1 . THR A 1 17  ? -13.447 -2.047  6.285   1.000 37.128 0 17  THR A OG1 1 ? 
ATOM   140  C  CG2 . THR A 1 17  ? -11.678 -1.208  4.873   1.000 22.998 0 17  THR A CG2 1 ? 
ATOM   141  N  N   . SER A 1 18  ? -11.709 -1.767  8.604   1.000 21.380 0 18  SER A N   1 ? 
ATOM   142  C  CA  . SER A 1 18  ? -10.688 -2.392  9.443   1.000 22.440 0 18  SER A CA  1 ? 
ATOM   143  C  C   . SER A 1 18  ? -10.068 -3.583  8.733   1.000 19.724 0 18  SER A C   1 ? 
ATOM   144  O  O   . SER A 1 18  ? -9.014  -4.042  9.142   1.000 21.589 0 18  SER A O   1 ? 
ATOM   145  C  CB  . SER A 1 18  ? -11.259 -2.789  10.760  1.000 27.917 0 18  SER A CB  1 ? 
ATOM   146  O  OG  . SER A 1 18  ? -12.335 -3.672  10.508  1.000 36.393 0 18  SER A OG  1 ? 
ATOM   147  N  N   . ALA A 1 19  ? -10.758 -4.128  7.716   1.000 20.670 0 19  ALA A N   1 ? 
ATOM   148  C  CA  . ALA A 1 19  ? -10.263 -5.246  6.935   1.000 20.536 0 19  ALA A CA  1 ? 
ATOM   149  C  C   . ALA A 1 19  ? -11.102 -5.412  5.680   1.000 23.615 0 19  ALA A C   1 ? 
ATOM   150  O  O   . ALA A 1 19  ? -12.281 -5.100  5.699   1.000 25.079 0 19  ALA A O   1 ? 
ATOM   151  C  CB  . ALA A 1 19  ? -10.285 -6.543  7.726   1.000 21.554 0 19  ALA A CB  1 ? 
ATOM   152  N  N   . ALA A 1 20  ? -10.501 -5.949  4.622   1.000 20.434 0 20  ALA A N   1 ? 
ATOM   153  C  CA  . ALA A 1 20  ? -11.238 -6.337  3.445   1.000 23.298 0 20  ALA A CA  1 ? 
ATOM   154  C  C   . ALA A 1 20  ? -12.201 -7.440  3.872   1.000 28.137 0 20  ALA A C   1 ? 
ATOM   155  O  O   . ALA A 1 20  ? -11.768 -8.419  4.484   1.000 31.134 0 20  ALA A O   1 ? 
ATOM   156  C  CB  . ALA A 1 20  ? -10.304 -6.837  2.367   1.000 22.452 0 20  ALA A CB  1 ? 
ATOM   157  N  N   . SER A 1 21  ? -13.478 -7.278  3.541   1.000 32.654 0 21  SER A N   1 ? 
ATOM   158  C  CA  . SER A 1 21  ? -14.509 -8.234  3.945   1.000 35.832 0 21  SER A CA  1 ? 
ATOM   159  C  C   . SER A 1 21  ? -14.965 -9.078  2.752   1.000 38.072 0 21  SER A C   1 ? 
ATOM   160  O  O   . SER A 1 21  ? -15.696 -10.042 2.938   1.000 51.468 0 21  SER A O   1 ? 
ATOM   161  C  CB  . SER A 1 21  ? -15.681 -7.537  4.603   0.500 32.118 0 21  SER A CB  1 ? 
ATOM   162  O  OG  . SER A 1 21  ? -15.991 -6.328  3.928   0.260 30.910 0 21  SER A OG  1 ? 
ATOM   163  N  N   . SER A 1 22  ? -14.527 -8.743  1.539   1.000 31.874 0 22  SER A N   1 ? 
ATOM   164  C  CA  . SER A 1 22  ? -14.993 -9.459  0.363   1.000 30.046 0 22  SER A CA  1 ? 
ATOM   165  C  C   . SER A 1 22  ? -13.835 -9.685  -0.594  1.000 26.714 0 22  SER A C   1 ? 
ATOM   166  O  O   . SER A 1 22  ? -12.879 -8.913  -0.619  1.000 25.869 0 22  SER A O   1 ? 
ATOM   167  C  CB  . SER A 1 22  ? -16.134 -8.700  -0.291  1.000 29.515 0 22  SER A CB  1 ? 
ATOM   168  O  OG  . SER A 1 22  ? -15.802 -8.277  -1.597  1.000 33.633 0 22  SER A OG  1 ? 
ATOM   169  N  N   . SER A 1 23  ? -13.970 -10.697 -1.459  1.000 25.443 0 23  SER A N   1 ? 
ATOM   170  C  CA  . SER A 1 23  ? -12.932 -11.027 -2.413  1.000 25.715 0 23  SER A CA  1 ? 
ATOM   171  C  C   . SER A 1 23  ? -12.847 -10.016 -3.544  1.000 22.194 0 23  SER A C   1 ? 
ATOM   172  O  O   . SER A 1 23  ? -11.894 -10.043 -4.299  1.000 23.392 0 23  SER A O   1 ? 
ATOM   173  C  CB  . SER A 1 23  ? -13.169 -12.411 -2.968  1.000 34.140 0 23  SER A CB  1 ? 
ATOM   174  O  OG  . SER A 1 23  ? -14.303 -12.402 -3.814  1.000 31.949 0 23  SER A OG  1 ? 
ATOM   175  N  N   A ASN A 1 24  ? -13.860 -9.160  -3.716  0.500 22.577 0 24  ASN A N   1 ? 
ATOM   176  N  N   B ASN A 1 24  ? -13.865 -9.154  -3.648  0.500 22.020 0 24  ASN A N   1 ? 
ATOM   177  C  CA  A ASN A 1 24  ? -13.824 -8.148  -4.766  0.500 21.998 0 24  ASN A CA  1 ? 
ATOM   178  C  CA  B ASN A 1 24  ? -13.946 -8.126  -4.673  0.500 20.871 0 24  ASN A CA  1 ? 
ATOM   179  C  C   A ASN A 1 24  ? -13.352 -6.793  -4.215  0.500 18.553 0 24  ASN A C   1 ? 
ATOM   180  C  C   B ASN A 1 24  ? -13.228 -6.837  -4.265  0.500 17.976 0 24  ASN A C   1 ? 
ATOM   181  O  O   A ASN A 1 24  ? -13.454 -5.786  -4.897  0.500 17.192 0 24  ASN A O   1 ? 
ATOM   182  O  O   B ASN A 1 24  ? -13.047 -5.954  -5.102  0.500 16.061 0 24  ASN A O   1 ? 
ATOM   183  C  CB  A ASN A 1 24  ? -15.171 -8.043  -5.496  0.500 26.258 0 24  ASN A CB  1 ? 
ATOM   184  C  CB  B ASN A 1 24  ? -15.396 -7.753  -4.986  0.500 23.660 0 24  ASN A CB  1 ? 
ATOM   185  C  CG  A ASN A 1 24  ? -15.583 -9.333  -6.192  0.500 30.391 0 24  ASN A CG  1 ? 
ATOM   186  C  CG  B ASN A 1 24  ? -15.517 -7.143  -6.362  0.500 27.596 0 24  ASN A CG  1 ? 
ATOM   187  O  OD1 A ASN A 1 24  ? -14.825 -9.917  -6.968  0.500 30.919 0 24  ASN A OD1 1 ? 
ATOM   188  O  OD1 B ASN A 1 24  ? -14.948 -7.651  -7.328  0.500 30.960 0 24  ASN A OD1 1 ? 
ATOM   189  N  ND2 A ASN A 1 24  ? -16.794 -9.797  -5.915  0.500 35.128 0 24  ASN A ND2 1 ? 
ATOM   190  N  ND2 B ASN A 1 24  ? -16.273 -6.064  -6.467  0.500 31.150 0 24  ASN A ND2 1 ? 
ATOM   191  N  N   . TYR A 1 25  ? -12.789 -6.760  -3.005  1.000 18.201 0 25  TYR A N   1 ? 
ATOM   192  C  CA  . TYR A 1 25  ? -12.224 -5.525  -2.453  1.000 17.945 0 25  TYR A CA  1 ? 
ATOM   193  C  C   . TYR A 1 25  ? -11.186 -4.926  -3.388  1.000 17.171 0 25  TYR A C   1 ? 
ATOM   194  O  O   . TYR A 1 25  ? -11.222 -3.732  -3.697  1.000 15.626 0 25  TYR A O   1 ? 
ATOM   195  C  CB  . TYR A 1 25  ? -11.643 -5.803  -1.069  1.000 16.406 0 25  TYR A CB  1 ? 
ATOM   196  C  CG  . TYR A 1 25  ? -10.846 -4.653  -0.498  1.000 17.802 0 25  TYR A CG  1 ? 
ATOM   197  C  CD1 . TYR A 1 25  ? -9.520  -4.448  -0.833  1.000 16.799 0 25  TYR A CD1 1 ? 
ATOM   198  C  CD2 . TYR A 1 25  ? -11.436 -3.772  0.385   1.000 18.455 0 25  TYR A CD2 1 ? 
ATOM   199  C  CE1 . TYR A 1 25  ? -8.787  -3.407  -0.277  1.000 16.141 0 25  TYR A CE1 1 ? 
ATOM   200  C  CE2 . TYR A 1 25  ? -10.724 -2.706  0.923   1.000 19.357 0 25  TYR A CE2 1 ? 
ATOM   201  C  CZ  . TYR A 1 25  ? -9.397  -2.510  0.570   1.000 17.434 0 25  TYR A CZ  1 ? 
ATOM   202  O  OH  . TYR A 1 25  ? -8.708  -1.426  1.096   1.000 18.682 0 25  TYR A OH  1 ? 
ATOM   203  N  N   . CYS A 1 26  ? -10.189 -5.721  -3.814  1.000 16.676 0 26  CYS A N   1 ? 
ATOM   204  C  CA  . CYS A 1 26  ? -9.132  -5.146  -4.644  1.000 15.393 0 26  CYS A CA  1 ? 
ATOM   205  C  C   . CYS A 1 26  ? -9.674  -4.613  -5.965  1.000 17.247 0 26  CYS A C   1 ? 
ATOM   206  O  O   . CYS A 1 26  ? -9.262  -3.559  -6.438  1.000 16.556 0 26  CYS A O   1 ? 
ATOM   207  C  CB  . CYS A 1 26  ? -7.982  -6.110  -4.905  1.000 15.727 0 26  CYS A CB  1 ? 
ATOM   208  S  SG  . CYS A 1 26  ? -7.054  -6.441  -3.383  1.000 15.919 0 26  CYS A SG  1 ? 
ATOM   209  N  N   . ASN A 1 27  ? -10.612 -5.332  -6.595  1.000 18.029 0 27  ASN A N   1 ? 
ATOM   210  C  CA  . ASN A 1 27  ? -11.116 -4.853  -7.875  1.000 19.032 0 27  ASN A CA  1 ? 
ATOM   211  C  C   . ASN A 1 27  ? -11.739 -3.461  -7.720  1.000 18.457 0 27  ASN A C   1 ? 
ATOM   212  O  O   . ASN A 1 27  ? -11.488 -2.569  -8.527  1.000 20.168 0 27  ASN A O   1 ? 
ATOM   213  C  CB  . ASN A 1 27  ? -12.148 -5.842  -8.404  1.000 21.527 0 27  ASN A CB  1 ? 
ATOM   214  C  CG  . ASN A 1 27  ? -11.534 -7.126  -8.941  1.000 23.720 0 27  ASN A CG  1 ? 
ATOM   215  O  OD1 . ASN A 1 27  ? -10.385 -7.177  -9.364  1.000 20.021 0 27  ASN A OD1 1 ? 
ATOM   216  N  ND2 . ASN A 1 27  ? -12.347 -8.162  -8.980  1.000 29.306 0 27  ASN A ND2 1 ? 
ATOM   217  N  N   A GLN A 1 28  ? -12.507 -3.282  -6.654  0.470 18.390 0 28  GLN A N   1 ? 
ATOM   218  N  N   B GLN A 1 28  ? -12.573 -3.331  -6.688  0.530 18.914 0 28  GLN A N   1 ? 
ATOM   219  C  CA  A GLN A 1 28  ? -13.248 -2.052  -6.427  0.470 19.677 0 28  GLN A CA  1 ? 
ATOM   220  C  CA  B GLN A 1 28  ? -13.238 -2.089  -6.316  0.530 20.768 0 28  GLN A CA  1 ? 
ATOM   221  C  C   A GLN A 1 28  ? -12.332 -0.917  -5.950  0.470 19.134 0 28  GLN A C   1 ? 
ATOM   222  C  C   B GLN A 1 28  ? -12.196 -0.988  -6.109  0.530 20.339 0 28  GLN A C   1 ? 
ATOM   223  O  O   A GLN A 1 28  ? -12.563 0.250   -6.273  0.470 14.208 0 28  GLN A O   1 ? 
ATOM   224  O  O   B GLN A 1 28  ? -12.168 0.030   -6.810  0.530 16.020 0 28  GLN A O   1 ? 
ATOM   225  C  CB  A GLN A 1 28  ? -14.336 -2.321  -5.391  0.470 21.029 0 28  GLN A CB  1 ? 
ATOM   226  C  CB  B GLN A 1 28  ? -14.034 -2.315  -5.023  0.530 22.572 0 28  GLN A CB  1 ? 
ATOM   227  C  CG  A GLN A 1 28  ? -15.435 -3.256  -5.872  0.470 23.224 0 28  GLN A CG  1 ? 
ATOM   228  C  CG  B GLN A 1 28  ? -14.848 -1.112  -4.520  0.530 25.798 0 28  GLN A CG  1 ? 
ATOM   229  C  CD  A GLN A 1 28  ? -16.534 -3.388  -4.847  0.470 26.613 0 28  GLN A CD  1 ? 
ATOM   230  C  CD  B GLN A 1 28  ? -14.322 -0.400  -3.288  0.530 27.910 0 28  GLN A CD  1 ? 
ATOM   231  O  OE1 A GLN A 1 28  ? -16.314 -3.851  -3.735  0.470 27.677 0 28  GLN A OE1 1 ? 
ATOM   232  O  OE1 B GLN A 1 28  ? -14.126 -0.996  -2.222  0.530 30.274 0 28  GLN A OE1 1 ? 
ATOM   233  N  NE2 A GLN A 1 28  ? -17.740 -3.001  -5.227  0.470 30.424 0 28  GLN A NE2 1 ? 
ATOM   234  N  NE2 B GLN A 1 28  ? -14.140 0.910   -3.407  0.530 26.800 0 28  GLN A NE2 1 ? 
ATOM   235  N  N   . MET A 1 29  ? -11.311 -1.238  -5.131  1.000 18.027 0 29  MET A N   1 ? 
ATOM   236  C  CA  . MET A 1 29  ? -10.431 -0.189  -4.632  1.000 17.699 0 29  MET A CA  1 ? 
ATOM   237  C  C   . MET A 1 29  ? -9.400  0.249   -5.668  1.000 19.353 0 29  MET A C   1 ? 
ATOM   238  O  O   . MET A 1 29  ? -9.014  1.420   -5.702  1.000 19.025 0 29  MET A O   1 ? 
ATOM   239  C  CB  . MET A 1 29  ? -9.720  -0.638  -3.354  1.000 18.059 0 29  MET A CB  1 ? 
ATOM   240  C  CG  . MET A 1 29  ? -10.592 -0.723  -2.201  1.000 20.404 0 29  MET A CG  1 ? 
ATOM   241  S  SD  . MET A 1 29  ? -11.115 0.920   -1.584  1.000 24.675 0 29  MET A SD  1 ? 
ATOM   242  C  CE  . MET A 1 29  ? -9.553  1.679   -1.153  1.000 23.015 0 29  MET A CE  1 ? 
ATOM   243  N  N   . MET A 1 30  ? -8.834  -0.669  -6.455  1.000 17.488 0 30  MET A N   1 ? 
ATOM   244  C  CA  . MET A 1 30  ? -7.855  -0.299  -7.448  1.000 18.688 0 30  MET A CA  1 ? 
ATOM   245  C  C   . MET A 1 30  ? -8.518  0.647   -8.458  1.000 21.103 0 30  MET A C   1 ? 
ATOM   246  O  O   . MET A 1 30  ? -7.853  1.536   -8.971  1.000 22.655 0 30  MET A O   1 ? 
ATOM   247  C  CB  . MET A 1 30  ? -7.285  -1.529  -8.174  1.000 21.015 0 30  MET A CB  1 ? 
ATOM   248  C  CG  . MET A 1 30  ? -6.482  -2.481  -7.221  1.000 20.346 0 30  MET A CG  1 ? 
ATOM   249  S  SD  . MET A 1 30  ? -5.008  -1.675  -6.604  1.000 17.848 0 30  MET A SD  1 ? 
ATOM   250  C  CE  . MET A 1 30  ? -3.940  -1.701  -8.025  1.000 18.670 0 30  MET A CE  1 ? 
ATOM   251  N  N   . LYS A 1 31  ? -9.811  0.432   -8.704  1.000 23.328 0 31  LYS A N   1 ? 
ATOM   252  C  CA  . LYS A 1 31  ? -10.572 1.268   -9.633  1.000 27.454 0 31  LYS A CA  1 ? 
ATOM   253  C  C   . LYS A 1 31  ? -10.876 2.624   -8.977  1.000 25.292 0 31  LYS A C   1 ? 
ATOM   254  O  O   . LYS A 1 31  ? -10.587 3.644   -9.594  1.000 27.913 0 31  LYS A O   1 ? 
ATOM   255  C  CB  . LYS A 1 31  ? -11.835 0.512   -10.063 1.000 32.107 0 31  LYS A CB  1 ? 
ATOM   256  C  CG  . LYS A 1 31  ? -12.682 1.158   -11.161 0.690 38.107 0 31  LYS A CG  1 ? 
ATOM   257  C  CD  . LYS A 1 31  ? -13.940 0.354   -11.491 0.610 39.926 0 31  LYS A CD  1 ? 
ATOM   258  C  CE  . LYS A 1 31  ? -14.619 0.759   -12.788 0.570 45.112 0 31  LYS A CE  1 ? 
ATOM   259  N  NZ  . LYS A 1 31  ? -15.014 2.191   -12.797 0.370 45.071 0 31  LYS A NZ  1 ? 
ATOM   260  N  N   . SER A 1 32  ? -11.387 2.601   -7.738  1.000 22.784 0 32  SER A N   1 ? 
ATOM   261  C  CA  . SER A 1 32  ? -11.755 3.784   -6.964  1.000 25.127 0 32  SER A CA  1 ? 
ATOM   262  C  C   . SER A 1 32  ? -10.590 4.766   -6.850  1.000 25.667 0 32  SER A C   1 ? 
ATOM   263  O  O   . SER A 1 32  ? -10.798 5.965   -6.927  1.000 24.270 0 32  SER A O   1 ? 
ATOM   264  C  CB  . SER A 1 32  ? -12.218 3.426   -5.581  1.000 29.376 0 32  SER A CB  1 ? 
ATOM   265  O  OG  . SER A 1 32  ? -13.535 2.893   -5.602  1.000 43.438 0 32  SER A OG  1 ? 
ATOM   266  N  N   . ARG A 1 33  ? -9.374  4.266   -6.616  1.000 20.473 0 33  ARG A N   1 ? 
ATOM   267  C  CA  . ARG A 1 33  ? -8.197  5.097   -6.364  1.000 18.398 0 33  ARG A CA  1 ? 
ATOM   268  C  C   . ARG A 1 33  ? -7.449  5.455   -7.651  1.000 19.499 0 33  ARG A C   1 ? 
ATOM   269  O  O   . ARG A 1 33  ? -6.351  6.008   -7.621  1.000 18.798 0 33  ARG A O   1 ? 
ATOM   270  C  CB  . ARG A 1 33  ? -7.254  4.406   -5.365  1.000 18.790 0 33  ARG A CB  1 ? 
ATOM   271  C  CG  . ARG A 1 33  ? -7.864  4.213   -3.995  1.000 18.136 0 33  ARG A CG  1 ? 
ATOM   272  C  CD  . ARG A 1 33  ? -8.194  5.541   -3.356  1.000 16.830 0 33  ARG A CD  1 ? 
ATOM   273  N  NE  . ARG A 1 33  ? -8.774  5.428   -2.052  1.000 16.977 0 33  ARG A NE  1 ? 
ATOM   274  C  CZ  . ARG A 1 33  ? -8.078  5.224   -0.937  1.000 16.792 0 33  ARG A CZ  1 ? 
ATOM   275  N  NH1 . ARG A 1 33  ? -6.748  5.216   -0.963  1.000 15.442 0 33  ARG A NH1 1 ? 
ATOM   276  N  NH2 . ARG A 1 33  ? -8.721  5.097   0.203   1.000 16.840 0 33  ARG A NH2 1 ? 
ATOM   277  N  N   . ASN A 1 34  ? -8.026  5.087   -8.807  1.000 21.127 0 34  ASN A N   1 ? 
ATOM   278  C  CA  . ASN A 1 34  ? -7.485  5.454   -10.102 1.000 23.373 0 34  ASN A CA  1 ? 
ATOM   279  C  C   . ASN A 1 34  ? -6.129  4.804   -10.346 1.000 23.136 0 34  ASN A C   1 ? 
ATOM   280  O  O   . ASN A 1 34  ? -5.250  5.375   -10.975 1.000 26.154 0 34  ASN A O   1 ? 
ATOM   281  C  CB  . ASN A 1 34  ? -7.465  6.967   -10.326 1.000 28.095 0 34  ASN A CB  1 ? 
ATOM   282  C  CG  . ASN A 1 34  ? -8.854  7.584   -10.275 1.000 32.898 0 34  ASN A CG  1 ? 
ATOM   283  O  OD1 . ASN A 1 34  ? -9.877  6.921   -10.447 1.000 38.340 0 34  ASN A OD1 1 ? 
ATOM   284  N  ND2 . ASN A 1 34  ? -8.891  8.873   -10.010 1.000 41.187 0 34  ASN A ND2 1 ? 
ATOM   285  N  N   . LEU A 1 35  ? -5.980  3.558   -9.876  1.000 23.660 0 35  LEU A N   1 ? 
ATOM   286  C  CA  . LEU A 1 35  ? -4.761  2.809   -10.095 1.000 23.121 0 35  LEU A CA  1 ? 
ATOM   287  C  C   . LEU A 1 35  ? -4.894  1.955   -11.359 1.000 25.970 0 35  LEU A C   1 ? 
ATOM   288  O  O   . LEU A 1 35  ? -3.971  1.239   -11.734 1.000 25.206 0 35  LEU A O   1 ? 
ATOM   289  C  CB  . LEU A 1 35  ? -4.533  1.975   -8.824  1.000 21.962 0 35  LEU A CB  1 ? 
ATOM   290  C  CG  . LEU A 1 35  ? -4.389  2.818   -7.550  1.000 22.714 0 35  LEU A CG  1 ? 
ATOM   291  C  CD1 . LEU A 1 35  ? -3.998  1.978   -6.362  1.000 26.005 0 35  LEU A CD1 1 ? 
ATOM   292  C  CD2 . LEU A 1 35  ? -3.349  3.913   -7.741  1.000 26.197 0 35  LEU A CD2 1 ? 
ATOM   293  N  N   . THR A 1 36  ? -6.039  2.023   -12.039 1.000 26.644 0 36  THR A N   1 ? 
ATOM   294  C  CA  . THR A 1 36  ? -6.188  1.294   -13.290 1.000 28.952 0 36  THR A CA  1 ? 
ATOM   295  C  C   . THR A 1 36  ? -6.441  2.242   -14.469 1.000 33.858 0 36  THR A C   1 ? 
ATOM   296  O  O   . THR A 1 36  ? -6.969  1.806   -15.477 1.000 34.590 0 36  THR A O   1 ? 
ATOM   297  C  CB  . THR A 1 36  ? -7.280  0.237   -13.168 1.000 27.577 0 36  THR A CB  1 ? 
ATOM   298  O  OG1 . THR A 1 36  ? -8.560  0.856   -13.038 1.000 29.139 0 36  THR A OG1 1 ? 
ATOM   299  C  CG2 . THR A 1 36  ? -7.080  -0.697  -11.983 1.000 27.975 0 36  THR A CG2 1 ? 
ATOM   300  N  N   . LYS A 1 37  ? -5.978  3.495   -14.400 1.000 37.348 0 37  LYS A N   1 ? 
ATOM   301  C  CA  . LYS A 1 37  ? -6.343  4.497   -15.396 1.000 44.275 0 37  LYS A CA  1 ? 
ATOM   302  C  C   . LYS A 1 37  ? -5.702  4.186   -16.745 1.000 46.081 0 37  LYS A C   1 ? 
ATOM   303  O  O   . LYS A 1 37  ? -6.407  3.953   -17.721 1.000 54.555 0 37  LYS A O   1 ? 
ATOM   304  C  CB  . LYS A 1 37  ? -5.937  5.920   -14.986 1.000 47.772 0 37  LYS A CB  1 ? 
ATOM   305  C  CG  . LYS A 1 37  ? -6.893  6.653   -14.054 0.620 47.949 0 37  LYS A CG  1 ? 
ATOM   306  C  CD  . LYS A 1 37  ? -8.249  7.039   -14.638 0.640 49.747 0 37  LYS A CD  1 ? 
ATOM   307  C  CE  . LYS A 1 37  ? -9.028  7.916   -13.673 0.360 47.657 0 37  LYS A CE  1 ? 
ATOM   308  N  NZ  . LYS A 1 37  ? -10.503 7.814   -13.818 0.480 45.240 0 37  LYS A NZ  1 ? 
ATOM   309  N  N   A ASP A 1 38  ? -4.369  4.217   -16.773 0.530 51.011 0 38  ASP A N   1 ? 
ATOM   310  N  N   B ASP A 1 38  ? -4.368  4.184   -16.823 0.470 47.799 0 38  ASP A N   1 ? 
ATOM   311  C  CA  A ASP A 1 38  ? -3.603  4.040   -17.997 0.530 54.014 0 38  ASP A CA  1 ? 
ATOM   312  C  CA  B ASP A 1 38  ? -3.702  3.980   -18.105 0.470 47.796 0 38  ASP A CA  1 ? 
ATOM   313  C  C   A ASP A 1 38  ? -3.271  2.558   -18.187 0.530 49.625 0 38  ASP A C   1 ? 
ATOM   314  C  C   B ASP A 1 38  ? -2.955  2.645   -18.151 0.470 46.317 0 38  ASP A C   1 ? 
ATOM   315  O  O   A ASP A 1 38  ? -3.295  2.050   -19.308 0.530 42.836 0 38  ASP A O   1 ? 
ATOM   316  O  O   B ASP A 1 38  ? -2.265  2.361   -19.131 0.470 38.791 0 38  ASP A O   1 ? 
ATOM   317  C  CB  A ASP A 1 38  ? -2.368  4.953   -18.005 0.530 60.582 0 38  ASP A CB  1 ? 
ATOM   318  C  CB  B ASP A 1 38  ? -2.739  5.127   -18.422 0.470 49.688 0 38  ASP A CB  1 ? 
ATOM   319  C  CG  A ASP A 1 38  ? -1.680  5.146   -16.659 0.530 59.418 0 38  ASP A CG  1 ? 
ATOM   320  C  CG  B ASP A 1 38  ? -3.405  6.486   -18.492 0.470 43.451 0 38  ASP A CG  1 ? 
ATOM   321  O  OD1 A ASP A 1 38  ? -2.394  5.442   -15.676 0.530 66.698 0 38  ASP A OD1 1 ? 
ATOM   322  O  OD1 B ASP A 1 38  ? -4.441  6.590   -19.160 0.470 45.341 0 38  ASP A OD1 1 ? 
ATOM   323  O  OD2 A ASP A 1 38  ? -0.436  5.038   -16.606 0.530 57.060 0 38  ASP A OD2 1 ? 
ATOM   324  O  OD2 B ASP A 1 38  ? -2.874  7.422   -17.883 0.470 46.324 0 38  ASP A OD2 1 ? 
ATOM   325  N  N   . ARG A 1 39  ? -3.036  1.863   -17.066 1.000 46.146 0 39  ARG A N   1 ? 
ATOM   326  C  CA  . ARG A 1 39  ? -2.534  0.496   -17.046 1.000 44.566 0 39  ARG A CA  1 ? 
ATOM   327  C  C   . ARG A 1 39  ? -3.123  -0.159  -15.802 1.000 36.859 0 39  ARG A C   1 ? 
ATOM   328  O  O   . ARG A 1 39  ? -3.644  0.543   -14.950 1.000 36.416 0 39  ARG A O   1 ? 
ATOM   329  C  CB  . ARG A 1 39  ? -1.001  0.442   -17.034 1.000 44.631 0 39  ARG A CB  1 ? 
ATOM   330  C  CG  . ARG A 1 39  ? -0.349  1.194   -15.885 0.530 47.669 0 39  ARG A CG  1 ? 
ATOM   331  C  CD  . ARG A 1 39  ? 1.031   0.634   -15.612 0.210 53.705 0 39  ARG A CD  1 ? 
ATOM   332  N  NE  . ARG A 1 39  ? 1.422   0.788   -14.220 0.980 62.926 0 39  ARG A NE  1 ? 
ATOM   333  C  CZ  . ARG A 1 39  ? 2.463   0.176   -13.667 0.690 57.575 0 39  ARG A CZ  1 ? 
ATOM   334  N  NH1 . ARG A 1 39  ? 3.156   -0.710  -14.364 0.430 53.029 0 39  ARG A NH1 1 ? 
ATOM   335  N  NH2 . ARG A 1 39  ? 2.789   0.442   -12.414 0.630 60.019 0 39  ARG A NH2 1 ? 
ATOM   336  N  N   . CYS A 1 40  ? -3.142  -1.492  -15.755 1.000 32.196 0 40  CYS A N   1 ? 
ATOM   337  C  CA  . CYS A 1 40  ? -3.453  -2.187  -14.517 1.000 29.075 0 40  CYS A CA  1 ? 
ATOM   338  C  C   . CYS A 1 40  ? -2.187  -2.162  -13.654 1.000 27.507 0 40  CYS A C   1 ? 
ATOM   339  O  O   . CYS A 1 40  ? -1.200  -2.796  -14.018 1.000 24.200 0 40  CYS A O   1 ? 
ATOM   340  C  CB  . CYS A 1 40  ? -3.846  -3.637  -14.763 1.000 32.707 0 40  CYS A CB  1 ? 
ATOM   341  S  SG  . CYS A 1 40  ? -5.203  -3.917  -15.932 1.000 32.468 0 40  CYS A SG  1 ? 
ATOM   342  N  N   . LYS A 1 41  ? -2.155  -1.387  -12.560 1.000 23.937 0 41  LYS A N   1 ? 
ATOM   343  C  CA  . LYS A 1 41  ? -1.003  -1.454  -11.667 1.000 21.424 0 41  LYS A CA  1 ? 
ATOM   344  C  C   . LYS A 1 41  ? -0.900  -2.911  -11.176 1.000 19.503 0 41  LYS A C   1 ? 
ATOM   345  O  O   . LYS A 1 41  ? -1.910  -3.454  -10.763 1.000 19.522 0 41  LYS A O   1 ? 
ATOM   346  C  CB  A LYS A 1 41  ? -1.133  -0.487  -10.482 0.700 22.940 0 41  LYS A CB  1 ? 
ATOM   347  C  CB  B LYS A 1 41  ? -1.210  -0.475  -10.509 0.300 20.114 0 41  LYS A CB  1 ? 
ATOM   348  C  CG  A LYS A 1 41  ? 0.166   -0.274  -9.704  0.700 26.165 0 41  LYS A CG  1 ? 
ATOM   349  C  CG  B LYS A 1 41  ? -0.139  -0.501  -9.432  0.300 19.653 0 41  LYS A CG  1 ? 
ATOM   350  C  CD  A LYS A 1 41  ? 0.100   0.624   -8.451  0.700 28.187 0 41  LYS A CD  1 ? 
ATOM   351  C  CD  B LYS A 1 41  ? -0.331  0.573   -8.385  0.300 18.764 0 41  LYS A CD  1 ? 
ATOM   352  C  CE  A LYS A 1 41  ? 1.434   0.648   -7.720  0.700 28.413 0 41  LYS A CE  1 ? 
ATOM   353  C  CE  B LYS A 1 41  ? 0.965   0.896   -7.674  0.300 17.692 0 41  LYS A CE  1 ? 
ATOM   354  N  NZ  A LYS A 1 41  ? 1.335   1.042   -6.285  0.700 31.040 0 41  LYS A NZ  1 ? 
ATOM   355  N  NZ  B LYS A 1 41  ? 1.469   -0.246  -6.873  0.300 16.946 0 41  LYS A NZ  1 ? 
ATOM   356  N  N   . PRO A 1 42  ? 0.255   -3.603  -11.290 1.000 18.582 0 42  PRO A N   1 ? 
ATOM   357  C  CA  . PRO A 1 42  ? 0.306   -5.047  -11.051 1.000 18.584 0 42  PRO A CA  1 ? 
ATOM   358  C  C   . PRO A 1 42  ? 0.165   -5.513  -9.603  1.000 18.070 0 42  PRO A C   1 ? 
ATOM   359  O  O   . PRO A 1 42  ? -0.438  -6.563  -9.353  1.000 19.075 0 42  PRO A O   1 ? 
ATOM   360  C  CB  . PRO A 1 42  ? 1.687   -5.490  -11.552 1.000 18.868 0 42  PRO A CB  1 ? 
ATOM   361  C  CG  . PRO A 1 42  ? 2.484   -4.231  -11.734 1.000 24.972 0 42  PRO A CG  1 ? 
ATOM   362  C  CD  . PRO A 1 42  ? 1.492   -3.087  -11.886 1.000 21.592 0 42  PRO A CD  1 ? 
ATOM   363  N  N   . VAL A 1 43  ? 0.714   -4.718  -8.676  1.000 15.093 0 43  VAL A N   1 ? 
ATOM   364  C  CA  . VAL A 1 43  ? 0.733   -5.088  -7.273  1.000 17.114 0 43  VAL A CA  1 ? 
ATOM   365  C  C   . VAL A 1 43  ? 0.464   -3.846  -6.422  1.000 16.615 0 43  VAL A C   1 ? 
ATOM   366  O  O   . VAL A 1 43  ? 0.991   -2.787  -6.758  1.000 17.149 0 43  VAL A O   1 ? 
ATOM   367  C  CB  . VAL A 1 43  ? 2.115   -5.687  -6.925  1.000 19.239 0 43  VAL A CB  1 ? 
ATOM   368  C  CG1 . VAL A 1 43  ? 2.203   -5.963  -5.448  1.000 24.442 0 43  VAL A CG1 1 ? 
ATOM   369  C  CG2 . VAL A 1 43  ? 2.384   -6.947  -7.715  0.960 20.542 0 43  VAL A CG2 1 ? 
ATOM   370  N  N   . ASN A 1 44  ? -0.306  -3.976  -5.325  1.000 16.122 0 44  ASN A N   1 ? 
ATOM   371  C  CA  . ASN A 1 44  ? -0.566  -2.823  -4.475  1.000 15.495 0 44  ASN A CA  1 ? 
ATOM   372  C  C   . ASN A 1 44  ? -1.101  -3.270  -3.119  1.000 15.209 0 44  ASN A C   1 ? 
ATOM   373  O  O   . ASN A 1 44  ? -2.001  -4.070  -3.022  1.000 19.664 0 44  ASN A O   1 ? 
ATOM   374  C  CB  . ASN A 1 44  ? -1.568  -1.845  -5.123  1.000 16.474 0 44  ASN A CB  1 ? 
ATOM   375  C  CG  . ASN A 1 44  ? -1.587  -0.488  -4.459  1.000 16.948 0 44  ASN A CG  1 ? 
ATOM   376  O  OD1 . ASN A 1 44  ? -0.610  0.230   -4.506  1.000 21.553 0 44  ASN A OD1 1 ? 
ATOM   377  N  ND2 . ASN A 1 44  ? -2.684  -0.127  -3.835  1.000 16.662 0 44  ASN A ND2 1 ? 
ATOM   378  N  N   . THR A 1 45  ? -0.607  -2.641  -2.071  1.000 12.931 0 45  THR A N   1 ? 
ATOM   379  C  CA  . THR A 1 45  ? -1.077  -2.931  -0.736  1.000 13.670 0 45  THR A CA  1 ? 
ATOM   380  C  C   . THR A 1 45  ? -1.839  -1.746  -0.147  1.000 13.120 0 45  THR A C   1 ? 
ATOM   381  O  O   . THR A 1 45  ? -1.342  -0.610  -0.204  1.000 14.682 0 45  THR A O   1 ? 
ATOM   382  C  CB  . THR A 1 45  ? 0.095   -3.328  0.158   1.000 15.257 0 45  THR A CB  1 ? 
ATOM   383  O  OG1 . THR A 1 45  ? 0.805   -4.409  -0.451  1.000 15.177 0 45  THR A OG1 1 ? 
ATOM   384  C  CG2 . THR A 1 45  ? -0.384  -3.729  1.541   1.000 15.715 0 45  THR A CG2 1 ? 
ATOM   385  N  N   . PHE A 1 46  ? -2.983  -2.043  0.473   1.000 12.275 0 46  PHE A N   1 ? 
ATOM   386  C  CA  . PHE A 1 46  ? -3.772  -1.085  1.243   1.000 12.300 0 46  PHE A CA  1 ? 
ATOM   387  C  C   . PHE A 1 46  ? -3.606  -1.367  2.719   1.000 13.352 0 46  PHE A C   1 ? 
ATOM   388  O  O   . PHE A 1 46  ? -3.557  -2.527  3.129   1.000 14.502 0 46  PHE A O   1 ? 
ATOM   389  C  CB  . PHE A 1 46  ? -5.257  -1.097  0.875   1.000 12.616 0 46  PHE A CB  1 ? 
ATOM   390  C  CG  . PHE A 1 46  ? -5.516  -0.640  -0.544  1.000 13.586 0 46  PHE A CG  1 ? 
ATOM   391  C  CD1 . PHE A 1 46  ? -5.540  0.695   -0.856  1.000 14.575 0 46  PHE A CD1 1 ? 
ATOM   392  C  CD2 . PHE A 1 46  ? -5.659  -1.551  -1.586  1.000 14.608 0 46  PHE A CD2 1 ? 
ATOM   393  C  CE1 . PHE A 1 46  ? -5.780  1.115   -2.169  1.000 14.409 0 46  PHE A CE1 1 ? 
ATOM   394  C  CE2 . PHE A 1 46  ? -5.905  -1.122  -2.891  1.000 16.012 0 46  PHE A CE2 1 ? 
ATOM   395  C  CZ  . PHE A 1 46  ? -5.944  0.212   -3.179  1.000 14.553 0 46  PHE A CZ  1 ? 
ATOM   396  N  N   . VAL A 1 47  ? -3.453  -0.287  3.478   1.000 12.431 0 47  VAL A N   1 ? 
ATOM   397  C  CA  . VAL A 1 47  ? -3.244  -0.377  4.913   1.000 13.091 0 47  VAL A CA  1 ? 
ATOM   398  C  C   . VAL A 1 47  ? -4.487  0.127   5.663   1.000 13.332 0 47  VAL A C   1 ? 
ATOM   399  O  O   . VAL A 1 47  ? -4.949  1.239   5.400   1.000 14.065 0 47  VAL A O   1 ? 
ATOM   400  C  CB  . VAL A 1 47  ? -2.008  0.426   5.340   1.000 12.377 0 47  VAL A CB  1 ? 
ATOM   401  C  CG1 . VAL A 1 47  ? -1.710  0.237   6.806   1.000 13.703 0 47  VAL A CG1 1 ? 
ATOM   402  C  CG2 . VAL A 1 47  ? -0.791  0.032   4.525   1.000 14.011 0 47  VAL A CG2 1 ? 
ATOM   403  N  N   . HIS A 1 48  ? -4.951  -0.634  6.648   1.000 12.297 0 48  HIS A N   1 ? 
ATOM   404  C  CA  . HIS A 1 48  ? -6.177  -0.296  7.369   1.000 12.239 0 48  HIS A CA  1 ? 
ATOM   405  C  C   . HIS A 1 48  ? -5.845  0.154   8.778   1.000 16.399 0 48  HIS A C   1 ? 
ATOM   406  O  O   . HIS A 1 48  ? -6.193  -0.513  9.734   1.000 21.266 0 48  HIS A O   1 ? 
ATOM   407  C  CB  . HIS A 1 48  ? -7.089  -1.517  7.477   1.000 12.937 0 48  HIS A CB  1 ? 
ATOM   408  C  CG  . HIS A 1 48  ? -7.366  -2.131  6.158   1.000 14.753 0 48  HIS A CG  1 ? 
ATOM   409  N  ND1 . HIS A 1 48  ? -8.039  -1.407  5.199   1.000 17.575 0 48  HIS A ND1 1 ? 
ATOM   410  C  CD2 . HIS A 1 48  ? -7.032  -3.296  5.570   1.000 14.877 0 48  HIS A CD2 1 ? 
ATOM   411  C  CE1 . HIS A 1 48  ? -8.121  -2.141  4.081   1.000 18.740 0 48  HIS A CE1 1 ? 
ATOM   412  N  NE2 . HIS A 1 48  ? -7.524  -3.300  4.285   1.000 16.201 0 48  HIS A NE2 1 ? 
ATOM   413  N  N   . GLU A 1 49  ? -5.012  1.173   8.892   1.000 16.660 0 49  GLU A N   1 ? 
ATOM   414  C  CA  . GLU A 1 49  ? -4.632  1.742   10.174  1.000 16.954 0 49  GLU A CA  1 ? 
ATOM   415  C  C   . GLU A 1 49  ? -4.754  3.235   10.027  1.000 16.335 0 49  GLU A C   1 ? 
ATOM   416  O  O   . GLU A 1 49  ? -4.846  3.728   8.901   1.000 17.321 0 49  GLU A O   1 ? 
ATOM   417  C  CB  . GLU A 1 49  ? -3.196  1.350   10.530  1.000 18.206 0 49  GLU A CB  1 ? 
ATOM   418  C  CG  . GLU A 1 49  ? -2.971  -0.157  10.661  1.000 20.140 0 49  GLU A CG  1 ? 
ATOM   419  C  CD  . GLU A 1 49  ? -3.684  -0.879  11.809  1.000 22.640 0 49  GLU A CD  1 ? 
ATOM   420  O  OE1 . GLU A 1 49  ? -4.204  -0.225  12.738  1.000 18.964 0 49  GLU A OE1 1 ? 
ATOM   421  O  OE2 . GLU A 1 49  ? -3.713  -2.109  11.789  1.000 18.921 0 49  GLU A OE2 1 ? 
ATOM   422  N  N   . SER A 1 50  ? -4.678  3.970   11.146  1.000 17.097 0 50  SER A N   1 ? 
ATOM   423  C  CA  . SER A 1 50  ? -4.724  5.414   11.054  1.000 18.148 0 50  SER A CA  1 ? 
ATOM   424  C  C   . SER A 1 50  ? -3.477  5.917   10.324  1.000 18.031 0 50  SER A C   1 ? 
ATOM   425  O  O   . SER A 1 50  ? -2.410  5.300   10.359  1.000 16.087 0 50  SER A O   1 ? 
ATOM   426  C  CB  . SER A 1 50  ? -4.820  6.025   12.425  1.000 18.831 0 50  SER A CB  1 ? 
ATOM   427  O  OG  . SER A 1 50  ? -3.584  5.834   13.099  1.000 19.835 0 50  SER A OG  1 ? 
ATOM   428  N  N   . LEU A 1 51  ? -3.614  7.074   9.689   1.000 17.351 0 51  LEU A N   1 ? 
ATOM   429  C  CA  . LEU A 1 51  ? -2.492  7.736   9.047   1.000 18.580 0 51  LEU A CA  1 ? 
ATOM   430  C  C   . LEU A 1 51  ? -1.380  8.004   10.050  1.000 16.338 0 51  LEU A C   1 ? 
ATOM   431  O  O   . LEU A 1 51  ? -0.205  7.834   9.715   1.000 15.824 0 51  LEU A O   1 ? 
ATOM   432  C  CB  . LEU A 1 51  ? -2.992  9.034   8.394   1.000 20.604 0 51  LEU A CB  1 ? 
ATOM   433  C  CG  . LEU A 1 51  ? -1.898  9.818   7.678   1.000 22.408 0 51  LEU A CG  1 ? 
ATOM   434  C  CD1 . LEU A 1 51  ? -1.424  9.084   6.433   1.000 23.912 0 51  LEU A CD1 1 ? 
ATOM   435  C  CD2 . LEU A 1 51  ? -2.379  11.221  7.333   1.000 26.867 0 51  LEU A CD2 1 ? 
ATOM   436  N  N   . ALA A 1 52  ? -1.750  8.406   11.269  1.000 17.116 0 52  ALA A N   1 ? 
ATOM   437  C  CA  . ALA A 1 52  ? -0.779  8.649   12.318  1.000 17.710 0 52  ALA A CA  1 ? 
ATOM   438  C  C   . ALA A 1 52  ? 0.057   7.403   12.582  1.000 16.792 0 52  ALA A C   1 ? 
ATOM   439  O  O   . ALA A 1 52  ? 1.273   7.536   12.732  1.000 16.556 0 52  ALA A O   1 ? 
ATOM   440  C  CB  . ALA A 1 52  ? -1.449  9.129   13.587  1.000 20.797 0 52  ALA A CB  1 ? 
ATOM   441  N  N   . ASP A 1 53  ? -0.586  6.222   12.653  1.000 15.909 0 53  ASP A N   1 ? 
ATOM   442  C  CA  . ASP A 1 53  ? 0.158   4.989   12.943  1.000 16.001 0 53  ASP A CA  1 ? 
ATOM   443  C  C   . ASP A 1 53  ? 1.105   4.642   11.795  1.000 15.596 0 53  ASP A C   1 ? 
ATOM   444  O  O   . ASP A 1 53  ? 2.176   4.088   12.002  1.000 16.248 0 53  ASP A O   1 ? 
ATOM   445  C  CB  . ASP A 1 53  ? -0.765  3.813   13.199  1.000 19.293 0 53  ASP A CB  1 ? 
ATOM   446  C  CG  . ASP A 1 53  ? -1.411  3.780   14.567  1.000 26.124 0 53  ASP A CG  1 ? 
ATOM   447  O  OD1 . ASP A 1 53  ? -1.122  4.669   15.381  1.000 24.377 0 53  ASP A OD1 1 ? 
ATOM   448  O  OD2 . ASP A 1 53  ? -2.195  2.846   14.782  1.000 29.161 0 53  ASP A OD2 1 ? 
ATOM   449  N  N   . VAL A 1 54  ? 0.697   4.940   10.550  1.000 15.013 0 54  VAL A N   1 ? 
ATOM   450  C  CA  . VAL A 1 54  ? 1.521   4.633   9.400   1.000 13.678 0 54  VAL A CA  1 ? 
ATOM   451  C  C   . VAL A 1 54  ? 2.682   5.631   9.320   1.000 13.530 0 54  VAL A C   1 ? 
ATOM   452  O  O   . VAL A 1 54  ? 3.816   5.229   9.116   1.000 13.124 0 54  VAL A O   1 ? 
ATOM   453  C  CB  . VAL A 1 54  ? 0.693   4.542   8.107   1.000 13.659 0 54  VAL A CB  1 ? 
ATOM   454  C  CG1 . VAL A 1 54  ? 1.570   4.392   6.879   1.000 14.768 0 54  VAL A CG1 1 ? 
ATOM   455  C  CG2 . VAL A 1 54  ? -0.317  3.417   8.182   1.000 15.096 0 54  VAL A CG2 1 ? 
ATOM   456  N  N   . GLN A 1 55  ? 2.451   6.928   9.560   1.000 14.523 0 55  GLN A N   1 ? 
ATOM   457  C  CA  . GLN A 1 55  ? 3.531   7.920   9.582   1.000 14.872 0 55  GLN A CA  1 ? 
ATOM   458  C  C   . GLN A 1 55  ? 4.569   7.604   10.666  1.000 14.550 0 55  GLN A C   1 ? 
ATOM   459  O  O   . GLN A 1 55  ? 5.769   7.837   10.473  1.000 15.240 0 55  GLN A O   1 ? 
ATOM   460  C  CB  . GLN A 1 55  ? 2.943   9.326   9.785   1.000 16.879 0 55  GLN A CB  1 ? 
ATOM   461  C  CG  . GLN A 1 55  ? 2.181   9.812   8.565   1.000 17.828 0 55  GLN A CG  1 ? 
ATOM   462  C  CD  . GLN A 1 55  ? 1.513   11.150  8.786   1.000 21.763 0 55  GLN A CD  1 ? 
ATOM   463  O  OE1 . GLN A 1 55  ? 1.225   11.565  9.905   1.000 23.458 0 55  GLN A OE1 1 ? 
ATOM   464  N  NE2 . GLN A 1 55  ? 1.247   11.829  7.699   1.000 22.612 0 55  GLN A NE2 1 ? 
ATOM   465  N  N   . ALA A 1 56  ? 4.095   7.048   11.792  1.000 13.807 0 56  ALA A N   1 ? 
ATOM   466  C  CA  . ALA A 1 56  ? 4.933   6.725   12.933  1.000 14.142 0 56  ALA A CA  1 ? 
ATOM   467  C  C   . ALA A 1 56  ? 5.978   5.699   12.559  1.000 13.407 0 56  ALA A C   1 ? 
ATOM   468  O  O   . ALA A 1 56  ? 7.041   5.633   13.170  1.000 14.579 0 56  ALA A O   1 ? 
ATOM   469  C  CB  . ALA A 1 56  ? 4.091   6.211   14.073  1.000 15.901 0 56  ALA A CB  1 ? 
ATOM   470  N  N   . VAL A 1 57  ? 5.731   4.902   11.495  1.000 13.674 0 57  VAL A N   1 ? 
ATOM   471  C  CA  . VAL A 1 57  ? 6.699   3.869   11.126  1.000 12.247 0 57  VAL A CA  1 ? 
ATOM   472  C  C   . VAL A 1 57  ? 8.043   4.486   10.741  1.000 13.813 0 57  VAL A C   1 ? 
ATOM   473  O  O   . VAL A 1 57  ? 9.084   3.830   10.894  1.000 13.108 0 57  VAL A O   1 ? 
ATOM   474  C  CB  . VAL A 1 57  ? 6.109   2.954   10.028  1.000 13.196 0 57  VAL A CB  1 ? 
ATOM   475  C  CG1 . VAL A 1 57  ? 7.104   1.933   9.504   1.000 13.320 0 57  VAL A CG1 1 ? 
ATOM   476  C  CG2 . VAL A 1 57  ? 4.862   2.273   10.543  1.000 13.567 0 57  VAL A CG2 1 ? 
ATOM   477  N  N   . CYS A 1 58  ? 8.032   5.740   10.243  1.000 15.503 0 58  CYS A N   1 ? 
ATOM   478  C  CA  . CYS A 1 58  ? 9.246   6.459   9.874   1.000 15.656 0 58  CYS A CA  1 ? 
ATOM   479  C  C   . CYS A 1 58  ? 10.174  6.705   11.065  1.000 16.465 0 58  CYS A C   1 ? 
ATOM   480  O  O   . CYS A 1 58  ? 11.316  7.112   10.854  1.000 16.369 0 58  CYS A O   1 ? 
ATOM   481  C  CB  . CYS A 1 58  ? 8.941   7.802   9.194   1.000 16.626 0 58  CYS A CB  1 ? 
ATOM   482  S  SG  . CYS A 1 58  ? 8.092   7.624   7.593   1.000 18.041 0 58  CYS A SG  1 ? 
ATOM   483  N  N   . SER A 1 59  ? 9.711   6.440   12.284  1.000 17.789 0 59  SER A N   1 ? 
ATOM   484  C  CA  . SER A 1 59  ? 10.521  6.507   13.501  1.000 18.217 0 59  SER A CA  1 ? 
ATOM   485  C  C   . SER A 1 59  ? 10.854  5.124   14.070  1.000 18.903 0 59  SER A C   1 ? 
ATOM   486  O  O   . SER A 1 59  ? 11.283  5.043   15.217  1.000 19.381 0 59  SER A O   1 ? 
ATOM   487  C  CB  . SER A 1 59  ? 9.758   7.241   14.565  1.000 19.706 0 59  SER A CB  1 ? 
ATOM   488  O  OG  . SER A 1 59  ? 9.477   8.568   14.163  1.000 22.868 0 59  SER A OG  1 ? 
ATOM   489  N  N   . GLN A 1 60  ? 10.536  4.028   13.365  1.000 15.857 0 60  GLN A N   1 ? 
ATOM   490  C  CA  . GLN A 1 60  ? 10.673  2.710   13.981  1.000 16.652 0 60  GLN A CA  1 ? 
ATOM   491  C  C   . GLN A 1 60  ? 11.954  2.066   13.448  1.000 19.229 0 60  GLN A C   1 ? 
ATOM   492  O  O   . GLN A 1 60  ? 12.999  2.705   13.429  1.000 19.168 0 60  GLN A O   1 ? 
ATOM   493  C  CB  . GLN A 1 60  ? 9.379   1.896   13.873  1.000 15.247 0 60  GLN A CB  1 ? 
ATOM   494  C  CG  . GLN A 1 60  ? 8.229   2.603   14.562  1.000 15.529 0 60  GLN A CG  1 ? 
ATOM   495  C  CD  . GLN A 1 60  ? 6.873   1.971   14.502  1.000 14.934 0 60  GLN A CD  1 ? 
ATOM   496  O  OE1 . GLN A 1 60  ? 6.662   0.857   14.025  1.000 15.327 0 60  GLN A OE1 1 ? 
ATOM   497  N  NE2 . GLN A 1 60  ? 5.894   2.725   14.975  1.000 17.251 0 60  GLN A NE2 1 ? 
ATOM   498  N  N   . LYS A 1 61  ? 11.878  0.830   12.946  1.000 17.640 0 61  LYS A N   1 ? 
ATOM   499  C  CA  . LYS A 1 61  ? 13.084  0.047   12.719  1.000 18.677 0 61  LYS A CA  1 ? 
ATOM   500  C  C   . LYS A 1 61  ? 13.669  0.357   11.348  1.000 20.170 0 61  LYS A C   1 ? 
ATOM   501  O  O   . LYS A 1 61  ? 13.138  -0.050  10.329  1.000 18.809 0 61  LYS A O   1 ? 
ATOM   502  C  CB  . LYS A 1 61  ? 12.747  -1.448  12.804  1.000 20.845 0 61  LYS A CB  1 ? 
ATOM   503  C  CG  . LYS A 1 61  ? 13.870  -2.406  12.447  1.000 25.393 0 61  LYS A CG  1 ? 
ATOM   504  C  CD  . LYS A 1 61  ? 15.106  -2.275  13.306  1.000 30.022 0 61  LYS A CD  1 ? 
ATOM   505  C  CE  . LYS A 1 61  ? 16.104  -3.385  13.004  1.000 37.221 0 61  LYS A CE  1 ? 
ATOM   506  N  NZ  . LYS A 1 61  ? 17.108  -3.528  14.083  1.000 36.154 0 61  LYS A NZ  1 ? 
ATOM   507  N  N   . ASN A 1 62  ? 14.874  0.914   11.328  1.000 18.503 0 62  ASN A N   1 ? 
ATOM   508  C  CA  . ASN A 1 62  ? 15.532  1.264   10.082  1.000 19.189 0 62  ASN A CA  1 ? 
ATOM   509  C  C   . ASN A 1 62  ? 16.105  0.016   9.409   1.000 19.973 0 62  ASN A C   1 ? 
ATOM   510  O  O   . ASN A 1 62  ? 16.835  -0.749  10.031  1.000 19.951 0 62  ASN A O   1 ? 
ATOM   511  C  CB  . ASN A 1 62  ? 16.561  2.350   10.386  1.000 21.760 0 62  ASN A CB  1 ? 
ATOM   512  C  CG  . ASN A 1 62  ? 17.302  2.854   9.175   1.000 26.062 0 62  ASN A CG  1 ? 
ATOM   513  O  OD1 . ASN A 1 62  ? 18.498  3.109   9.271   1.000 29.052 0 62  ASN A OD1 1 ? 
ATOM   514  N  ND2 . ASN A 1 62  ? 16.616  3.023   8.050   1.000 23.366 0 62  ASN A ND2 1 ? 
ATOM   515  N  N   . VAL A 1 63  ? 15.774  -0.174  8.121   1.000 19.331 0 63  VAL A N   1 ? 
ATOM   516  C  CA  . VAL A 1 63  ? 16.219  -1.309  7.321   1.000 17.592 0 63  VAL A CA  1 ? 
ATOM   517  C  C   . VAL A 1 63  ? 16.528  -0.808  5.916   1.000 20.287 0 63  VAL A C   1 ? 
ATOM   518  O  O   . VAL A 1 63  ? 16.039  0.247   5.499   1.000 18.348 0 63  VAL A O   1 ? 
ATOM   519  C  CB  . VAL A 1 63  ? 15.141  -2.416  7.271   1.000 17.176 0 63  VAL A CB  1 ? 
ATOM   520  C  CG1 . VAL A 1 63  ? 14.854  -2.981  8.640   1.000 16.103 0 63  VAL A CG1 1 ? 
ATOM   521  C  CG2 . VAL A 1 63  ? 13.845  -1.909  6.672   1.000 18.691 0 63  VAL A CG2 1 ? 
ATOM   522  N  N   . ALA A 1 64  ? 17.239  -1.632  5.148   1.000 20.710 0 64  ALA A N   1 ? 
ATOM   523  C  CA  . ALA A 1 64  ? 17.453  -1.362  3.735   1.000 22.797 0 64  ALA A CA  1 ? 
ATOM   524  C  C   . ALA A 1 64  ? 16.181  -1.618  2.928   1.000 20.761 0 64  ALA A C   1 ? 
ATOM   525  O  O   . ALA A 1 64  ? 15.398  -2.481  3.274   1.000 20.377 0 64  ALA A O   1 ? 
ATOM   526  C  CB  . ALA A 1 64  ? 18.579  -2.220  3.225   1.000 22.013 0 64  ALA A CB  1 ? 
ATOM   527  N  N   . CYS A 1 65  ? 15.956  -0.762  1.920   1.000 20.122 0 65  CYS A N   1 ? 
ATOM   528  C  CA  . CYS A 1 65  ? 14.922  -0.925  0.921   1.000 21.572 0 65  CYS A CA  1 ? 
ATOM   529  C  C   . CYS A 1 65  ? 15.390  -1.964  -0.104  1.000 24.424 0 65  CYS A C   1 ? 
ATOM   530  O  O   . CYS A 1 65  ? 16.605  -2.227  -0.235  1.000 22.799 0 65  CYS A O   1 ? 
ATOM   531  C  CB  . CYS A 1 65  ? 14.633  0.402   0.213   1.000 22.148 0 65  CYS A CB  1 ? 
ATOM   532  S  SG  . CYS A 1 65  ? 14.309  1.840   1.274   0.870 19.151 0 65  CYS A SG  1 ? 
ATOM   533  N  N   . LYS A 1 66  ? 14.431  -2.529  -0.844  1.000 24.355 0 66  LYS A N   1 ? 
ATOM   534  C  CA  . LYS A 1 66  ? 14.736  -3.504  -1.886  1.000 28.373 0 66  LYS A CA  1 ? 
ATOM   535  C  C   . LYS A 1 66  ? 15.780  -2.925  -2.849  1.000 31.531 0 66  LYS A C   1 ? 
ATOM   536  O  O   . LYS A 1 66  ? 16.654  -3.659  -3.317  1.000 29.470 0 66  LYS A O   1 ? 
ATOM   537  C  CB  . LYS A 1 66  ? 13.459  -3.952  -2.599  1.000 34.678 0 66  LYS A CB  1 ? 
ATOM   538  C  CG  . LYS A 1 66  ? 12.372  -4.518  -1.688  1.000 46.310 0 66  LYS A CG  1 ? 
ATOM   539  C  CD  . LYS A 1 66  ? 12.085  -6.002  -1.806  1.000 50.845 0 66  LYS A CD  1 ? 
ATOM   540  C  CE  . LYS A 1 66  ? 10.764  -6.374  -1.166  0.560 48.240 0 66  LYS A CE  1 ? 
ATOM   541  N  NZ  . LYS A 1 66  ? 10.624  -7.832  -0.927  0.320 44.989 0 66  LYS A NZ  1 ? 
ATOM   542  N  N   . ASN A 1 67  ? 15.751  -1.603  -3.068  1.000 30.054 0 67  ASN A N   1 ? 
ATOM   543  C  CA  . ASN A 1 67  ? 16.632  -0.965  -4.034  1.000 32.541 0 67  ASN A CA  1 ? 
ATOM   544  C  C   . ASN A 1 67  ? 18.000  -0.625  -3.447  1.000 30.996 0 67  ASN A C   1 ? 
ATOM   545  O  O   . ASN A 1 67  ? 18.806  0.019   -4.106  1.000 32.329 0 67  ASN A O   1 ? 
ATOM   546  C  CB  . ASN A 1 67  ? 15.998  0.291   -4.632  1.000 32.007 0 67  ASN A CB  1 ? 
ATOM   547  C  CG  . ASN A 1 67  ? 15.848  1.462   -3.677  1.000 33.868 0 67  ASN A CG  1 ? 
ATOM   548  O  OD1 . ASN A 1 67  ? 16.361  1.493   -2.565  1.000 30.032 0 67  ASN A OD1 1 ? 
ATOM   549  N  ND2 . ASN A 1 67  ? 15.149  2.486   -4.128  1.000 34.782 0 67  ASN A ND2 1 ? 
ATOM   550  N  N   . GLY A 1 68  ? 18.266  -0.977  -2.194  1.000 26.191 0 68  GLY A N   1 ? 
ATOM   551  C  CA  . GLY A 1 68  ? 19.580  -0.718  -1.628  1.000 28.857 0 68  GLY A CA  1 ? 
ATOM   552  C  C   . GLY A 1 68  ? 19.703  0.596   -0.873  1.000 28.391 0 68  GLY A C   1 ? 
ATOM   553  O  O   . GLY A 1 68  ? 20.647  0.742   -0.118  1.000 29.588 0 68  GLY A O   1 ? 
ATOM   554  N  N   . GLN A 1 69  ? 18.727  1.515   -1.004  1.000 28.381 0 69  GLN A N   1 ? 
ATOM   555  C  CA  . GLN A 1 69  ? 18.741  2.731   -0.199  1.000 27.220 0 69  GLN A CA  1 ? 
ATOM   556  C  C   . GLN A 1 69  ? 18.453  2.360   1.250   1.000 26.434 0 69  GLN A C   1 ? 
ATOM   557  O  O   . GLN A 1 69  ? 17.933  1.279   1.506   1.000 25.735 0 69  GLN A O   1 ? 
ATOM   558  C  CB  . GLN A 1 69  ? 17.686  3.726   -0.673  1.000 32.133 0 69  GLN A CB  1 ? 
ATOM   559  C  CG  . GLN A 1 69  ? 17.834  4.214   -2.117  1.000 36.311 0 69  GLN A CG  1 ? 
ATOM   560  C  CD  . GLN A 1 69  ? 16.689  5.103   -2.563  0.540 35.529 0 69  GLN A CD  1 ? 
ATOM   561  O  OE1 . GLN A 1 69  ? 16.702  5.665   -3.656  0.480 39.778 0 69  GLN A OE1 1 ? 
ATOM   562  N  NE2 . GLN A 1 69  ? 15.676  5.252   -1.721  0.420 35.986 0 69  GLN A NE2 1 ? 
ATOM   563  N  N   . THR A 1 70  ? 18.747  3.266   2.184   1.000 24.918 0 70  THR A N   1 ? 
ATOM   564  C  CA  . THR A 1 70  ? 18.685  2.952   3.606   1.000 28.497 0 70  THR A CA  1 ? 
ATOM   565  C  C   . THR A 1 70  ? 17.684  3.838   4.354   1.000 22.184 0 70  THR A C   1 ? 
ATOM   566  O  O   . THR A 1 70  ? 17.777  3.989   5.571   1.000 21.626 0 70  THR A O   1 ? 
ATOM   567  C  CB  . THR A 1 70  ? 20.075  3.043   4.242   1.000 34.349 0 70  THR A CB  1 ? 
ATOM   568  O  OG1 . THR A 1 70  ? 20.524  4.389   4.074   1.000 36.649 0 70  THR A OG1 1 ? 
ATOM   569  C  CG2 . THR A 1 70  ? 21.034  2.063   3.606   1.000 36.671 0 70  THR A CG2 1 ? 
ATOM   570  N  N   . ASN A 1 71  ? 16.708  4.373   3.619   1.000 20.889 0 71  ASN A N   1 ? 
ATOM   571  C  CA  . ASN A 1 71  ? 15.647  5.201   4.187   1.000 18.103 0 71  ASN A CA  1 ? 
ATOM   572  C  C   . ASN A 1 71  ? 14.333  4.422   4.324   1.000 17.317 0 71  ASN A C   1 ? 
ATOM   573  O  O   . ASN A 1 71  ? 13.262  5.041   4.301   1.000 16.288 0 71  ASN A O   1 ? 
ATOM   574  C  CB  . ASN A 1 71  ? 15.448  6.492   3.364   1.000 19.526 0 71  ASN A CB  1 ? 
ATOM   575  C  CG  . ASN A 1 71  ? 14.963  6.237   1.948   1.000 20.940 0 71  ASN A CG  1 ? 
ATOM   576  O  OD1 . ASN A 1 71  ? 15.409  5.302   1.301   1.000 26.824 0 71  ASN A OD1 1 ? 
ATOM   577  N  ND2 . ASN A 1 71  ? 14.009  7.003   1.461   1.000 22.203 0 71  ASN A ND2 1 ? 
ATOM   578  N  N   . CYS A 1 72  ? 14.398  3.086   4.485   1.000 15.567 0 72  CYS A N   1 ? 
ATOM   579  C  CA  . CYS A 1 72  ? 13.206  2.301   4.783   1.000 15.215 0 72  CYS A CA  1 ? 
ATOM   580  C  C   . CYS A 1 72  ? 13.101  1.969   6.269   1.000 16.224 0 72  CYS A C   1 ? 
ATOM   581  O  O   . CYS A 1 72  ? 14.093  1.940   7.010   1.000 16.743 0 72  CYS A O   1 ? 
ATOM   582  C  CB  . CYS A 1 72  ? 13.157  1.032   3.948   1.000 17.250 0 72  CYS A CB  1 ? 
ATOM   583  S  SG  . CYS A 1 72  ? 12.631  1.290   2.241   1.000 19.037 0 72  CYS A SG  1 ? 
ATOM   584  N  N   . TYR A 1 73  ? 11.849  1.759   6.708   1.000 15.505 0 73  TYR A N   1 ? 
ATOM   585  C  CA  . TYR A 1 73  ? 11.523  1.482   8.078   1.000 15.675 0 73  TYR A CA  1 ? 
ATOM   586  C  C   . TYR A 1 73  ? 10.484  0.379   8.137   1.000 15.435 0 73  TYR A C   1 ? 
ATOM   587  O  O   . TYR A 1 73  ? 9.524   0.402   7.384   1.000 13.794 0 73  TYR A O   1 ? 
ATOM   588  C  CB  . TYR A 1 73  ? 11.005  2.748   8.771   1.000 16.692 0 73  TYR A CB  1 ? 
ATOM   589  C  CG  . TYR A 1 73  ? 12.079  3.792   8.821   1.000 17.486 0 73  TYR A CG  1 ? 
ATOM   590  C  CD1 . TYR A 1 73  ? 12.270  4.642   7.761   1.000 18.606 0 73  TYR A CD1 1 ? 
ATOM   591  C  CD2 . TYR A 1 73  ? 12.932  3.888   9.905   1.000 19.215 0 73  TYR A CD2 1 ? 
ATOM   592  C  CE1 . TYR A 1 73  ? 13.296  5.569   7.755   1.000 20.323 0 73  TYR A CE1 1 ? 
ATOM   593  C  CE2 . TYR A 1 73  ? 13.943  4.834   9.931   1.000 21.036 0 73  TYR A CE2 1 ? 
ATOM   594  C  CZ  . TYR A 1 73  ? 14.122  5.666   8.844   1.000 22.835 0 73  TYR A CZ  1 ? 
ATOM   595  O  OH  . TYR A 1 73  ? 15.123  6.586   8.785   1.000 33.312 0 73  TYR A OH  1 ? 
ATOM   596  N  N   A GLN A 1 74  ? 10.672  -0.537  9.084   0.500 14.827 0 74  GLN A N   1 ? 
ATOM   597  N  N   B GLN A 1 74  ? 10.690  -0.549  9.069   0.500 14.892 0 74  GLN A N   1 ? 
ATOM   598  C  CA  A GLN A 1 74  ? 9.743   -1.627  9.312   0.500 14.843 0 74  GLN A CA  1 ? 
ATOM   599  C  CA  B GLN A 1 74  ? 9.751   -1.623  9.329   0.500 14.954 0 74  GLN A CA  1 ? 
ATOM   600  C  C   A GLN A 1 74  ? 8.954   -1.352  10.596  0.500 14.562 0 74  GLN A C   1 ? 
ATOM   601  C  C   B GLN A 1 74  ? 8.946   -1.313  10.594  0.500 14.632 0 74  GLN A C   1 ? 
ATOM   602  O  O   A GLN A 1 74  ? 9.526   -0.989  11.625  0.500 15.261 0 74  GLN A O   1 ? 
ATOM   603  O  O   B GLN A 1 74  ? 9.498   -0.902  11.614  0.500 15.377 0 74  GLN A O   1 ? 
ATOM   604  C  CB  A GLN A 1 74  ? 10.523  -2.938  9.380   0.500 15.278 0 74  GLN A CB  1 ? 
ATOM   605  C  CB  B GLN A 1 74  ? 10.503  -2.942  9.490   0.500 15.482 0 74  GLN A CB  1 ? 
ATOM   606  C  CG  A GLN A 1 74  ? 9.622   -4.168  9.381   0.500 16.499 0 74  GLN A CG  1 ? 
ATOM   607  C  CG  B GLN A 1 74  ? 9.564   -4.087  9.848   0.500 16.681 0 74  GLN A CG  1 ? 
ATOM   608  C  CD  A GLN A 1 74  ? 10.399  -5.461  9.292   0.500 18.845 0 74  GLN A CD  1 ? 
ATOM   609  C  CD  B GLN A 1 74  ? 10.229  -5.441  9.871   0.500 19.968 0 74  GLN A CD  1 ? 
ATOM   610  O  OE1 A GLN A 1 74  ? 11.160  -5.684  8.366   0.500 17.473 0 74  GLN A OE1 1 ? 
ATOM   611  O  OE1 B GLN A 1 74  ? 11.450  -5.553  9.830   0.500 18.783 0 74  GLN A OE1 1 ? 
ATOM   612  N  NE2 A GLN A 1 74  ? 10.229  -6.311  10.288  0.500 21.544 0 74  GLN A NE2 1 ? 
ATOM   613  N  NE2 B GLN A 1 74  ? 9.410   -6.479  9.971   0.500 19.414 0 74  GLN A NE2 1 ? 
ATOM   614  N  N   . SER A 1 75  ? 7.637   -1.563  10.550  1.000 13.296 0 75  SER A N   1 ? 
ATOM   615  C  CA  . SER A 1 75  ? 6.788   -1.364  11.703  1.000 12.539 0 75  SER A CA  1 ? 
ATOM   616  C  C   . SER A 1 75  ? 7.143   -2.394  12.778  1.000 12.700 0 75  SER A C   1 ? 
ATOM   617  O  O   . SER A 1 75  ? 7.379   -3.577  12.481  1.000 13.472 0 75  SER A O   1 ? 
ATOM   618  C  CB  . SER A 1 75  ? 5.336   -1.421  11.323  1.000 12.479 0 75  SER A CB  1 ? 
ATOM   619  O  OG  . SER A 1 75  ? 4.959   -2.715  10.825  1.000 12.957 0 75  SER A OG  1 ? 
ATOM   620  N  N   . TYR A 1 76  ? 7.277   -1.933  14.029  1.000 12.797 0 76  TYR A N   1 ? 
ATOM   621  C  CA  . TYR A 1 76  ? 7.530   -2.864  15.112  1.000 13.329 0 76  TYR A CA  1 ? 
ATOM   622  C  C   . TYR A 1 76  ? 6.413   -3.898  15.225  1.000 14.025 0 76  TYR A C   1 ? 
ATOM   623  O  O   . TYR A 1 76  ? 6.661   -5.039  15.551  1.000 13.514 0 76  TYR A O   1 ? 
ATOM   624  C  CB  . TYR A 1 76  ? 7.615   -2.124  16.449  1.000 15.476 0 76  TYR A CB  1 ? 
ATOM   625  C  CG  . TYR A 1 76  ? 8.706   -1.102  16.616  1.000 16.624 0 76  TYR A CG  1 ? 
ATOM   626  C  CD1 . TYR A 1 76  ? 10.010  -1.389  16.262  1.000 20.142 0 76  TYR A CD1 1 ? 
ATOM   627  C  CD2 . TYR A 1 76  ? 8.459   0.112   17.228  1.000 18.893 0 76  TYR A CD2 1 ? 
ATOM   628  C  CE1 . TYR A 1 76  ? 11.037  -0.483  16.472  1.000 21.138 0 76  TYR A CE1 1 ? 
ATOM   629  C  CE2 . TYR A 1 76  ? 9.487   1.010   17.494  1.000 19.712 0 76  TYR A CE2 1 ? 
ATOM   630  C  CZ  . TYR A 1 76  ? 10.780  0.700   17.132  1.000 22.374 0 76  TYR A CZ  1 ? 
ATOM   631  O  OH  . TYR A 1 76  ? 11.848  1.559   17.325  1.000 30.551 0 76  TYR A OH  1 ? 
ATOM   632  N  N   . SER A 1 77  ? 5.167   -3.474  15.023  1.000 13.797 0 77  SER A N   1 ? 
ATOM   633  C  CA  . SER A 1 77  ? 4.031   -4.349  15.196  1.000 14.205 0 77  SER A CA  1 ? 
ATOM   634  C  C   . SER A 1 77  ? 3.441   -4.719  13.830  1.000 12.935 0 77  SER A C   1 ? 
ATOM   635  O  O   . SER A 1 77  ? 3.735   -4.086  12.844  1.000 15.246 0 77  SER A O   1 ? 
ATOM   636  C  CB  A SER A 1 77  ? 3.010   -3.657  16.056  0.680 16.194 0 77  SER A CB  1 ? 
ATOM   637  C  CB  C SER A 1 77  ? 3.006   -3.743  16.122  0.320 14.126 0 77  SER A CB  1 ? 
ATOM   638  O  OG  A SER A 1 77  ? 2.383   -2.609  15.304  0.680 19.430 0 77  SER A OG  1 ? 
ATOM   639  O  OG  C SER A 1 77  ? 2.105   -4.741  16.586  0.320 14.038 0 77  SER A OG  1 ? 
ATOM   640  N  N   . THR A 1 78  ? 2.535   -5.691  13.792  1.000 13.709 0 78  THR A N   1 ? 
ATOM   641  C  CA  . THR A 1 78  ? 1.806   -5.969  12.570  1.000 13.933 0 78  THR A CA  1 ? 
ATOM   642  C  C   . THR A 1 78  ? 0.673   -4.938  12.419  1.000 14.127 0 78  THR A C   1 ? 
ATOM   643  O  O   . THR A 1 78  ? 0.208   -4.394  13.412  1.000 12.613 0 78  THR A O   1 ? 
ATOM   644  C  CB  . THR A 1 78  ? 1.244   -7.392  12.570  1.000 15.065 0 78  THR A CB  1 ? 
ATOM   645  O  OG1 . THR A 1 78  ? 0.331   -7.529  13.657  1.000 16.533 0 78  THR A OG1 1 ? 
ATOM   646  C  CG2 . THR A 1 78  ? 2.341   -8.426  12.658  1.000 16.921 0 78  THR A CG2 1 ? 
ATOM   647  N  N   . MET A 1 79  ? 0.206   -4.782  11.172  1.000 13.182 0 79  MET A N   1 ? 
ATOM   648  C  CA  . MET A 1 79  ? -0.903  -3.923  10.807  1.000 13.345 0 79  MET A CA  1 ? 
ATOM   649  C  C   . MET A 1 79  ? -1.885  -4.719  9.961   1.000 14.182 0 79  MET A C   1 ? 
ATOM   650  O  O   . MET A 1 79  ? -1.485  -5.642  9.277   1.000 12.617 0 79  MET A O   1 ? 
ATOM   651  C  CB  . MET A 1 79  ? -0.380  -2.736  10.000  1.000 14.558 0 79  MET A CB  1 ? 
ATOM   652  C  CG  . MET A 1 79  ? 0.400   -1.767  10.888  1.000 17.921 0 79  MET A CG  1 ? 
ATOM   653  S  SD  . MET A 1 79  ? 0.879   -0.313  9.975   1.000 18.302 0 79  MET A SD  1 ? 
ATOM   654  C  CE  . MET A 1 79  ? 1.630   0.630   11.308  1.000 19.646 0 79  MET A CE  1 ? 
ATOM   655  N  N   . SER A 1 80  ? -3.170  -4.329  9.999   1.000 13.066 0 80  SER A N   1 ? 
ATOM   656  C  CA  . SER A 1 80  ? -4.150  -4.866  9.081   1.000 13.745 0 80  SER A CA  1 ? 
ATOM   657  C  C   . SER A 1 80  ? -3.881  -4.327  7.677   1.000 13.313 0 80  SER A C   1 ? 
ATOM   658  O  O   . SER A 1 80  ? -3.910  -3.116  7.470   1.000 15.022 0 80  SER A O   1 ? 
ATOM   659  C  CB  . SER A 1 80  ? -5.537  -4.500  9.542   1.000 14.293 0 80  SER A CB  1 ? 
ATOM   660  O  OG  . SER A 1 80  ? -6.496  -4.905  8.587   1.000 15.219 0 80  SER A OG  1 ? 
ATOM   661  N  N   A ILE A 1 81  ? -3.658  -5.235  6.722   0.500 12.498 0 81  ILE A N   1 ? 
ATOM   662  N  N   B ILE A 1 81  ? -3.623  -5.217  6.710   0.500 13.313 0 81  ILE A N   1 ? 
ATOM   663  C  CA  A ILE A 1 81  ? -3.372  -4.850  5.353   0.500 11.938 0 81  ILE A CA  1 ? 
ATOM   664  C  CA  B ILE A 1 81  ? -3.324  -4.803  5.347   0.500 13.319 0 81  ILE A CA  1 ? 
ATOM   665  C  C   A ILE A 1 81  ? -4.227  -5.700  4.415   0.500 11.903 0 81  ILE A C   1 ? 
ATOM   666  C  C   B ILE A 1 81  ? -4.023  -5.748  4.371   0.500 12.872 0 81  ILE A C   1 ? 
ATOM   667  O  O   A ILE A 1 81  ? -4.825  -6.706  4.812   0.500 10.449 0 81  ILE A O   1 ? 
ATOM   668  O  O   B ILE A 1 81  ? -4.293  -6.900  4.704   0.500 11.742 0 81  ILE A O   1 ? 
ATOM   669  C  CB  A ILE A 1 81  ? -1.872  -4.984  5.017   0.500 11.990 0 81  ILE A CB  1 ? 
ATOM   670  C  CB  B ILE A 1 81  ? -1.804  -4.742  5.083   0.500 14.542 0 81  ILE A CB  1 ? 
ATOM   671  C  CG1 A ILE A 1 81  ? -1.439  -6.449  4.949   0.500 12.678 0 81  ILE A CG1 1 ? 
ATOM   672  C  CG1 B ILE A 1 81  ? -1.126  -6.103  5.227   0.500 16.140 0 81  ILE A CG1 1 ? 
ATOM   673  C  CG2 A ILE A 1 81  ? -1.007  -4.182  5.985   0.500 12.028 0 81  ILE A CG2 1 ? 
ATOM   674  C  CG2 B ILE A 1 81  ? -1.118  -3.715  5.969   0.500 14.398 0 81  ILE A CG2 1 ? 
ATOM   675  C  CD1 A ILE A 1 81  ? 0.020   -6.405  4.279   0.000 14.990 0 81  ILE A CD1 1 ? 
ATOM   676  C  CD1 B ILE A 1 81  ? -0.878  -6.787  3.932   0.500 17.312 0 81  ILE A CD1 1 ? 
ATOM   677  N  N   . THR A 1 82  ? -4.293  -5.243  3.162   1.000 12.022 0 82  THR A N   1 ? 
ATOM   678  C  CA  . THR A 1 82  ? -4.832  -6.053  2.083   1.000 13.490 0 82  THR A CA  1 ? 
ATOM   679  C  C   . THR A 1 82  ? -3.867  -5.973  0.916   1.000 13.576 0 82  THR A C   1 ? 
ATOM   680  O  O   . THR A 1 82  ? -3.546  -4.884  0.434   1.000 14.153 0 82  THR A O   1 ? 
ATOM   681  C  CB  . THR A 1 82  ? -6.223  -5.600  1.634   1.000 15.310 0 82  THR A CB  1 ? 
ATOM   682  O  OG1 . THR A 1 82  ? -7.030  -5.459  2.803   1.000 15.359 0 82  THR A OG1 1 ? 
ATOM   683  C  CG2 . THR A 1 82  ? -6.808  -6.593  0.631   1.000 14.927 0 82  THR A CG2 1 ? 
ATOM   684  N  N   A ASP A 1 83  ? -3.496  -7.161  0.441   0.500 13.261 0 83  ASP A N   1 ? 
ATOM   685  N  N   B ASP A 1 83  ? -3.299  -7.125  0.522   0.500 13.733 0 83  ASP A N   1 ? 
ATOM   686  C  CA  A ASP A 1 83  ? -2.564  -7.351  -0.645  0.500 14.406 0 83  ASP A CA  1 ? 
ATOM   687  C  CA  B ASP A 1 83  ? -2.465  -7.185  -0.665  0.500 15.256 0 83  ASP A CA  1 ? 
ATOM   688  C  C   A ASP A 1 83  ? -3.344  -7.562  -1.941  0.500 14.149 0 83  ASP A C   1 ? 
ATOM   689  C  C   B ASP A 1 83  ? -3.402  -7.411  -1.850  0.500 14.625 0 83  ASP A C   1 ? 
ATOM   690  O  O   A ASP A 1 83  ? -4.131  -8.495  -2.019  0.500 13.602 0 83  ASP A O   1 ? 
ATOM   691  O  O   B ASP A 1 83  ? -4.387  -8.114  -1.718  0.500 12.856 0 83  ASP A O   1 ? 
ATOM   692  C  CB  A ASP A 1 83  ? -1.733  -8.588  -0.331  0.500 14.644 0 83  ASP A CB  1 ? 
ATOM   693  C  CB  B ASP A 1 83  ? -1.402  -8.287  -0.620  0.500 16.638 0 83  ASP A CB  1 ? 
ATOM   694  C  CG  A ASP A 1 83  ? -0.627  -8.842  -1.323  0.500 16.790 0 83  ASP A CG  1 ? 
ATOM   695  C  CG  B ASP A 1 83  ? -0.291  -8.138  0.420   0.500 19.437 0 83  ASP A CG  1 ? 
ATOM   696  O  OD1 A ASP A 1 83  ? -0.944  -9.251  -2.456  0.500 16.245 0 83  ASP A OD1 1 ? 
ATOM   697  O  OD1 B ASP A 1 83  ? 0.423   -7.103  0.442   0.500 21.513 0 83  ASP A OD1 1 ? 
ATOM   698  O  OD2 A ASP A 1 83  ? 0.557   -8.586  -0.948  0.500 17.402 0 83  ASP A OD2 1 ? 
ATOM   699  O  OD2 B ASP A 1 83  ? -0.079  -9.117  1.153   0.500 23.157 0 83  ASP A OD2 1 ? 
ATOM   700  N  N   . CYS A 1 84  ? -3.129  -6.700  -2.938  1.000 14.917 0 84  CYS A N   1 ? 
ATOM   701  C  CA  . CYS A 1 84  ? -3.830  -6.829  -4.204  1.000 14.975 0 84  CYS A CA  1 ? 
ATOM   702  C  C   . CYS A 1 84  ? -2.823  -7.222  -5.267  1.000 16.174 0 84  CYS A C   1 ? 
ATOM   703  O  O   . CYS A 1 84  ? -1.828  -6.522  -5.439  1.000 17.320 0 84  CYS A O   1 ? 
ATOM   704  C  CB  . CYS A 1 84  ? -4.456  -5.503  -4.604  1.000 14.974 0 84  CYS A CB  1 ? 
ATOM   705  S  SG  . CYS A 1 84  ? -5.711  -4.946  -3.439  1.000 16.743 0 84  CYS A SG  1 ? 
ATOM   706  N  N   . ARG A 1 85  ? -3.106  -8.303  -6.030  1.000 17.080 0 85  ARG A N   1 ? 
ATOM   707  C  CA  . ARG A 1 85  ? -2.225  -8.674  -7.112  1.000 18.675 0 85  ARG A CA  1 ? 
ATOM   708  C  C   . ARG A 1 85  ? -3.023  -9.043  -8.364  1.000 16.376 0 85  ARG A C   1 ? 
ATOM   709  O  O   . ARG A 1 85  ? -4.003  -9.775  -8.273  1.000 15.588 0 85  ARG A O   1 ? 
ATOM   710  C  CB  . ARG A 1 85  ? -1.342  -9.850  -6.692  1.000 22.318 0 85  ARG A CB  1 ? 
ATOM   711  C  CG  . ARG A 1 85  ? -0.358  -10.226 -7.790  1.000 25.977 0 85  ARG A CG  1 ? 
ATOM   712  C  CD  . ARG A 1 85  ? 0.809   -11.013 -7.285  1.000 27.567 0 85  ARG A CD  1 ? 
ATOM   713  N  NE  . ARG A 1 85  ? 1.680   -10.235 -6.420  1.000 24.807 0 85  ARG A NE  1 ? 
ATOM   714  C  CZ  . ARG A 1 85  ? 2.981   -10.034 -6.608  1.000 22.561 0 85  ARG A CZ  1 ? 
ATOM   715  N  NH1 . ARG A 1 85  ? 3.566   -10.268 -7.773  1.000 18.991 0 85  ARG A NH1 1 ? 
ATOM   716  N  NH2 . ARG A 1 85  ? 3.687   -9.582  -5.590  1.000 22.605 0 85  ARG A NH2 1 ? 
ATOM   717  N  N   . GLU A 1 86  ? -2.598  -8.490  -9.492  1.000 17.308 0 86  GLU A N   1 ? 
ATOM   718  C  CA  . GLU A 1 86  ? -3.296  -8.681  -10.757 1.000 20.727 0 86  GLU A CA  1 ? 
ATOM   719  C  C   . GLU A 1 86  ? -3.192  -10.156 -11.156 1.000 20.957 0 86  GLU A C   1 ? 
ATOM   720  O  O   . GLU A 1 86  ? -2.157  -10.787 -10.947 1.000 16.952 0 86  GLU A O   1 ? 
ATOM   721  C  CB  . GLU A 1 86  ? -2.678  -7.707  -11.755 1.000 22.498 0 86  GLU A CB  1 ? 
ATOM   722  C  CG  . GLU A 1 86  ? -3.234  -7.824  -13.158 1.000 27.925 0 86  GLU A CG  1 ? 
ATOM   723  C  CD  . GLU A 1 86  ? -2.550  -6.955  -14.211 1.000 27.612 0 86  GLU A CD  1 ? 
ATOM   724  O  OE1 . GLU A 1 86  ? -1.426  -6.495  -13.980 1.000 30.959 0 86  GLU A OE1 1 ? 
ATOM   725  O  OE2 . GLU A 1 86  ? -3.180  -6.733  -15.266 1.000 37.089 0 86  GLU A OE2 1 ? 
ATOM   726  N  N   . THR A 1 87  ? -4.302  -10.730 -11.614 1.000 21.912 0 87  THR A N   1 ? 
ATOM   727  C  CA  . THR A 1 87  ? -4.342  -12.128 -11.998 1.000 23.593 0 87  THR A CA  1 ? 
ATOM   728  C  C   . THR A 1 87  ? -3.708  -12.277 -13.372 1.000 26.003 0 87  THR A C   1 ? 
ATOM   729  O  O   . THR A 1 87  ? -3.495  -11.301 -14.097 1.000 27.424 0 87  THR A O   1 ? 
ATOM   730  C  CB  . THR A 1 87  ? -5.774  -12.658 -12.065 1.000 27.225 0 87  THR A CB  1 ? 
ATOM   731  O  OG1 . THR A 1 87  ? -6.374  -11.875 -13.104 1.000 31.901 0 87  THR A OG1 1 ? 
ATOM   732  C  CG2 . THR A 1 87  ? -6.541  -12.531 -10.774 1.000 29.894 0 87  THR A CG2 1 ? 
ATOM   733  N  N   . GLY A 1 88  ? -3.348  -13.507 -13.725 1.000 28.697 0 88  GLY A N   1 ? 
ATOM   734  C  CA  . GLY A 1 88  ? -2.563  -13.702 -14.936 1.000 36.118 0 88  GLY A CA  1 ? 
ATOM   735  C  C   . GLY A 1 88  ? -3.376  -13.412 -16.206 1.000 38.905 0 88  GLY A C   1 ? 
ATOM   736  O  O   . GLY A 1 88  ? -2.816  -13.017 -17.227 1.000 46.224 0 88  GLY A O   1 ? 
ATOM   737  N  N   . SER A 1 89  ? -4.689  -13.645 -16.117 1.000 38.230 0 89  SER A N   1 ? 
ATOM   738  C  CA  . SER A 1 89  ? -5.609  -13.381 -17.209 1.000 51.391 0 89  SER A CA  1 ? 
ATOM   739  C  C   . SER A 1 89  ? -5.840  -11.874 -17.423 1.000 55.624 0 89  SER A C   1 ? 
ATOM   740  O  O   . SER A 1 89  ? -5.883  -11.429 -18.567 1.000 57.305 0 89  SER A O   1 ? 
ATOM   741  C  CB  . SER A 1 89  ? -6.910  -14.112 -16.964 1.000 53.574 0 89  SER A CB  1 ? 
ATOM   742  O  OG  . SER A 1 89  ? -7.565  -13.605 -15.812 1.000 54.317 0 89  SER A OG  1 ? 
ATOM   743  N  N   . SER A 1 90  ? -6.028  -11.093 -16.342 1.000 48.039 0 90  SER A N   1 ? 
ATOM   744  C  CA  . SER A 1 90  ? -6.242  -9.642  -16.410 1.000 41.296 0 90  SER A CA  1 ? 
ATOM   745  C  C   . SER A 1 90  ? -5.585  -8.971  -17.631 1.000 42.561 0 90  SER A C   1 ? 
ATOM   746  O  O   . SER A 1 90  ? -4.374  -9.065  -17.871 1.000 41.350 0 90  SER A O   1 ? 
ATOM   747  C  CB  . SER A 1 90  ? -5.790  -9.005  -15.097 1.000 34.287 0 90  SER A CB  1 ? 
ATOM   748  O  OG  . SER A 1 90  ? -5.785  -7.589  -15.143 1.000 32.637 0 90  SER A OG  1 ? 
ATOM   749  N  N   . LYS A 1 91  ? -6.391  -8.191  -18.376 1.000 46.371 0 91  LYS A N   1 ? 
ATOM   750  C  CA  . LYS A 1 91  ? -5.890  -7.433  -19.522 1.000 47.695 0 91  LYS A CA  1 ? 
ATOM   751  C  C   . LYS A 1 91  ? -6.537  -6.035  -19.528 1.000 40.652 0 91  LYS A C   1 ? 
ATOM   752  O  O   . LYS A 1 91  ? -7.760  -5.900  -19.432 1.000 39.170 0 91  LYS A O   1 ? 
ATOM   753  C  CB  . LYS A 1 91  ? -6.149  -8.251  -20.795 0.890 50.230 0 91  LYS A CB  1 ? 
ATOM   754  C  CG  . LYS A 1 91  ? -5.723  -7.608  -22.111 0.680 55.975 0 91  LYS A CG  1 ? 
ATOM   755  C  CD  . LYS A 1 91  ? -6.484  -8.144  -23.327 0.440 56.615 0 91  LYS A CD  1 ? 
ATOM   756  C  CE  . LYS A 1 91  ? -6.716  -7.097  -24.399 0.470 55.973 0 91  LYS A CE  1 ? 
ATOM   757  N  NZ  . LYS A 1 91  ? -7.276  -7.688  -25.639 0.260 54.832 0 91  LYS A NZ  1 ? 
ATOM   758  N  N   . TYR A 1 92  ? -5.695  -4.995  -19.560 1.000 37.458 0 92  TYR A N   1 ? 
ATOM   759  C  CA  . TYR A 1 92  ? -6.171  -3.622  -19.597 1.000 44.923 0 92  TYR A CA  1 ? 
ATOM   760  C  C   . TYR A 1 92  ? -7.092  -3.463  -20.813 1.000 52.145 0 92  TYR A C   1 ? 
ATOM   761  O  O   . TYR A 1 92  ? -6.724  -3.885  -21.912 1.000 46.371 0 92  TYR A O   1 ? 
ATOM   762  C  CB  . TYR A 1 92  ? -5.000  -2.639  -19.693 1.000 46.517 0 92  TYR A CB  1 ? 
ATOM   763  C  CG  . TYR A 1 92  ? -5.440  -1.195  -19.717 1.000 55.795 0 92  TYR A CG  1 ? 
ATOM   764  C  CD1 . TYR A 1 92  ? -5.747  -0.515  -18.546 1.000 51.614 0 92  TYR A CD1 1 ? 
ATOM   765  C  CD2 . TYR A 1 92  ? -5.633  -0.528  -20.918 1.000 58.491 0 92  TYR A CD2 1 ? 
ATOM   766  C  CE1 . TYR A 1 92  ? -6.198  0.793   -18.564 1.000 51.436 0 92  TYR A CE1 1 ? 
ATOM   767  C  CE2 . TYR A 1 92  ? -6.086  0.781   -20.954 1.000 57.980 0 92  TYR A CE2 1 ? 
ATOM   768  C  CZ  . TYR A 1 92  ? -6.362  1.444   -19.771 1.000 59.790 0 92  TYR A CZ  1 ? 
ATOM   769  O  OH  . TYR A 1 92  ? -6.802  2.739   -19.798 1.000 65.546 0 92  TYR A OH  1 ? 
ATOM   770  N  N   . PRO A 1 93  ? -8.309  -2.875  -20.687 1.000 49.776 0 93  PRO A N   1 ? 
ATOM   771  C  CA  . PRO A 1 93  ? -8.789  -2.233  -19.457 1.000 45.855 0 93  PRO A CA  1 ? 
ATOM   772  C  C   . PRO A 1 93  ? -9.658  -2.989  -18.451 1.000 44.627 0 93  PRO A C   1 ? 
ATOM   773  O  O   . PRO A 1 93  ? -10.202 -2.370  -17.537 1.000 45.518 0 93  PRO A O   1 ? 
ATOM   774  C  CB  . PRO A 1 93  ? -9.664  -1.131  -20.088 1.000 51.357 0 93  PRO A CB  1 ? 
ATOM   775  C  CG  . PRO A 1 93  ? -10.362 -1.848  -21.225 1.000 47.679 0 93  PRO A CG  1 ? 
ATOM   776  C  CD  . PRO A 1 93  ? -9.281  -2.742  -21.790 1.000 49.457 0 93  PRO A CD  1 ? 
ATOM   777  N  N   A ASN A 1 94  ? -9.860  -4.311  -18.563 0.280 43.367 0 94  ASN A N   1 ? 
ATOM   778  N  N   B ASN A 1 94  ? -9.710  -4.313  -18.636 0.720 47.936 0 94  ASN A N   1 ? 
ATOM   779  C  CA  A ASN A 1 94  ? -10.659 -4.979  -17.532 0.280 42.356 0 94  ASN A CA  1 ? 
ATOM   780  C  CA  B ASN A 1 94  ? -10.429 -5.211  -17.751 0.720 51.277 0 94  ASN A CA  1 ? 
ATOM   781  C  C   A ASN A 1 94  ? -9.745  -5.717  -16.551 0.280 39.823 0 94  ASN A C   1 ? 
ATOM   782  C  C   B ASN A 1 94  ? -9.443  -5.751  -16.711 0.720 44.718 0 94  ASN A C   1 ? 
ATOM   783  O  O   A ASN A 1 94  ? -9.733  -6.943  -16.476 0.280 37.657 0 94  ASN A O   1 ? 
ATOM   784  O  O   B ASN A 1 94  ? -8.981  -6.885  -16.828 0.720 43.723 0 94  ASN A O   1 ? 
ATOM   785  C  CB  A ASN A 1 94  ? -11.799 -5.846  -18.078 0.280 42.319 0 94  ASN A CB  1 ? 
ATOM   786  C  CB  B ASN A 1 94  ? -11.117 -6.318  -18.562 0.720 53.608 0 94  ASN A CB  1 ? 
ATOM   787  C  CG  A ASN A 1 94  ? -13.146 -5.149  -17.980 0.280 41.693 0 94  ASN A CG  1 ? 
ATOM   788  C  CG  B ASN A 1 94  ? -12.022 -5.775  -19.658 0.720 55.688 0 94  ASN A CG  1 ? 
ATOM   789  O  OD1 A ASN A 1 94  ? -14.036 -5.594  -17.257 0.280 40.551 0 94  ASN A OD1 1 ? 
ATOM   790  O  OD1 B ASN A 1 94  ? -13.135 -5.315  -19.392 0.720 53.025 0 94  ASN A OD1 1 ? 
ATOM   791  N  ND2 A ASN A 1 94  ? -13.297 -4.037  -18.681 0.280 38.926 0 94  ASN A ND2 1 ? 
ATOM   792  N  ND2 B ASN A 1 94  ? -11.558 -5.839  -20.897 0.720 51.220 0 94  ASN A ND2 1 ? 
ATOM   793  N  N   . CYS A 1 95  ? -9.060  -4.899  -15.746 1.000 40.073 0 95  CYS A N   1 ? 
ATOM   794  C  CA  . CYS A 1 95  ? -8.146  -5.302  -14.682 1.000 33.284 0 95  CYS A CA  1 ? 
ATOM   795  C  C   . CYS A 1 95  ? -8.849  -6.128  -13.615 1.000 30.005 0 95  CYS A C   1 ? 
ATOM   796  O  O   . CYS A 1 95  ? -9.900  -5.725  -13.132 1.000 34.617 0 95  CYS A O   1 ? 
ATOM   797  C  CB  . CYS A 1 95  ? -7.609  -4.059  -13.993 1.000 29.523 0 95  CYS A CB  1 ? 
ATOM   798  S  SG  . CYS A 1 95  ? -6.772  -2.949  -15.137 1.000 29.053 0 95  CYS A SG  1 ? 
ATOM   799  N  N   . ALA A 1 96  ? -8.200  -7.218  -13.182 1.000 24.740 0 96  ALA A N   1 ? 
ATOM   800  C  CA  . ALA A 1 96  ? -8.745  -8.152  -12.223 1.000 24.773 0 96  ALA A CA  1 ? 
ATOM   801  C  C   . ALA A 1 96  ? -7.650  -8.481  -11.209 1.000 20.932 0 96  ALA A C   1 ? 
ATOM   802  O  O   . ALA A 1 96  ? -6.499  -8.603  -11.614 1.000 20.618 0 96  ALA A O   1 ? 
ATOM   803  C  CB  . ALA A 1 96  ? -9.196  -9.406  -12.940 1.000 28.012 0 96  ALA A CB  1 ? 
ATOM   804  N  N   . TYR A 1 97  ? -8.046  -8.607  -9.942  1.000 20.627 0 97  TYR A N   1 ? 
ATOM   805  C  CA  . TYR A 1 97  ? -7.128  -8.683  -8.805  1.000 18.958 0 97  TYR A CA  1 ? 
ATOM   806  C  C   . TYR A 1 97  ? -7.567  -9.779  -7.849  1.000 17.496 0 97  TYR A C   1 ? 
ATOM   807  O  O   . TYR A 1 97  ? -8.748  -10.008 -7.666  1.000 19.983 0 97  TYR A O   1 ? 
ATOM   808  C  CB  . TYR A 1 97  ? -7.075  -7.340  -8.045  1.000 17.625 0 97  TYR A CB  1 ? 
ATOM   809  C  CG  . TYR A 1 97  ? -6.402  -6.256  -8.839  1.000 17.444 0 97  TYR A CG  1 ? 
ATOM   810  C  CD1 . TYR A 1 97  ? -5.031  -6.070  -8.780  1.000 15.610 0 97  TYR A CD1 1 ? 
ATOM   811  C  CD2 . TYR A 1 97  ? -7.125  -5.413  -9.674  1.000 17.724 0 97  TYR A CD2 1 ? 
ATOM   812  C  CE1 . TYR A 1 97  ? -4.393  -5.123  -9.549  1.000 16.194 0 97  TYR A CE1 1 ? 
ATOM   813  C  CE2 . TYR A 1 97  ? -6.501  -4.449  -10.445 1.000 16.937 0 97  TYR A CE2 1 ? 
ATOM   814  C  CZ  . TYR A 1 97  ? -5.133  -4.311  -10.406 1.000 16.245 0 97  TYR A CZ  1 ? 
ATOM   815  O  OH  . TYR A 1 97  ? -4.515  -3.350  -11.162 1.000 20.089 0 97  TYR A OH  1 ? 
ATOM   816  N  N   . LYS A 1 98  ? -6.578  -10.470 -7.281  1.000 15.803 0 98  LYS A N   1 ? 
ATOM   817  C  CA  . LYS A 1 98  ? -6.718  -11.331 -6.130  1.000 17.647 0 98  LYS A CA  1 ? 
ATOM   818  C  C   . LYS A 1 98  ? -6.489  -10.485 -4.871  1.000 16.601 0 98  LYS A C   1 ? 
ATOM   819  O  O   . LYS A 1 98  ? -5.522  -9.740  -4.796  1.000 19.033 0 98  LYS A O   1 ? 
ATOM   820  C  CB  . LYS A 1 98  ? -5.706  -12.477 -6.255  1.000 20.409 0 98  LYS A CB  1 ? 
ATOM   821  C  CG  . LYS A 1 98  ? -5.631  -13.447 -5.078  1.000 28.491 0 98  LYS A CG  1 ? 
ATOM   822  C  CD  . LYS A 1 98  ? -4.657  -14.630 -5.325  1.000 35.721 0 98  LYS A CD  1 ? 
ATOM   823  C  CE  . LYS A 1 98  ? -4.298  -15.462 -4.102  1.000 40.714 0 98  LYS A CE  1 ? 
ATOM   824  N  NZ  . LYS A 1 98  ? -5.439  -16.152 -3.463  1.000 45.599 0 98  LYS A NZ  1 ? 
ATOM   825  N  N   . THR A 1 99  ? -7.381  -10.675 -3.905  1.000 16.059 0 99  THR A N   1 ? 
ATOM   826  C  CA  . THR A 1 99  ? -7.396  -9.977  -2.636  1.000 15.954 0 99  THR A CA  1 ? 
ATOM   827  C  C   . THR A 1 99  ? -6.924  -10.940 -1.544  1.000 17.990 0 99  THR A C   1 ? 
ATOM   828  O  O   . THR A 1 99  ? -7.537  -12.003 -1.360  1.000 17.672 0 99  THR A O   1 ? 
ATOM   829  C  CB  . THR A 1 99  ? -8.848  -9.562  -2.322  1.000 16.907 0 99  THR A CB  1 ? 
ATOM   830  O  OG1 . THR A 1 99  ? -9.291  -8.653  -3.334  1.000 17.926 0 99  THR A OG1 1 ? 
ATOM   831  C  CG2 . THR A 1 99  ? -9.018  -8.927  -0.964  1.000 18.246 0 99  THR A CG2 1 ? 
ATOM   832  N  N   . THR A 1 100 ? -5.937  -10.507 -0.745  1.000 13.983 0 100 THR A N   1 ? 
ATOM   833  C  CA  . THR A 1 100 ? -5.494  -11.234 0.417   1.000 13.535 0 100 THR A CA  1 ? 
ATOM   834  C  C   . THR A 1 100 ? -5.435  -10.300 1.617   1.000 14.312 0 100 THR A C   1 ? 
ATOM   835  O  O   . THR A 1 100 ? -4.559  -9.429  1.691   1.000 16.502 0 100 THR A O   1 ? 
ATOM   836  C  CB  . THR A 1 100 ? -4.103  -11.868 0.226   1.000 15.599 0 100 THR A CB  1 ? 
ATOM   837  O  OG1 . THR A 1 100 ? -4.128  -12.634 -0.982  1.000 17.066 0 100 THR A OG1 1 ? 
ATOM   838  C  CG2 . THR A 1 100 ? -3.731  -12.721 1.422   1.000 17.364 0 100 THR A CG2 1 ? 
ATOM   839  N  N   . GLN A 1 101 ? -6.342  -10.514 2.570   1.000 14.995 0 101 GLN A N   1 ? 
ATOM   840  C  CA  . GLN A 1 101 ? -6.328  -9.749  3.809   1.000 16.002 0 101 GLN A CA  1 ? 
ATOM   841  C  C   . GLN A 1 101 ? -5.344  -10.424 4.770   1.000 18.139 0 101 GLN A C   1 ? 
ATOM   842  O  O   . GLN A 1 101 ? -5.255  -11.640 4.807   1.000 15.692 0 101 GLN A O   1 ? 
ATOM   843  C  CB  . GLN A 1 101 ? -7.756  -9.715  4.359   1.000 17.962 0 101 GLN A CB  1 ? 
ATOM   844  C  CG  . GLN A 1 101 ? -7.892  -9.193  5.768   1.000 18.075 0 101 GLN A CG  1 ? 
ATOM   845  C  CD  . GLN A 1 101 ? -7.486  -7.750  5.898   1.000 17.573 0 101 GLN A CD  1 ? 
ATOM   846  O  OE1 . GLN A 1 101 ? -7.784  -6.913  5.051   1.000 17.073 0 101 GLN A OE1 1 ? 
ATOM   847  N  NE2 . GLN A 1 101 ? -6.855  -7.446  7.017   1.000 16.334 0 101 GLN A NE2 1 ? 
ATOM   848  N  N   . ALA A 1 102 ? -4.573  -9.638  5.534   1.000 15.593 0 102 ALA A N   1 ? 
ATOM   849  C  CA  . ALA A 1 102 ? -3.551  -10.217 6.395   1.000 16.210 0 102 ALA A CA  1 ? 
ATOM   850  C  C   . ALA A 1 102 ? -3.175  -9.222  7.491   1.000 17.382 0 102 ALA A C   1 ? 
ATOM   851  O  O   . ALA A 1 102 ? -3.505  -8.056  7.381   1.000 13.427 0 102 ALA A O   1 ? 
ATOM   852  C  CB  . ALA A 1 102 ? -2.332  -10.533 5.559   1.000 17.095 0 102 ALA A CB  1 ? 
ATOM   853  N  N   . ASN A 1 103 ? -2.516  -9.732  8.537   1.000 16.879 0 103 ASN A N   1 ? 
ATOM   854  C  CA  . ASN A 1 103 ? -1.892  -8.927  9.579   1.000 16.929 0 103 ASN A CA  1 ? 
ATOM   855  C  C   . ASN A 1 103 ? -0.379  -9.072  9.477   1.000 14.853 0 103 ASN A C   1 ? 
ATOM   856  O  O   . ASN A 1 103 ? 0.140   -10.134 9.803   1.000 15.368 0 103 ASN A O   1 ? 
ATOM   857  C  CB  . ASN A 1 103 ? -2.413  -9.410  10.923  1.000 18.657 0 103 ASN A CB  1 ? 
ATOM   858  C  CG  . ASN A 1 103 ? -3.899  -9.169  11.020  1.000 24.207 0 103 ASN A CG  1 ? 
ATOM   859  O  OD1 . ASN A 1 103 ? -4.693  -10.077 10.765  0.480 22.672 0 103 ASN A OD1 1 ? 
ATOM   860  N  ND2 . ASN A 1 103 ? -4.261  -7.912  11.220  1.000 24.358 0 103 ASN A ND2 1 ? 
ATOM   861  N  N   A LYS A 1 104 ? 0.321   -8.060  8.938   0.500 14.057 0 104 LYS A N   1 ? 
ATOM   862  N  N   B LYS A 1 104 ? 0.317   -8.034  8.989   0.500 14.927 0 104 LYS A N   1 ? 
ATOM   863  C  CA  A LYS A 1 104 ? 1.748   -8.175  8.658   0.500 12.457 0 104 LYS A CA  1 ? 
ATOM   864  C  CA  B LYS A 1 104 ? 1.742   -8.144  8.710   0.500 13.818 0 104 LYS A CA  1 ? 
ATOM   865  C  C   A LYS A 1 104 ? 2.442   -6.886  9.095   0.500 12.173 0 104 LYS A C   1 ? 
ATOM   866  C  C   B LYS A 1 104 ? 2.457   -6.831  9.018   0.500 13.027 0 104 LYS A C   1 ? 
ATOM   867  O  O   A LYS A 1 104 ? 1.765   -5.889  9.297   0.500 11.918 0 104 LYS A O   1 ? 
ATOM   868  O  O   B LYS A 1 104 ? 1.846   -5.761  8.999   0.500 12.800 0 104 LYS A O   1 ? 
ATOM   869  C  CB  A LYS A 1 104 ? 1.992   -8.453  7.173   0.500 12.849 0 104 LYS A CB  1 ? 
ATOM   870  C  CB  B LYS A 1 104 ? 1.976   -8.537  7.253   0.500 15.186 0 104 LYS A CB  1 ? 
ATOM   871  C  CG  A LYS A 1 104 ? 1.254   -9.659  6.601   0.500 12.294 0 104 LYS A CG  1 ? 
ATOM   872  C  CG  B LYS A 1 104 ? 1.650   -9.984  6.907   0.500 15.649 0 104 LYS A CG  1 ? 
ATOM   873  C  CD  A LYS A 1 104 ? 1.489   -9.947  5.119   0.500 12.747 0 104 LYS A CD  1 ? 
ATOM   874  C  CD  B LYS A 1 104 ? 2.026   -10.377 5.490   0.500 17.223 0 104 LYS A CD  1 ? 
ATOM   875  C  CE  A LYS A 1 104 ? 2.898   -10.374 4.748   0.500 11.990 0 104 LYS A CE  1 ? 
ATOM   876  C  CE  B LYS A 1 104 ? 1.140   -9.739  4.443   0.500 18.327 0 104 LYS A CE  1 ? 
ATOM   877  N  NZ  A LYS A 1 104 ? 3.021   -10.692 3.305   0.500 12.089 0 104 LYS A NZ  1 ? 
ATOM   878  N  NZ  B LYS A 1 104 ? 1.494   -10.216 3.092   0.500 17.587 0 104 LYS A NZ  1 ? 
ATOM   879  N  N   . HIS A 1 105 ? 3.785   -6.913  9.204   1.000 11.745 0 105 HIS A N   1 ? 
ATOM   880  C  CA  . HIS A 1 105 ? 4.591   -5.717  9.374   1.000 11.837 0 105 HIS A CA  1 ? 
ATOM   881  C  C   . HIS A 1 105 ? 4.626   -5.043  8.013   1.000 13.398 0 105 HIS A C   1 ? 
ATOM   882  O  O   . HIS A 1 105 ? 4.596   -5.729  6.990   1.000 15.150 0 105 HIS A O   1 ? 
ATOM   883  C  CB  . HIS A 1 105 ? 6.028   -6.028  9.794   1.000 12.236 0 105 HIS A CB  1 ? 
ATOM   884  C  CG  . HIS A 1 105 ? 6.094   -6.826  11.049  1.000 12.454 0 105 HIS A CG  1 ? 
ATOM   885  N  ND1 . HIS A 1 105 ? 6.158   -6.319  12.329  1.000 13.005 0 105 HIS A ND1 1 ? 
ATOM   886  C  CD2 . HIS A 1 105 ? 6.121   -8.186  11.153  1.000 13.866 0 105 HIS A CD2 1 ? 
ATOM   887  C  CE1 . HIS A 1 105 ? 6.233   -7.376  13.199  1.000 12.779 0 105 HIS A CE1 1 ? 
ATOM   888  N  NE2 . HIS A 1 105 ? 6.212   -8.501  12.488  1.000 13.909 0 105 HIS A NE2 1 ? 
ATOM   889  N  N   . ILE A 1 106 ? 4.702   -3.713  7.986   1.000 11.738 0 106 ILE A N   1 ? 
ATOM   890  C  CA  . ILE A 1 106 ? 4.903   -3.004  6.742   1.000 12.038 0 106 ILE A CA  1 ? 
ATOM   891  C  C   . ILE A 1 106 ? 6.313   -2.404  6.734   1.000 12.775 0 106 ILE A C   1 ? 
ATOM   892  O  O   . ILE A 1 106 ? 6.874   -2.042  7.776   1.000 12.863 0 106 ILE A O   1 ? 
ATOM   893  C  CB  . ILE A 1 106 ? 3.811   -1.934  6.525   1.000 12.147 0 106 ILE A CB  1 ? 
ATOM   894  C  CG1 . ILE A 1 106 ? 3.923   -0.724  7.465   1.000 11.487 0 106 ILE A CG1 1 ? 
ATOM   895  C  CG2 . ILE A 1 106 ? 2.453   -2.563  6.582   1.000 11.701 0 106 ILE A CG2 1 ? 
ATOM   896  C  CD1 . ILE A 1 106 ? 3.018   0.421   7.030   1.000 13.064 0 106 ILE A CD1 1 ? 
ATOM   897  N  N   . ILE A 1 107 ? 6.817   -2.201  5.537   1.000 11.088 0 107 ILE A N   1 ? 
ATOM   898  C  CA  . ILE A 1 107 ? 8.092   -1.540  5.308   1.000 11.419 0 107 ILE A CA  1 ? 
ATOM   899  C  C   . ILE A 1 107 ? 7.854   -0.423  4.307   1.000 12.778 0 107 ILE A C   1 ? 
ATOM   900  O  O   . ILE A 1 107 ? 7.395   -0.683  3.200   1.000 12.407 0 107 ILE A O   1 ? 
ATOM   901  C  CB  . ILE A 1 107 ? 9.176   -2.498  4.793   1.000 12.718 0 107 ILE A CB  1 ? 
ATOM   902  C  CG1 . ILE A 1 107 ? 9.429   -3.640  5.771   1.000 14.704 0 107 ILE A CG1 1 ? 
ATOM   903  C  CG2 . ILE A 1 107 ? 10.445  -1.706  4.438   1.000 14.501 0 107 ILE A CG2 1 ? 
ATOM   904  C  CD1 . ILE A 1 107 ? 10.455  -4.649  5.304   1.000 15.688 0 107 ILE A CD1 1 ? 
ATOM   905  N  N   . VAL A 1 108 ? 8.188   0.813   4.716   1.000 13.313 0 108 VAL A N   1 ? 
ATOM   906  C  CA  . VAL A 1 108 ? 7.944   1.980   3.886   1.000 13.002 0 108 VAL A CA  1 ? 
ATOM   907  C  C   . VAL A 1 108 ? 9.241   2.761   3.762   1.000 14.072 0 108 VAL A C   1 ? 
ATOM   908  O  O   . VAL A 1 108 ? 10.085  2.689   4.646   1.000 15.229 0 108 VAL A O   1 ? 
ATOM   909  C  CB  . VAL A 1 108 ? 6.841   2.876   4.460   1.000 13.726 0 108 VAL A CB  1 ? 
ATOM   910  C  CG1 . VAL A 1 108 ? 5.521   2.131   4.514   1.000 14.211 0 108 VAL A CG1 1 ? 
ATOM   911  C  CG2 . VAL A 1 108 ? 7.230   3.397   5.844   1.000 13.819 0 108 VAL A CG2 1 ? 
ATOM   912  N  N   . ALA A 1 109 ? 9.401   3.496   2.657   1.000 13.674 0 109 ALA A N   1 ? 
ATOM   913  C  CA  . ALA A 1 109 ? 10.480  4.464   2.529   1.000 15.172 0 109 ALA A CA  1 ? 
ATOM   914  C  C   . ALA A 1 109 ? 9.962   5.839   2.940   1.000 17.496 0 109 ALA A C   1 ? 
ATOM   915  O  O   . ALA A 1 109 ? 8.843   6.205   2.578   1.000 15.795 0 109 ALA A O   1 ? 
ATOM   916  C  CB  . ALA A 1 109 ? 11.011  4.515   1.118   1.000 16.142 0 109 ALA A CB  1 ? 
ATOM   917  N  N   . CYS A 1 110 ? 10.811  6.607   3.644   1.000 16.862 0 110 CYS A N   1 ? 
ATOM   918  C  CA  . CYS A 1 110 ? 10.415  7.877   4.244   1.000 17.089 0 110 CYS A CA  1 ? 
ATOM   919  C  C   . CYS A 1 110 ? 11.318  8.975   3.711   1.000 19.311 0 110 CYS A C   1 ? 
ATOM   920  O  O   . CYS A 1 110 ? 12.497  8.751   3.454   1.000 19.695 0 110 CYS A O   1 ? 
ATOM   921  C  CB  . CYS A 1 110 ? 10.475  7.841   5.764   1.000 18.917 0 110 CYS A CB  1 ? 
ATOM   922  S  SG  . CYS A 1 110 ? 9.343   6.603   6.447   1.000 18.168 0 110 CYS A SG  1 ? 
ATOM   923  N  N   A GLU A 1 111 ? 10.716  10.149  3.512   0.500 20.379 0 111 GLU A N   1 ? 
ATOM   924  N  N   B GLU A 1 111 ? 10.739  10.156  3.490   0.500 21.494 0 111 GLU A N   1 ? 
ATOM   925  C  CA  A GLU A 1 111 ? 11.421  11.293  2.963   0.500 21.897 0 111 GLU A CA  1 ? 
ATOM   926  C  CA  B GLU A 1 111 ? 11.509  11.277  2.978   0.500 23.820 0 111 GLU A CA  1 ? 
ATOM   927  C  C   A GLU A 1 111 ? 10.769  12.559  3.489   0.500 23.135 0 111 GLU A C   1 ? 
ATOM   928  C  C   B GLU A 1 111 ? 10.775  12.556  3.342   0.500 24.573 0 111 GLU A C   1 ? 
ATOM   929  O  O   A GLU A 1 111 ? 9.603   12.559  3.884   0.500 20.887 0 111 GLU A O   1 ? 
ATOM   930  O  O   B GLU A 1 111 ? 9.544   12.553  3.449   0.500 22.349 0 111 GLU A O   1 ? 
ATOM   931  C  CB  A GLU A 1 111 ? 11.404  11.302  1.429   0.500 22.952 0 111 GLU A CB  1 ? 
ATOM   932  C  CB  B GLU A 1 111 ? 11.708  11.207  1.457   0.500 26.405 0 111 GLU A CB  1 ? 
ATOM   933  C  CG  A GLU A 1 111 ? 12.402  10.347  0.796   0.500 27.845 0 111 GLU A CG  1 ? 
ATOM   934  C  CG  B GLU A 1 111 ? 10.810  12.146  0.664   0.500 32.273 0 111 GLU A CG  1 ? 
ATOM   935  C  CD  A GLU A 1 111 ? 12.681  10.538  -0.687  0.500 30.612 0 111 GLU A CD  1 ? 
ATOM   936  C  CD  B GLU A 1 111 ? 10.987  12.152  -0.852  0.500 35.076 0 111 GLU A CD  1 ? 
ATOM   937  O  OE1 A GLU A 1 111 ? 13.239  11.585  -1.051  0.500 35.789 0 111 GLU A OE1 1 ? 
ATOM   938  O  OE1 B GLU A 1 111 ? 11.883  11.432  -1.349  0.500 31.662 0 111 GLU A OE1 1 ? 
ATOM   939  O  OE2 A GLU A 1 111 ? 12.358  9.628   -1.470  0.500 32.764 0 111 GLU A OE2 1 ? 
ATOM   940  O  OE2 B GLU A 1 111 ? 10.190  12.844  -1.539  0.500 40.277 0 111 GLU A OE2 1 ? 
ATOM   941  N  N   . GLY A 1 112 ? 11.562  13.636  3.484   1.000 26.683 0 112 GLY A N   1 ? 
ATOM   942  C  CA  . GLY A 1 112 ? 11.032  14.988  3.536   1.000 28.711 0 112 GLY A CA  1 ? 
ATOM   943  C  C   . GLY A 1 112 ? 11.047  15.591  4.934   1.000 32.585 0 112 GLY A C   1 ? 
ATOM   944  O  O   . GLY A 1 112 ? 11.525  14.998  5.900   1.000 26.657 0 112 GLY A O   1 ? 
ATOM   945  N  N   . ASN A 1 113 ? 10.524  16.824  4.990   1.000 35.974 0 113 ASN A N   1 ? 
ATOM   946  C  CA  . ASN A 1 113 ? 10.271  17.542  6.222   1.000 42.948 0 113 ASN A CA  1 ? 
ATOM   947  C  C   . ASN A 1 113 ? 8.828   18.028  6.137   1.000 39.366 0 113 ASN A C   1 ? 
ATOM   948  O  O   . ASN A 1 113 ? 8.532   18.891  5.307   1.000 41.363 0 113 ASN A O   1 ? 
ATOM   949  C  CB  A ASN A 1 113 ? 11.235  18.717  6.409   0.580 46.992 0 113 ASN A CB  1 ? 
ATOM   950  C  CB  B ASN A 1 113 ? 11.230  18.724  6.402   0.420 47.180 0 113 ASN A CB  1 ? 
ATOM   951  C  CG  A ASN A 1 113 ? 11.130  19.335  7.785   0.580 45.788 0 113 ASN A CG  1 ? 
ATOM   952  C  CG  B ASN A 1 113 ? 12.687  18.320  6.461   0.420 48.162 0 113 ASN A CG  1 ? 
ATOM   953  O  OD1 A ASN A 1 113 ? 10.682  18.689  8.728   0.580 46.986 0 113 ASN A OD1 1 ? 
ATOM   954  O  OD1 B ASN A 1 113 ? 13.171  17.849  7.490   0.420 53.866 0 113 ASN A OD1 1 ? 
ATOM   955  N  ND2 A ASN A 1 113 ? 11.554  20.581  7.915   0.580 49.279 0 113 ASN A ND2 1 ? 
ATOM   956  N  ND2 B ASN A 1 113 ? 13.404  18.535  5.371   0.420 48.490 0 113 ASN A ND2 1 ? 
ATOM   957  N  N   . PRO A 1 114 ? 7.871   17.447  6.897   1.000 35.547 0 114 PRO A N   1 ? 
ATOM   958  C  CA  . PRO A 1 114 ? 8.129   16.336  7.823   1.000 32.179 0 114 PRO A CA  1 ? 
ATOM   959  C  C   . PRO A 1 114 ? 8.516   15.018  7.146   1.000 26.866 0 114 PRO A C   1 ? 
ATOM   960  O  O   . PRO A 1 114 ? 8.256   14.795  5.976   1.000 24.627 0 114 PRO A O   1 ? 
ATOM   961  C  CB  . PRO A 1 114 ? 6.805   16.196  8.584   1.000 34.208 0 114 PRO A CB  1 ? 
ATOM   962  C  CG  . PRO A 1 114 ? 5.768   16.748  7.643   1.000 35.833 0 114 PRO A CG  1 ? 
ATOM   963  C  CD  . PRO A 1 114 ? 6.464   17.851  6.881   1.000 36.441 0 114 PRO A CD  1 ? 
ATOM   964  N  N   . TYR A 1 115 ? 9.163   14.148  7.913   1.000 26.990 0 115 TYR A N   1 ? 
ATOM   965  C  CA  . TYR A 1 115 ? 9.666   12.883  7.404   1.000 24.661 0 115 TYR A CA  1 ? 
ATOM   966  C  C   . TYR A 1 115 ? 8.515   11.878  7.379   1.000 20.587 0 115 TYR A C   1 ? 
ATOM   967  O  O   . TYR A 1 115 ? 8.095   11.376  8.425   1.000 21.677 0 115 TYR A O   1 ? 
ATOM   968  C  CB  . TYR A 1 115 ? 10.781  12.425  8.329   1.000 24.068 0 115 TYR A CB  1 ? 
ATOM   969  C  CG  . TYR A 1 115 ? 11.698  11.360  7.830   1.000 23.417 0 115 TYR A CG  1 ? 
ATOM   970  C  CD1 . TYR A 1 115 ? 12.419  11.547  6.686   1.000 23.132 0 115 TYR A CD1 1 ? 
ATOM   971  C  CD2 . TYR A 1 115 ? 11.938  10.219  8.578   1.000 23.435 0 115 TYR A CD2 1 ? 
ATOM   972  C  CE1 . TYR A 1 115 ? 13.331  10.609  6.255   1.000 24.159 0 115 TYR A CE1 1 ? 
ATOM   973  C  CE2 . TYR A 1 115 ? 12.833  9.262   8.150   1.000 22.239 0 115 TYR A CE2 1 ? 
ATOM   974  C  CZ  . TYR A 1 115 ? 13.556  9.476   7.005   1.000 21.981 0 115 TYR A CZ  1 ? 
ATOM   975  O  OH  . TYR A 1 115 ? 14.487  8.597   6.556   1.000 25.275 0 115 TYR A OH  1 ? 
ATOM   976  N  N   . VAL A 1 116 ? 8.016   11.577  6.176   1.000 18.830 0 116 VAL A N   1 ? 
ATOM   977  C  CA  . VAL A 1 116 ? 6.784   10.823  6.041   1.000 17.817 0 116 VAL A CA  1 ? 
ATOM   978  C  C   . VAL A 1 116 ? 6.943   9.731   4.999   1.000 16.090 0 116 VAL A C   1 ? 
ATOM   979  O  O   . VAL A 1 116 ? 7.872   9.746   4.185   1.000 16.718 0 116 VAL A O   1 ? 
ATOM   980  C  CB  . VAL A 1 116 ? 5.606   11.751  5.708   1.000 20.561 0 116 VAL A CB  1 ? 
ATOM   981  C  CG1 . VAL A 1 116 ? 5.287   12.641  6.885   1.000 24.456 0 116 VAL A CG1 1 ? 
ATOM   982  C  CG2 . VAL A 1 116 ? 5.876   12.562  4.445   1.000 21.306 0 116 VAL A CG2 1 ? 
ATOM   983  N  N   . PRO A 1 117 ? 6.036   8.723   4.977   1.000 15.551 0 117 PRO A N   1 ? 
ATOM   984  C  CA  . PRO A 1 117 ? 6.144   7.660   3.989   1.000 16.015 0 117 PRO A CA  1 ? 
ATOM   985  C  C   . PRO A 1 117 ? 5.887   8.194   2.587   1.000 16.132 0 117 PRO A C   1 ? 
ATOM   986  O  O   . PRO A 1 117 ? 4.865   8.864   2.385   1.000 15.445 0 117 PRO A O   1 ? 
ATOM   987  C  CB  . PRO A 1 117 ? 5.026   6.677   4.393   1.000 18.311 0 117 PRO A CB  1 ? 
ATOM   988  C  CG  . PRO A 1 117 ? 4.788   6.955   5.840   1.000 17.255 0 117 PRO A CG  1 ? 
ATOM   989  C  CD  . PRO A 1 117 ? 4.926   8.470   5.909   1.000 16.430 0 117 PRO A CD  1 ? 
ATOM   990  N  N   . VAL A 1 118 ? 6.734   7.763   1.643   1.000 15.047 0 118 VAL A N   1 ? 
ATOM   991  C  CA  . VAL A 1 118 ? 6.550   8.113   0.246   1.000 16.740 0 118 VAL A CA  1 ? 
ATOM   992  C  C   . VAL A 1 118 ? 6.558   6.882   -0.658  1.000 17.624 0 118 VAL A C   1 ? 
ATOM   993  O  O   . VAL A 1 118 ? 6.334   7.027   -1.848  1.000 18.823 0 118 VAL A O   1 ? 
ATOM   994  C  CB  . VAL A 1 118 ? 7.620   9.121   -0.201  1.000 18.068 0 118 VAL A CB  1 ? 
ATOM   995  C  CG1 . VAL A 1 118 ? 7.474   10.436  0.529   1.000 19.776 0 118 VAL A CG1 1 ? 
ATOM   996  C  CG2 . VAL A 1 118 ? 9.039   8.592   -0.102  1.000 19.314 0 118 VAL A CG2 1 ? 
ATOM   997  N  N   . HIS A 1 119 ? 6.867   5.672   -0.151  1.000 15.734 0 119 HIS A N   1 ? 
ATOM   998  C  CA  A HIS A 1 119 ? 6.851   4.485   -0.994  0.350 16.577 0 119 HIS A CA  1 ? 
ATOM   999  C  CA  B HIS A 1 119 ? 6.901   4.478   -0.982  0.650 16.331 0 119 HIS A CA  1 ? 
ATOM   1000 C  C   . HIS A 1 119 ? 6.581   3.287   -0.092  1.000 15.426 0 119 HIS A C   1 ? 
ATOM   1001 O  O   . HIS A 1 119 ? 7.035   3.261   1.042   1.000 15.125 0 119 HIS A O   1 ? 
ATOM   1002 C  CB  A HIS A 1 119 ? 8.165   4.295   -1.780  0.350 18.353 0 119 HIS A CB  1 ? 
ATOM   1003 C  CB  B HIS A 1 119 ? 8.292   4.323   -1.626  0.650 17.929 0 119 HIS A CB  1 ? 
ATOM   1004 C  CG  A HIS A 1 119 ? 8.516   5.315   -2.835  0.350 20.924 0 119 HIS A CG  1 ? 
ATOM   1005 C  CG  B HIS A 1 119 ? 8.558   3.016   -2.310  0.650 20.173 0 119 HIS A CG  1 ? 
ATOM   1006 N  ND1 A HIS A 1 119 ? 7.721   5.662   -3.907  0.350 21.727 0 119 HIS A ND1 1 ? 
ATOM   1007 N  ND1 B HIS A 1 119 ? 7.953   2.673   -3.504  0.650 22.895 0 119 HIS A ND1 1 ? 
ATOM   1008 C  CD2 A HIS A 1 119 ? 9.638   6.060   -2.966  0.350 22.302 0 119 HIS A CD2 1 ? 
ATOM   1009 C  CD2 B HIS A 1 119 ? 9.336   1.965   -1.975  0.650 20.023 0 119 HIS A CD2 1 ? 
ATOM   1010 C  CE1 A HIS A 1 119 ? 8.333   6.589   -4.640  0.350 21.967 0 119 HIS A CE1 1 ? 
ATOM   1011 C  CE1 B HIS A 1 119 ? 8.376   1.478   -3.889  0.650 21.767 0 119 HIS A CE1 1 ? 
ATOM   1012 N  NE2 A HIS A 1 119 ? 9.496   6.845   -4.086  0.350 22.654 0 119 HIS A NE2 1 ? 
ATOM   1013 N  NE2 B HIS A 1 119 ? 9.173   1.023   -2.947  0.650 20.596 0 119 HIS A NE2 1 ? 
ATOM   1014 N  N   . PHE A 1 120 ? 5.750   2.344   -0.585  1.000 14.474 0 120 PHE A N   1 ? 
ATOM   1015 C  CA  . PHE A 1 120 ? 5.530   1.092   0.107   1.000 15.594 0 120 PHE A CA  1 ? 
ATOM   1016 C  C   . PHE A 1 120 ? 6.510   0.056   -0.444  1.000 15.680 0 120 PHE A C   1 ? 
ATOM   1017 O  O   . PHE A 1 120 ? 6.443   -0.274  -1.614  1.000 16.341 0 120 PHE A O   1 ? 
ATOM   1018 C  CB  . PHE A 1 120 ? 4.076   0.637   -0.046  1.000 15.712 0 120 PHE A CB  1 ? 
ATOM   1019 C  CG  . PHE A 1 120 ? 3.685   -0.478  0.878   1.000 15.379 0 120 PHE A CG  1 ? 
ATOM   1020 C  CD1 . PHE A 1 120 ? 3.989   -1.788  0.558   1.000 16.095 0 120 PHE A CD1 1 ? 
ATOM   1021 C  CD2 . PHE A 1 120 ? 3.009   -0.202  2.042   1.000 15.472 0 120 PHE A CD2 1 ? 
ATOM   1022 C  CE1 . PHE A 1 120 ? 3.655   -2.811  1.421   1.000 15.714 0 120 PHE A CE1 1 ? 
ATOM   1023 C  CE2 . PHE A 1 120 ? 2.714   -1.209  2.930   1.000 15.386 0 120 PHE A CE2 1 ? 
ATOM   1024 C  CZ  . PHE A 1 120 ? 2.966   -2.511  2.582   1.000 16.103 0 120 PHE A CZ  1 ? 
ATOM   1025 N  N   . ASP A 1 121 ? 7.376   -0.494  0.395   1.000 16.231 0 121 ASP A N   1 ? 
ATOM   1026 C  CA  . ASP A 1 121 ? 8.426   -1.378  -0.077  1.000 16.675 0 121 ASP A CA  1 ? 
ATOM   1027 C  C   . ASP A 1 121 ? 7.998   -2.842  -0.031  1.000 17.082 0 121 ASP A C   1 ? 
ATOM   1028 O  O   . ASP A 1 121 ? 8.270   -3.593  -0.987  1.000 17.572 0 121 ASP A O   1 ? 
ATOM   1029 C  CB  . ASP A 1 121 ? 9.730   -1.154  0.682   1.000 18.136 0 121 ASP A CB  1 ? 
ATOM   1030 C  CG  . ASP A 1 121 ? 10.950  -1.581  -0.115  1.000 22.000 0 121 ASP A CG  1 ? 
ATOM   1031 O  OD1 . ASP A 1 121 ? 11.077  -1.138  -1.276  1.000 24.794 0 121 ASP A OD1 1 ? 
ATOM   1032 O  OD2 . ASP A 1 121 ? 11.719  -2.361  0.389   1.000 23.335 0 121 ASP A OD2 1 ? 
ATOM   1033 N  N   . ALA A 1 122 ? 7.350   -3.260  1.053   1.000 15.706 0 122 ALA A N   1 ? 
ATOM   1034 C  CA  . ALA A 1 122 ? 7.047   -4.666  1.284   1.000 16.554 0 122 ALA A CA  1 ? 
ATOM   1035 C  C   . ALA A 1 122 ? 6.196   -4.827  2.532   1.000 15.065 0 122 ALA A C   1 ? 
ATOM   1036 O  O   . ALA A 1 122 ? 6.210   -3.944  3.374   1.000 13.923 0 122 ALA A O   1 ? 
ATOM   1037 C  CB  . ALA A 1 122 ? 8.320   -5.464  1.466   1.000 16.973 0 122 ALA A CB  1 ? 
ATOM   1038 N  N   . SER A 1 123 ? 5.602   -6.018  2.685   1.000 15.363 0 123 SER A N   1 ? 
ATOM   1039 C  CA  . SER A 1 123 ? 5.094   -6.474  3.966   1.000 14.569 0 123 SER A CA  1 ? 
ATOM   1040 C  C   . SER A 1 123 ? 5.835   -7.723  4.408   1.000 15.998 0 123 SER A C   1 ? 
ATOM   1041 O  O   . SER A 1 123 ? 6.440   -8.437  3.593   1.000 18.194 0 123 SER A O   1 ? 
ATOM   1042 C  CB  . SER A 1 123 ? 3.620   -6.694  3.951   1.000 16.535 0 123 SER A CB  1 ? 
ATOM   1043 O  OG  . SER A 1 123 ? 3.208   -7.710  3.031   1.000 15.888 0 123 SER A OG  1 ? 
ATOM   1044 N  N   . VAL A 1 124 ? 5.794   -7.978  5.718   1.000 14.821 0 124 VAL A N   1 ? 
ATOM   1045 C  CA  . VAL A 1 124 ? 6.510   -9.126  6.273   1.000 16.159 0 124 VAL A CA  1 ? 
ATOM   1046 C  C   . VAL A 1 124 ? 5.570   -9.968  7.151   1.000 18.324 0 124 VAL A C   1 ? 
ATOM   1047 O  O   . VAL A 1 124 ? 5.083   -9.414  8.138   1.000 16.196 0 124 VAL A O   1 ? 
ATOM   1048 C  CB  . VAL A 1 124 ? 7.732   -8.689  7.093   1.000 19.754 0 124 VAL A CB  1 ? 
ATOM   1049 C  CG1 . VAL A 1 124 ? 8.437   -9.898  7.711   1.000 20.481 0 124 VAL A CG1 1 ? 
ATOM   1050 C  CG2 . VAL A 1 124 ? 8.697   -7.864  6.269   1.000 21.060 0 124 VAL A CG2 1 ? 
ATOM   1051 O  OXT . VAL A 1 124 ? 5.343   -11.160 6.819   1.000 18.308 0 124 VAL A OXT 1 ? 
HETATM 1052 C  C1  . VVU B 2 .   ? 3.961   -11.860 14.068  0.800 20.085 0 201 VVU A C1  1 ? 
HETATM 1053 C  C2  . VVU B 2 .   ? 2.451   -11.925 14.151  0.800 20.596 0 201 VVU A C2  1 ? 
HETATM 1054 C  C3  . VVU B 2 .   ? 6.475   -12.812 11.682  0.800 16.548 0 201 VVU A C3  1 ? 
HETATM 1055 C  C4  . VVU B 2 .   ? 6.412   -13.022 10.161  0.800 17.035 0 201 VVU A C4  1 ? 
HETATM 1056 C  C5  . VVU B 2 .   ? 6.302   -10.468 16.121  0.800 20.277 0 201 VVU A C5  1 ? 
HETATM 1057 C  C6  . VVU B 2 .   ? 5.890   -10.227 17.586  0.800 23.937 0 201 VVU A C6  1 ? 
HETATM 1058 C  C7  . VVU B 2 .   ? 9.082   -11.283 13.911  0.800 16.338 0 201 VVU A C7  1 ? 
HETATM 1059 O  O2  . VVU B 2 .   ? 4.597   -12.810 14.541  0.800 15.450 0 201 VVU A O2  1 ? 
HETATM 1060 O  O3  . VVU B 2 .   ? 8.452   -10.319 13.431  0.800 13.508 0 201 VVU A O3  1 ? 
HETATM 1061 O  O4  . VVU B 2 .   ? 8.588   -12.332 14.375  0.800 15.044 0 201 VVU A O4  1 ? 
HETATM 1062 RH RH1 . VVU B 2 .   ? 6.414   -10.502 13.486  0.800 13.677 0 201 VVU A RH1 1 ? 
HETATM 1063 RH RH2 . VVU B 2 .   ? 6.590   -12.658 14.486  0.800 16.001 0 201 VVU A RH2 1 ? 
HETATM 1064 O  O1  . VVU B 2 .   ? 4.478   -10.845 13.571  0.800 15.369 0 201 VVU A O1  1 ? 
HETATM 1065 O  O0  . VVU B 2 .   ? 6.357   -9.553  15.310  0.800 15.714 0 201 VVU A O0  1 ? 
HETATM 1066 O  O9  . VVU B 2 .   ? 6.493   -11.667 16.290  0.800 15.331 0 201 VVU A O9  1 ? 
HETATM 1067 O  O7  . VVU B 2 .   ? 6.419   -11.575 11.721  0.800 14.187 0 201 VVU A O7  1 ? 
HETATM 1068 O  O8  . VVU B 2 .   ? 6.549   -13.530 12.654  0.800 15.061 0 201 VVU A O8  1 ? 
HETATM 1069 C  C8  . VVU B 2 .   ? 10.622  -11.305 13.837  0.800 16.933 0 201 VVU A C8  1 ? 
HETATM 1070 RH RH3 B VW5 C 3 .   ? 6.729   5.597   -6.860  0.350 48.767 0 202 VW5 A RH3 1 ? 
HETATM 1071 RH RH4 B VW5 C 3 .   ? 7.513   4.184   -4.999  0.350 44.864 0 202 VW5 A RH4 1 ? 
HETATM 1072 O  O3  B VW5 C 3 .   ? 9.401   3.982   -5.906  0.350 36.562 0 202 VW5 A O3  1 ? 
HETATM 1073 O  O1  B VW5 C 3 .   ? 8.659   5.305   -7.637  0.350 43.272 0 202 VW5 A O1  1 ? 
HETATM 1074 O  O4  B VW5 C 3 .   ? 4.818   5.865   -6.024  0.350 42.918 0 202 VW5 A O4  1 ? 
HETATM 1075 O  O2  B VW5 C 3 .   ? 5.594   4.453   -4.167  0.350 33.154 0 202 VW5 A O2  1 ? 
HETATM 1076 C  C   . FMT D 4 .   ? 1.895   -9.025  -3.559  1.000 41.257 0 203 FMT A C   1 ? 
HETATM 1077 O  O1  . FMT D 4 .   ? 2.907   -8.990  -2.883  1.000 40.267 0 203 FMT A O1  1 ? 
HETATM 1078 O  O2  . FMT D 4 .   ? 1.051   -10.093 -3.715  1.000 30.006 0 203 FMT A O2  1 ? 
HETATM 1079 CL CL  . CL  E 5 .   ? 6.715   -15.048 15.563  0.800 24.411 0 204 CL  A CL  1 ? 
HETATM 1080 O  O   . HOH F 6 .   ? 2.219   -6.665  0.828   0.500 12.067 0 301 HOH A O   1 ? 
HETATM 1081 O  O   . HOH F 6 .   ? -1.637  -12.306 -19.165 1.000 64.392 0 302 HOH A O   1 ? 
HETATM 1082 O  O   . HOH F 6 .   ? -16.025 -13.243 -2.405  1.000 52.969 0 303 HOH A O   1 ? 
HETATM 1083 O  O   . HOH F 6 .   ? -12.424 7.709   -7.158  1.000 26.338 0 304 HOH A O   1 ? 
HETATM 1084 O  O   . HOH F 6 .   ? -14.680 -4.623  5.647   1.000 47.244 0 305 HOH A O   1 ? 
HETATM 1085 O  O   . HOH F 6 .   ? 3.976   -15.162 15.135  1.000 53.879 0 306 HOH A O   1 ? 
HETATM 1086 O  O   . HOH F 6 .   ? 12.374  -7.634  7.352   1.000 29.798 0 307 HOH A O   1 ? 
HETATM 1087 O  O   . HOH F 6 .   ? 11.260  4.162   -4.226  1.000 52.613 0 308 HOH A O   1 ? 
HETATM 1088 O  O   . HOH F 6 .   ? 14.708  4.507   13.882  1.000 49.696 0 309 HOH A O   1 ? 
HETATM 1089 O  O   . HOH F 6 .   ? 12.409  3.932   17.977  1.000 42.120 0 310 HOH A O   1 ? 
HETATM 1090 O  O   A HOH F 6 .   ? 1.768   -12.091 9.849   0.650 12.799 0 311 HOH A O   1 ? 
HETATM 1091 O  O   B HOH F 6 .   ? -0.139  -12.534 10.109  0.350 15.246 0 311 HOH A O   1 ? 
HETATM 1092 O  O   . HOH F 6 .   ? -5.443  -3.373  13.174  1.000 36.747 0 312 HOH A O   1 ? 
HETATM 1093 O  O   . HOH F 6 .   ? -8.871  -12.928 -13.716 1.000 46.524 0 313 HOH A O   1 ? 
HETATM 1094 O  O   . HOH F 6 .   ? 8.767   -8.073  -2.689  0.500 32.076 0 314 HOH A O   1 ? 
HETATM 1095 O  O   . HOH F 6 .   ? -4.151  12.830  -4.024  1.000 18.183 0 315 HOH A O   1 ? 
HETATM 1096 O  O   . HOH F 6 .   ? -4.476  2.371   13.659  1.000 20.330 0 316 HOH A O   1 ? 
HETATM 1097 O  O   . HOH F 6 .   ? -14.860 1.854   3.081   1.000 40.465 0 317 HOH A O   1 ? 
HETATM 1098 O  O   . HOH F 6 .   ? 7.121   15.894  3.909   1.000 28.207 0 318 HOH A O   1 ? 
HETATM 1099 O  O   . HOH F 6 .   ? 18.059  -1.253  12.271  1.000 44.446 0 319 HOH A O   1 ? 
HETATM 1100 O  O   . HOH F 6 .   ? 12.622  7.040   -1.365  1.000 42.365 0 320 HOH A O   1 ? 
HETATM 1101 O  O   . HOH F 6 .   ? -9.034  1.160   9.796   1.000 41.925 0 321 HOH A O   1 ? 
HETATM 1102 O  O   . HOH F 6 .   ? 2.508   9.571   13.818  1.000 31.114 0 322 HOH A O   1 ? 
HETATM 1103 O  O   . HOH F 6 .   ? -12.592 0.543   1.520   1.000 28.052 0 323 HOH A O   1 ? 
HETATM 1104 O  O   . HOH F 6 .   ? 13.438  8.319   11.837  1.000 32.214 0 324 HOH A O   1 ? 
HETATM 1105 O  O   . HOH F 6 .   ? 2.182   16.735  0.636   1.000 40.400 0 325 HOH A O   1 ? 
HETATM 1106 O  O   . HOH F 6 .   ? 4.782   8.296   -3.567  1.000 30.303 0 326 HOH A O   1 ? 
HETATM 1107 O  O   . HOH F 6 .   ? 16.580  9.426   5.160   1.000 37.628 0 327 HOH A O   1 ? 
HETATM 1108 O  O   . HOH F 6 .   ? -9.469  -13.725 -1.935  1.000 36.037 0 328 HOH A O   1 ? 
HETATM 1109 O  O   . HOH F 6 .   ? -6.614  -10.020 8.919   1.000 35.437 0 329 HOH A O   1 ? 
HETATM 1110 O  O   . HOH F 6 .   ? 2.488   9.878   3.109   1.000 20.260 0 330 HOH A O   1 ? 
HETATM 1111 O  O   . HOH F 6 .   ? 11.204  10.428  15.041  1.000 45.101 0 331 HOH A O   1 ? 
HETATM 1112 O  O   A HOH F 6 .   ? 2.571   -3.745  -2.371  0.500 13.506 0 332 HOH A O   1 ? 
HETATM 1113 O  O   B HOH F 6 .   ? 2.428   -1.917  -2.849  0.500 3.477  0 332 HOH A O   1 ? 
HETATM 1114 O  O   . HOH F 6 .   ? 13.064  -0.097  -2.777  1.000 28.617 0 333 HOH A O   1 ? 
HETATM 1115 O  O   . HOH F 6 .   ? 7.177   18.375  3.028   1.000 51.331 0 334 HOH A O   1 ? 
HETATM 1116 O  O   . HOH F 6 .   ? 2.555   -9.540  0.698   1.000 40.491 0 335 HOH A O   1 ? 
HETATM 1117 O  O   . HOH F 6 .   ? -10.507 -8.400  -5.940  1.000 26.316 0 336 HOH A O   1 ? 
HETATM 1118 O  O   . HOH F 6 .   ? 20.294  4.533   7.832   1.000 43.788 0 337 HOH A O   1 ? 
HETATM 1119 O  O   B HOH F 6 .   ? 5.618   -10.890 2.797   0.500 17.146 0 338 HOH A O   1 ? 
HETATM 1120 O  O   . HOH F 6 .   ? 7.504   9.274   12.433  1.000 23.992 0 339 HOH A O   1 ? 
HETATM 1121 O  O   . HOH F 6 .   ? -7.026  10.436  -8.777  1.000 24.883 0 340 HOH A O   1 ? 
HETATM 1122 O  O   . HOH F 6 .   ? 2.850   2.633   14.211  1.000 24.059 0 341 HOH A O   1 ? 
HETATM 1123 O  O   . HOH F 6 .   ? 10.794  -10.522 -1.433  1.000 45.396 0 342 HOH A O   1 ? 
HETATM 1124 O  O   . HOH F 6 .   ? -14.549 -5.361  1.798   1.000 28.395 0 343 HOH A O   1 ? 
HETATM 1125 O  O   . HOH F 6 .   ? 1.661   11.571  4.925   1.000 34.419 0 344 HOH A O   1 ? 
HETATM 1126 O  O   . HOH F 6 .   ? 9.489   -5.393  12.774  1.000 39.677 0 345 HOH A O   1 ? 
HETATM 1127 O  O   . HOH F 6 .   ? 7.824   13.945  1.796   1.000 29.515 0 346 HOH A O   1 ? 
HETATM 1128 O  O   . HOH F 6 .   ? -5.703  -15.519 -14.355 1.000 50.045 0 347 HOH A O   1 ? 
HETATM 1129 O  O   . HOH F 6 .   ? 3.229   5.596   -3.287  1.000 37.904 0 348 HOH A O   1 ? 
HETATM 1130 O  O   . HOH F 6 .   ? -8.850  3.517   -12.318 1.000 32.192 0 349 HOH A O   1 ? 
HETATM 1131 O  O   . HOH F 6 .   ? 9.795   -8.950  11.176  1.000 31.792 0 350 HOH A O   1 ? 
HETATM 1132 O  O   . HOH F 6 .   ? 3.774   -10.725 10.226  1.000 19.355 0 351 HOH A O   1 ? 
HETATM 1133 O  O   . HOH F 6 .   ? -1.254  20.579  -13.345 1.000 46.830 0 352 HOH A O   1 ? 
HETATM 1134 O  O   . HOH F 6 .   ? 2.543   19.907  -5.704  1.000 54.960 0 353 HOH A O   1 ? 
HETATM 1135 O  O   . HOH F 6 .   ? 7.600   -13.508 18.087  1.000 58.055 0 354 HOH A O   1 ? 
HETATM 1136 O  O   . HOH F 6 .   ? 20.209  2.788   11.478  1.000 50.346 0 355 HOH A O   1 ? 
HETATM 1137 O  O   . HOH F 6 .   ? -3.730  12.097  -1.597  1.000 26.532 0 356 HOH A O   1 ? 
HETATM 1138 O  O   . HOH F 6 .   ? -4.058  5.999   15.866  1.000 49.755 0 357 HOH A O   1 ? 
HETATM 1139 O  O   . HOH F 6 .   ? 4.390   -0.582  14.851  1.000 16.546 0 358 HOH A O   1 ? 
HETATM 1140 O  O   . HOH F 6 .   ? 13.798  3.978   15.932  1.000 43.202 0 359 HOH A O   1 ? 
HETATM 1141 O  O   . HOH F 6 .   ? -3.289  -10.986 -3.122  1.000 17.740 0 360 HOH A O   1 ? 
HETATM 1142 O  O   . HOH F 6 .   ? 15.697  -4.753  16.220  1.000 48.913 0 361 HOH A O   1 ? 
HETATM 1143 O  O   . HOH F 6 .   ? -12.613 5.582   -10.039 1.000 41.723 0 362 HOH A O   1 ? 
HETATM 1144 O  O   . HOH F 6 .   ? 0.710   6.682   16.237  1.000 52.498 0 363 HOH A O   1 ? 
HETATM 1145 O  O   . HOH F 6 .   ? 3.288   -12.923 7.732   1.000 23.630 0 364 HOH A O   1 ? 
HETATM 1146 O  O   . HOH F 6 .   ? -4.488  -18.147 -1.617  1.000 27.827 0 365 HOH A O   1 ? 
HETATM 1147 O  O   . HOH F 6 .   ? -18.558 -10.461 2.991   1.000 56.728 0 366 HOH A O   1 ? 
HETATM 1148 O  O   A HOH F 6 .   ? 4.499   2.965   -3.288  0.500 6.486  0 367 HOH A O   1 ? 
HETATM 1149 O  O   . HOH F 6 .   ? 16.961  -1.285  15.971  1.000 40.697 0 368 HOH A O   1 ? 
HETATM 1150 O  O   . HOH F 6 .   ? -10.069 -1.598  -13.608 1.000 44.632 0 369 HOH A O   1 ? 
HETATM 1151 O  O   . HOH F 6 .   ? -14.918 -1.944  8.828   1.000 46.843 0 370 HOH A O   1 ? 
HETATM 1152 O  O   . HOH F 6 .   ? -7.683  -2.392  11.452  1.000 36.724 0 371 HOH A O   1 ? 
HETATM 1153 O  O   . HOH F 6 .   ? -0.798  -10.134 14.498  1.000 29.914 0 372 HOH A O   1 ? 
HETATM 1154 O  O   . HOH F 6 .   ? -7.895  6.392   4.569   1.000 18.503 0 373 HOH A O   1 ? 
HETATM 1155 O  O   . HOH F 6 .   ? 6.940   15.407  -3.577  1.000 38.979 0 374 HOH A O   1 ? 
HETATM 1156 O  O   . HOH F 6 .   ? 15.195  9.963   3.039   1.000 45.921 0 375 HOH A O   1 ? 
HETATM 1157 O  O   . HOH F 6 .   ? -14.803 1.207   -8.030  1.000 45.391 0 376 HOH A O   1 ? 
HETATM 1158 O  O   . HOH F 6 .   ? 4.063   -13.411 17.439  1.000 51.905 0 377 HOH A O   1 ? 
HETATM 1159 O  O   . HOH F 6 .   ? 9.775   15.070  10.711  1.000 36.213 0 378 HOH A O   1 ? 
HETATM 1160 O  O   . HOH F 6 .   ? 1.797   0.344   15.395  1.000 32.785 0 379 HOH A O   1 ? 
HETATM 1161 O  O   . HOH F 6 .   ? -10.966 -10.774 -9.616  1.000 43.688 0 380 HOH A O   1 ? 
HETATM 1162 O  O   . HOH F 6 .   ? 14.570  13.344  3.432   1.000 33.081 0 381 HOH A O   1 ? 
HETATM 1163 O  O   . HOH F 6 .   ? -16.927 -12.478 -7.309  1.000 50.978 0 382 HOH A O   1 ? 
HETATM 1164 O  O   . HOH F 6 .   ? 19.028  6.755   5.532   1.000 51.543 0 383 HOH A O   1 ? 
HETATM 1165 O  O   . HOH F 6 .   ? 6.138   14.517  -0.425  1.000 25.824 0 384 HOH A O   1 ? 
HETATM 1166 O  O   . HOH F 6 .   ? -4.200  -1.166  15.634  1.000 42.081 0 385 HOH A O   1 ? 
HETATM 1167 O  O   . HOH F 6 .   ? -2.440  -6.319  13.285  1.000 20.221 0 386 HOH A O   1 ? 
HETATM 1168 O  O   . HOH F 6 .   ? 5.631   -7.780  0.197   1.000 26.707 0 387 HOH A O   1 ? 
HETATM 1169 O  O   . HOH F 6 .   ? -9.523  -12.743 -4.567  1.000 23.920 0 388 HOH A O   1 ? 
HETATM 1170 O  O   . HOH F 6 .   ? 9.563   17.958  2.326   1.000 41.752 0 389 HOH A O   1 ? 
HETATM 1171 O  O   . HOH F 6 .   ? 9.131   10.908  11.264  1.000 40.752 0 390 HOH A O   1 ? 
HETATM 1172 O  O   . HOH F 6 .   ? -12.185 1.452   10.406  1.000 51.739 0 391 HOH A O   1 ? 
HETATM 1173 O  O   . HOH F 6 .   ? -0.279  17.058  -3.349  1.000 24.525 0 392 HOH A O   1 ? 
HETATM 1174 O  O   . HOH F 6 .   ? -1.825  -3.279  -17.944 1.000 36.503 0 393 HOH A O   1 ? 
HETATM 1175 O  O   . HOH F 6 .   ? -6.532  8.147   9.381   1.000 28.987 0 394 HOH A O   1 ? 
HETATM 1176 O  O   . HOH F 6 .   ? 2.971   3.771   -8.946  1.000 47.497 0 395 HOH A O   1 ? 
HETATM 1177 O  O   . HOH F 6 .   ? 16.337  1.405   14.066  1.000 22.596 0 396 HOH A O   1 ? 
HETATM 1178 O  O   . HOH F 6 .   ? -4.494  9.805   11.932  1.000 21.127 0 397 HOH A O   1 ? 
HETATM 1179 O  O   . HOH F 6 .   ? -8.854  -12.234 1.732   1.000 21.172 0 398 HOH A O   1 ? 
HETATM 1180 O  O   . HOH F 6 .   ? -10.317 5.598   3.327   1.000 18.245 0 399 HOH A O   1 ? 
HETATM 1181 O  O   . HOH F 6 .   ? -0.858  0.048   14.108  1.000 41.431 0 400 HOH A O   1 ? 
HETATM 1182 O  O   . HOH F 6 .   ? -1.138  6.351   -9.822  1.000 28.825 0 401 HOH A O   1 ? 
HETATM 1183 O  O   . HOH F 6 .   ? 14.479  0.530   15.869  1.000 51.557 0 402 HOH A O   1 ? 
HETATM 1184 O  O   . HOH F 6 .   ? -9.987  -3.036  -11.314 1.000 36.612 0 403 HOH A O   1 ? 
HETATM 1185 O  O   . HOH F 6 .   ? 18.182  -6.583  13.588  1.000 49.301 0 404 HOH A O   1 ? 
HETATM 1186 O  O   . HOH F 6 .   ? -11.930 4.744   -0.431  1.000 31.275 0 405 HOH A O   1 ? 
HETATM 1187 O  O   . HOH F 6 .   ? -5.289  -18.506 -5.809  1.000 42.469 0 406 HOH A O   1 ? 
HETATM 1188 O  O   . HOH F 6 .   ? -0.524  14.632  8.042   1.000 38.921 0 407 HOH A O   1 ? 
HETATM 1189 O  O   . HOH F 6 .   ? -3.757  -14.859 -19.857 1.000 63.130 0 408 HOH A O   1 ? 
HETATM 1190 O  O   . HOH F 6 .   ? 11.625  10.514  12.464  1.000 56.551 0 409 HOH A O   1 ? 
HETATM 1191 O  O   . HOH F 6 .   ? -0.649  -12.291 12.323  1.000 47.800 0 410 HOH A O   1 ? 
HETATM 1192 O  O   . HOH F 6 .   ? 15.626  9.513   10.461  1.000 50.242 0 411 HOH A O   1 ? 
HETATM 1193 O  O   . HOH F 6 .   ? -11.321 -11.202 2.459   1.000 55.177 0 412 HOH A O   1 ? 
HETATM 1194 O  O   . HOH F 6 .   ? -1.113  -12.845 7.885   1.000 30.820 0 413 HOH A O   1 ? 
HETATM 1195 O  O   . HOH F 6 .   ? -14.234 4.486   9.606   1.000 45.746 0 414 HOH A O   1 ? 
HETATM 1196 O  O   . HOH F 6 .   ? 12.372  2.618   -1.869  1.000 38.813 0 415 HOH A O   1 ? 
HETATM 1197 O  O   . HOH F 6 .   ? -8.465  -16.152 -5.466  1.000 45.228 0 416 HOH A O   1 ? 
HETATM 1198 O  O   . HOH F 6 .   ? -16.537 4.709   6.311   1.000 40.746 0 417 HOH A O   1 ? 
HETATM 1199 O  O   . HOH F 6 .   ? 2.064   14.236  4.591   1.000 38.018 0 418 HOH A O   1 ? 
HETATM 1200 O  O   . HOH F 6 .   ? 5.169   12.626  10.707  1.000 42.642 0 419 HOH A O   1 ? 
HETATM 1201 O  O   . HOH F 6 .   ? 2.781   -14.469 11.483  1.000 49.503 0 420 HOH A O   1 ? 
HETATM 1202 O  O   . HOH F 6 .   ? -3.397  12.062  11.256  1.000 51.278 0 421 HOH A O   1 ? 
HETATM 1203 O  O   . HOH F 6 .   ? 3.826   14.735  9.668   1.000 49.279 0 422 HOH A O   1 ? 
HETATM 1204 O  O   . HOH F 6 .   ? -6.456  2.828   14.742  1.000 44.994 0 423 HOH A O   1 ? 
HETATM 1205 O  O   . HOH F 6 .   ? -10.055 -12.879 -11.385 1.000 47.437 0 424 HOH A O   1 ? 
HETATM 1206 O  O   . HOH F 6 .   ? -5.189  10.746  -10.581 1.000 53.953 0 425 HOH A O   1 ? 
HETATM 1207 O  O   . HOH F 6 .   ? 0.762   20.725  -11.819 1.000 47.027 0 426 HOH A O   1 ? 
HETATM 1208 O  O   . HOH F 6 .   ? 4.297   16.069  4.166   1.000 48.430 0 427 HOH A O   1 ? 
# 
